data_5Y7P
#
_entry.id   5Y7P
#
_cell.length_a   84.010
_cell.length_b   94.090
_cell.length_c   166.974
_cell.angle_alpha   90.00
_cell.angle_beta   90.64
_cell.angle_gamma   90.00
#
_symmetry.space_group_name_H-M   'P 1 21 1'
#
loop_
_entity.id
_entity.type
_entity.pdbx_description
1 polymer 'Bile salt hydrolase'
2 non-polymer 'GLYCOCHOLIC ACID'
3 non-polymer 'CHOLIC ACID'
4 non-polymer GLYCEROL
5 non-polymer 'PHOSPHATE ION'
6 non-polymer 1,2-ETHANEDIOL
7 non-polymer DI(HYDROXYETHYL)ETHER
8 water water
#
_entity_poly.entity_id   1
_entity_poly.type   'polypeptide(L)'
_entity_poly.pdbx_seq_one_letter_code
;M(OCS)TAITLNGNSNYFGRNLDLDFSYGEEVIITPAEYEFKFRKEKAIKNHKSLIGVGIVANDYPLYFDAINEDGLGMA
GLNFPGNAYYSDALENDKDNITPFEFIPWILGQCSDVNEARNLVEKINLINLSFSEQLPLAGLHWLIADREKSIVVEVTK
SGVHIYDNPIGILTNNPEFNYQMYNLNKYRNLSISTPQNTFSDSVDLKVDGTGFGGIGLPGDVSPESRFVRATFSKLNSS
KGMTVEEDITQFFHILGTVEQIKGVNKTESGKEEYTVYSNCYDLDNKTLYYTTYENRQIVAVTLNKDKDGNRLVTYPFER
KQIINKLNLERHHHHHH
;
_entity_poly.pdbx_strand_id   A,B,C,D,E,F,G,H
#
# COMPACT_ATOMS: atom_id res chain seq x y z
N THR A 3 -13.07 -19.56 -19.88
CA THR A 3 -11.71 -19.71 -20.40
C THR A 3 -11.42 -18.55 -21.34
N ALA A 4 -10.34 -17.80 -21.05
CA ALA A 4 -9.88 -16.72 -21.91
C ALA A 4 -8.52 -17.09 -22.48
N ILE A 5 -8.35 -16.89 -23.79
CA ILE A 5 -7.09 -17.20 -24.47
C ILE A 5 -6.63 -16.03 -25.34
N THR A 6 -5.37 -16.04 -25.72
CA THR A 6 -4.85 -15.19 -26.80
C THR A 6 -4.33 -16.09 -27.91
N LEU A 7 -4.08 -15.50 -29.06
CA LEU A 7 -3.45 -16.22 -30.18
C LEU A 7 -2.70 -15.22 -31.07
N ASN A 8 -1.50 -15.61 -31.47
CA ASN A 8 -0.68 -14.82 -32.40
C ASN A 8 -0.55 -15.58 -33.70
N GLY A 9 -1.13 -15.03 -34.77
CA GLY A 9 -1.07 -15.62 -36.11
C GLY A 9 -0.78 -14.56 -37.16
N ASN A 10 -1.63 -14.48 -38.18
CA ASN A 10 -1.51 -13.46 -39.23
C ASN A 10 -1.90 -12.10 -38.69
N SER A 11 -2.94 -12.07 -37.85
CA SER A 11 -3.21 -10.95 -36.95
C SER A 11 -2.98 -11.43 -35.51
N ASN A 12 -3.52 -10.71 -34.53
CA ASN A 12 -3.35 -11.07 -33.12
C ASN A 12 -4.71 -11.03 -32.42
N TYR A 13 -4.98 -12.07 -31.63
CA TYR A 13 -6.35 -12.35 -31.18
C TYR A 13 -6.45 -12.49 -29.66
N PHE A 14 -7.68 -12.35 -29.18
CA PHE A 14 -7.99 -12.37 -27.76
C PHE A 14 -9.48 -12.65 -27.64
N GLY A 15 -9.86 -13.51 -26.71
CA GLY A 15 -11.25 -13.93 -26.60
C GLY A 15 -11.49 -14.87 -25.45
N ARG A 16 -12.75 -15.28 -25.27
CA ARG A 16 -13.13 -16.12 -24.15
C ARG A 16 -14.41 -16.91 -24.36
N ASN A 17 -14.54 -18.00 -23.62
CA ASN A 17 -15.83 -18.66 -23.37
C ASN A 17 -16.42 -18.08 -22.10
N LEU A 18 -17.71 -17.74 -22.13
CA LEU A 18 -18.44 -17.40 -20.91
C LEU A 18 -19.26 -18.62 -20.48
N ASP A 19 -18.87 -19.22 -19.36
CA ASP A 19 -19.54 -20.40 -18.82
C ASP A 19 -20.42 -20.01 -17.64
N LEU A 20 -21.71 -20.28 -17.78
CA LEU A 20 -22.69 -19.92 -16.76
C LEU A 20 -23.94 -20.80 -16.91
N ASP A 21 -24.73 -20.90 -15.84
CA ASP A 21 -25.96 -21.71 -15.84
C ASP A 21 -27.23 -20.93 -16.24
N PHE A 22 -27.05 -19.72 -16.75
CA PHE A 22 -28.13 -18.92 -17.35
C PHE A 22 -27.53 -17.82 -18.22
N SER A 23 -28.39 -17.10 -18.93
CA SER A 23 -27.97 -15.98 -19.78
C SER A 23 -28.48 -14.67 -19.20
N TYR A 24 -27.62 -13.65 -19.19
CA TYR A 24 -28.01 -12.28 -18.79
C TYR A 24 -28.72 -11.49 -19.90
N GLY A 25 -28.86 -12.08 -21.09
CA GLY A 25 -29.32 -11.32 -22.26
C GLY A 25 -28.18 -10.48 -22.78
N GLU A 26 -27.05 -11.15 -23.04
CA GLU A 26 -25.80 -10.52 -23.46
C GLU A 26 -25.96 -9.83 -24.81
N GLU A 27 -25.14 -8.81 -25.04
CA GLU A 27 -25.17 -8.06 -26.29
C GLU A 27 -23.82 -7.42 -26.60
N VAL A 28 -23.62 -7.10 -27.87
CA VAL A 28 -22.47 -6.31 -28.30
C VAL A 28 -22.73 -4.88 -27.81
N ILE A 29 -21.76 -4.29 -27.13
CA ILE A 29 -21.85 -2.89 -26.69
C ILE A 29 -20.64 -2.14 -27.23
N ILE A 30 -20.90 -1.09 -28.01
CA ILE A 30 -19.87 -0.14 -28.45
C ILE A 30 -19.99 1.10 -27.60
N THR A 31 -18.92 1.46 -26.90
CA THR A 31 -18.85 2.72 -26.15
C THR A 31 -18.00 3.69 -26.97
N PRO A 32 -18.60 4.80 -27.46
CA PRO A 32 -17.81 5.77 -28.22
C PRO A 32 -16.91 6.61 -27.32
N ALA A 33 -15.94 7.30 -27.95
CA ALA A 33 -14.96 8.12 -27.24
C ALA A 33 -15.53 9.11 -26.23
N GLU A 34 -16.68 9.71 -26.56
CA GLU A 34 -17.27 10.77 -25.75
C GLU A 34 -18.49 10.37 -24.92
N TYR A 35 -18.72 9.07 -24.75
CA TYR A 35 -19.65 8.59 -23.72
C TYR A 35 -19.00 8.88 -22.37
N GLU A 36 -19.67 9.67 -21.53
CA GLU A 36 -19.14 10.04 -20.21
C GLU A 36 -19.14 8.85 -19.26
N PHE A 37 -17.96 8.34 -18.94
CA PHE A 37 -17.81 7.30 -17.91
C PHE A 37 -17.92 7.92 -16.53
N LYS A 38 -18.97 7.57 -15.79
CA LYS A 38 -19.13 8.00 -14.40
C LYS A 38 -18.59 6.94 -13.46
N PHE A 39 -18.05 7.40 -12.33
CA PHE A 39 -17.48 6.53 -11.31
C PHE A 39 -18.10 6.88 -9.97
N ARG A 40 -18.36 5.86 -9.15
CA ARG A 40 -19.02 6.03 -7.85
C ARG A 40 -18.21 6.92 -6.90
N LYS A 41 -16.90 6.73 -6.89
CA LYS A 41 -16.00 7.40 -5.95
C LYS A 41 -14.88 8.24 -6.59
N GLU A 42 -14.93 8.43 -7.91
CA GLU A 42 -13.95 9.25 -8.62
C GLU A 42 -14.62 10.15 -9.65
N LYS A 43 -13.86 11.08 -10.19
CA LYS A 43 -14.34 12.07 -11.15
C LYS A 43 -14.65 11.43 -12.51
N ALA A 44 -15.70 11.92 -13.16
CA ALA A 44 -16.13 11.42 -14.47
C ALA A 44 -15.10 11.70 -15.55
N ILE A 45 -14.99 10.78 -16.52
CA ILE A 45 -14.11 10.94 -17.68
C ILE A 45 -14.99 11.11 -18.91
N LYS A 46 -14.96 12.29 -19.51
CA LYS A 46 -15.83 12.66 -20.62
C LYS A 46 -15.25 12.33 -22.00
N ASN A 47 -13.93 12.21 -22.10
CA ASN A 47 -13.26 11.89 -23.36
C ASN A 47 -12.20 10.82 -23.11
N HIS A 48 -12.27 9.73 -23.89
CA HIS A 48 -11.47 8.54 -23.65
C HIS A 48 -11.40 7.70 -24.92
N LYS A 49 -10.75 6.54 -24.85
CA LYS A 49 -10.68 5.60 -25.98
C LYS A 49 -12.01 4.87 -26.14
N SER A 50 -12.40 4.61 -27.39
CA SER A 50 -13.64 3.90 -27.69
C SER A 50 -13.47 2.40 -27.47
N LEU A 51 -14.51 1.76 -26.93
CA LEU A 51 -14.50 0.32 -26.65
C LEU A 51 -15.52 -0.41 -27.53
N ILE A 52 -15.22 -1.68 -27.84
CA ILE A 52 -16.23 -2.64 -28.30
C ILE A 52 -16.07 -3.90 -27.45
N GLY A 53 -17.20 -4.47 -27.03
CA GLY A 53 -17.17 -5.68 -26.23
C GLY A 53 -18.52 -6.31 -26.02
N VAL A 54 -18.56 -7.31 -25.14
CA VAL A 54 -19.78 -8.06 -24.84
C VAL A 54 -20.16 -7.82 -23.38
N GLY A 55 -21.46 -7.66 -23.14
CA GLY A 55 -21.97 -7.46 -21.79
C GLY A 55 -23.46 -7.14 -21.78
N ILE A 56 -23.89 -6.44 -20.74
CA ILE A 56 -25.26 -5.89 -20.67
C ILE A 56 -25.20 -4.41 -20.30
N VAL A 57 -26.19 -3.65 -20.74
CA VAL A 57 -26.36 -2.26 -20.34
C VAL A 57 -27.36 -2.21 -19.18
N ALA A 58 -26.99 -1.55 -18.09
CA ALA A 58 -27.89 -1.32 -16.95
C ALA A 58 -27.76 0.13 -16.49
N ASN A 59 -28.89 0.81 -16.30
CA ASN A 59 -28.95 2.25 -15.99
C ASN A 59 -28.07 3.09 -16.93
N ASP A 60 -28.13 2.77 -18.23
CA ASP A 60 -27.31 3.42 -19.26
C ASP A 60 -25.79 3.27 -19.04
N TYR A 61 -25.36 2.21 -18.34
CA TYR A 61 -23.95 1.94 -18.06
C TYR A 61 -23.53 0.63 -18.71
N PRO A 62 -22.42 0.63 -19.47
CA PRO A 62 -21.99 -0.60 -20.12
C PRO A 62 -21.25 -1.53 -19.17
N LEU A 63 -21.92 -2.62 -18.75
CA LEU A 63 -21.33 -3.60 -17.86
C LEU A 63 -20.65 -4.70 -18.67
N TYR A 64 -19.39 -4.46 -19.02
CA TYR A 64 -18.64 -5.36 -19.90
C TYR A 64 -18.22 -6.66 -19.22
N PHE A 65 -18.49 -7.78 -19.88
CA PHE A 65 -17.97 -9.08 -19.49
C PHE A 65 -16.52 -9.13 -19.96
N ASP A 66 -16.33 -8.72 -21.22
CA ASP A 66 -15.01 -8.55 -21.82
C ASP A 66 -15.10 -7.50 -22.93
N ALA A 67 -13.98 -6.86 -23.25
CA ALA A 67 -13.96 -5.83 -24.29
C ALA A 67 -12.55 -5.58 -24.80
N ILE A 68 -12.47 -4.87 -25.92
CA ILE A 68 -11.22 -4.28 -26.40
C ILE A 68 -11.45 -2.79 -26.62
N ASN A 69 -10.35 -2.05 -26.78
CA ASN A 69 -10.42 -0.62 -27.10
C ASN A 69 -9.93 -0.35 -28.53
N GLU A 70 -9.95 0.92 -28.93
CA GLU A 70 -9.51 1.34 -30.26
C GLU A 70 -8.03 1.07 -30.60
N ASP A 71 -7.19 0.86 -29.59
CA ASP A 71 -5.77 0.52 -29.78
C ASP A 71 -5.48 -0.98 -29.81
N GLY A 72 -6.51 -1.82 -29.68
CA GLY A 72 -6.33 -3.27 -29.67
C GLY A 72 -5.84 -3.83 -28.34
N LEU A 73 -6.11 -3.12 -27.24
CA LEU A 73 -5.88 -3.64 -25.89
C LEU A 73 -7.18 -4.25 -25.41
N GLY A 74 -7.12 -5.51 -24.96
CA GLY A 74 -8.29 -6.25 -24.48
C GLY A 74 -8.25 -6.49 -22.99
N MET A 75 -9.43 -6.78 -22.42
CA MET A 75 -9.57 -7.10 -21.00
C MET A 75 -10.83 -7.92 -20.78
N ALA A 76 -10.70 -9.03 -20.05
CA ALA A 76 -11.83 -9.93 -19.75
C ALA A 76 -11.86 -10.29 -18.28
N GLY A 77 -13.04 -10.19 -17.66
CA GLY A 77 -13.25 -10.59 -16.27
C GLY A 77 -13.80 -12.00 -16.20
N LEU A 78 -13.09 -12.87 -15.49
CA LEU A 78 -13.45 -14.29 -15.35
C LEU A 78 -13.80 -14.57 -13.89
N ASN A 79 -14.67 -15.56 -13.67
CA ASN A 79 -15.11 -15.92 -12.31
C ASN A 79 -13.93 -16.37 -11.46
N PHE A 80 -13.88 -15.86 -10.23
CA PHE A 80 -12.75 -16.07 -9.32
C PHE A 80 -13.32 -16.16 -7.90
N PRO A 81 -14.21 -17.15 -7.65
CA PRO A 81 -15.03 -17.15 -6.43
C PRO A 81 -14.22 -17.42 -5.16
N GLY A 82 -14.38 -16.55 -4.17
CA GLY A 82 -13.74 -16.70 -2.86
C GLY A 82 -12.35 -16.09 -2.72
N ASN A 83 -11.59 -16.04 -3.81
CA ASN A 83 -10.21 -15.53 -3.79
C ASN A 83 -10.12 -14.02 -4.00
N ALA A 84 -11.06 -13.44 -4.73
CA ALA A 84 -11.10 -11.98 -4.93
C ALA A 84 -11.41 -11.27 -3.63
N TYR A 85 -10.61 -10.24 -3.33
CA TYR A 85 -10.84 -9.37 -2.17
C TYR A 85 -10.91 -7.93 -2.65
N TYR A 86 -12.07 -7.30 -2.49
CA TYR A 86 -12.23 -5.88 -2.77
C TYR A 86 -12.24 -5.12 -1.45
N SER A 87 -11.59 -3.96 -1.44
CA SER A 87 -11.37 -3.20 -0.21
C SER A 87 -12.65 -2.51 0.27
N ASP A 88 -12.86 -2.50 1.58
CA ASP A 88 -13.98 -1.79 2.19
C ASP A 88 -13.64 -0.34 2.57
N ALA A 89 -12.37 0.06 2.40
CA ALA A 89 -11.91 1.41 2.72
C ALA A 89 -11.46 2.16 1.48
N LEU A 90 -11.78 3.46 1.42
CA LEU A 90 -11.30 4.35 0.38
C LEU A 90 -9.90 4.85 0.74
N GLU A 91 -9.04 4.94 -0.28
CA GLU A 91 -7.70 5.52 -0.12
C GLU A 91 -7.70 6.96 -0.62
N ASN A 92 -7.07 7.84 0.16
CA ASN A 92 -6.96 9.27 -0.20
C ASN A 92 -5.99 9.53 -1.35
N ASP A 93 -4.99 8.65 -1.53
CA ASP A 93 -3.94 8.83 -2.53
C ASP A 93 -4.00 7.83 -3.70
N LYS A 94 -5.09 7.08 -3.80
CA LYS A 94 -5.30 6.14 -4.91
C LYS A 94 -6.70 6.30 -5.49
N ASP A 95 -6.84 5.96 -6.76
CA ASP A 95 -8.15 5.93 -7.42
C ASP A 95 -8.97 4.75 -6.91
N ASN A 96 -10.12 5.07 -6.33
CA ASN A 96 -11.04 4.09 -5.75
C ASN A 96 -12.06 3.68 -6.80
N ILE A 97 -11.85 2.51 -7.39
CA ILE A 97 -12.59 2.05 -8.57
C ILE A 97 -13.31 0.75 -8.22
N THR A 98 -14.55 0.61 -8.66
CA THR A 98 -15.32 -0.61 -8.41
C THR A 98 -14.95 -1.66 -9.46
N PRO A 99 -15.21 -2.96 -9.20
CA PRO A 99 -14.94 -3.99 -10.20
C PRO A 99 -15.66 -3.83 -11.54
N PHE A 100 -16.92 -3.39 -11.50
CA PHE A 100 -17.68 -3.10 -12.73
C PHE A 100 -17.18 -1.86 -13.51
N GLU A 101 -16.45 -0.98 -12.82
CA GLU A 101 -15.78 0.17 -13.45
C GLU A 101 -14.36 -0.13 -13.95
N PHE A 102 -13.85 -1.32 -13.68
CA PHE A 102 -12.43 -1.64 -13.90
C PHE A 102 -12.07 -1.74 -15.39
N ILE A 103 -12.94 -2.36 -16.18
CA ILE A 103 -12.73 -2.47 -17.64
C ILE A 103 -12.74 -1.09 -18.34
N PRO A 104 -13.76 -0.24 -18.05
CA PRO A 104 -13.73 1.14 -18.57
C PRO A 104 -12.52 1.96 -18.10
N TRP A 105 -12.17 1.82 -16.82
CA TRP A 105 -11.02 2.52 -16.22
C TRP A 105 -9.71 2.20 -16.95
N ILE A 106 -9.48 0.92 -17.24
CA ILE A 106 -8.25 0.48 -17.92
C ILE A 106 -8.33 0.73 -19.43
N LEU A 107 -9.31 0.11 -20.08
CA LEU A 107 -9.42 0.18 -21.55
C LEU A 107 -9.75 1.57 -22.10
N GLY A 108 -10.37 2.40 -21.29
CA GLY A 108 -10.64 3.79 -21.66
C GLY A 108 -9.40 4.66 -21.77
N GLN A 109 -8.35 4.32 -21.00
CA GLN A 109 -7.16 5.18 -20.85
C GLN A 109 -5.84 4.57 -21.34
N CYS A 110 -5.75 3.23 -21.42
CA CYS A 110 -4.49 2.54 -21.69
C CYS A 110 -4.42 2.00 -23.11
N SER A 111 -3.29 2.21 -23.77
CA SER A 111 -3.07 1.78 -25.16
C SER A 111 -2.42 0.40 -25.30
N ASP A 112 -1.67 -0.02 -24.28
CA ASP A 112 -0.99 -1.32 -24.28
C ASP A 112 -0.94 -1.93 -22.88
N VAL A 113 -0.36 -3.13 -22.77
CA VAL A 113 -0.26 -3.86 -21.50
C VAL A 113 0.64 -3.16 -20.46
N ASN A 114 1.75 -2.57 -20.92
CA ASN A 114 2.65 -1.82 -20.02
C ASN A 114 1.96 -0.64 -19.32
N GLU A 115 1.13 0.08 -20.07
CA GLU A 115 0.32 1.17 -19.50
C GLU A 115 -0.78 0.65 -18.57
N ALA A 116 -1.39 -0.47 -18.94
CA ALA A 116 -2.40 -1.13 -18.09
C ALA A 116 -1.80 -1.58 -16.77
N ARG A 117 -0.63 -2.20 -16.80
CA ARG A 117 0.07 -2.64 -15.58
C ARG A 117 0.32 -1.48 -14.62
N ASN A 118 0.90 -0.40 -15.14
CA ASN A 118 1.21 0.78 -14.32
C ASN A 118 -0.03 1.38 -13.65
N LEU A 119 -1.16 1.34 -14.36
CA LEU A 119 -2.44 1.81 -13.80
C LEU A 119 -3.03 0.81 -12.80
N VAL A 120 -2.94 -0.49 -13.10
CA VAL A 120 -3.43 -1.54 -12.20
C VAL A 120 -2.63 -1.63 -10.90
N GLU A 121 -1.32 -1.42 -10.97
CA GLU A 121 -0.45 -1.38 -9.77
C GLU A 121 -0.96 -0.42 -8.69
N LYS A 122 -1.48 0.73 -9.12
CA LYS A 122 -1.86 1.83 -8.23
C LYS A 122 -3.37 1.92 -7.91
N ILE A 123 -4.16 0.96 -8.37
CA ILE A 123 -5.61 0.99 -8.17
C ILE A 123 -5.99 0.53 -6.77
N ASN A 124 -7.13 1.01 -6.27
CA ASN A 124 -7.78 0.46 -5.09
C ASN A 124 -9.15 -0.04 -5.52
N LEU A 125 -9.26 -1.35 -5.75
CA LEU A 125 -10.55 -1.97 -6.07
C LEU A 125 -11.42 -1.99 -4.82
N ILE A 126 -12.56 -1.31 -4.88
CA ILE A 126 -13.44 -1.13 -3.72
C ILE A 126 -14.65 -2.05 -3.76
N ASN A 127 -15.13 -2.43 -2.58
CA ASN A 127 -16.23 -3.39 -2.43
C ASN A 127 -17.57 -2.64 -2.48
N LEU A 128 -17.93 -2.23 -3.70
CA LEU A 128 -19.18 -1.52 -3.97
C LEU A 128 -19.93 -2.22 -5.10
N SER A 129 -21.15 -2.66 -4.83
CA SER A 129 -21.99 -3.30 -5.85
C SER A 129 -22.57 -2.26 -6.80
N PHE A 130 -22.86 -2.71 -8.03
CA PHE A 130 -23.51 -1.87 -9.03
C PHE A 130 -24.91 -1.49 -8.56
N SER A 131 -25.68 -2.48 -8.12
CA SER A 131 -27.04 -2.28 -7.63
C SER A 131 -27.50 -3.48 -6.82
N GLU A 132 -28.70 -3.38 -6.25
CA GLU A 132 -29.32 -4.50 -5.54
C GLU A 132 -29.61 -5.69 -6.46
N GLN A 133 -30.06 -5.39 -7.68
CA GLN A 133 -30.34 -6.42 -8.69
C GLN A 133 -29.08 -7.14 -9.18
N LEU A 134 -27.97 -6.41 -9.29
CA LEU A 134 -26.72 -6.94 -9.85
C LEU A 134 -25.58 -6.82 -8.83
N PRO A 135 -25.52 -7.75 -7.85
CA PRO A 135 -24.48 -7.69 -6.83
C PRO A 135 -23.12 -8.14 -7.34
N LEU A 136 -22.07 -7.80 -6.58
CA LEU A 136 -20.70 -8.19 -6.94
C LEU A 136 -20.49 -9.69 -6.82
N ALA A 137 -19.67 -10.23 -7.72
CA ALA A 137 -19.13 -11.58 -7.61
C ALA A 137 -17.64 -11.49 -7.89
N GLY A 138 -16.85 -12.31 -7.18
CA GLY A 138 -15.39 -12.26 -7.26
C GLY A 138 -14.86 -12.56 -8.66
N LEU A 139 -14.00 -11.68 -9.17
CA LEU A 139 -13.41 -11.82 -10.49
C LEU A 139 -11.88 -11.71 -10.48
N HIS A 140 -11.28 -12.27 -11.52
CA HIS A 140 -9.89 -11.99 -11.91
C HIS A 140 -9.83 -11.74 -13.41
N TRP A 141 -8.80 -11.04 -13.86
CA TRP A 141 -8.76 -10.47 -15.21
C TRP A 141 -7.56 -10.90 -16.02
N LEU A 142 -7.79 -11.18 -17.31
CA LEU A 142 -6.73 -11.28 -18.31
C LEU A 142 -6.74 -9.98 -19.11
N ILE A 143 -5.58 -9.33 -19.21
CA ILE A 143 -5.39 -8.12 -20.02
C ILE A 143 -4.37 -8.46 -21.10
N ALA A 144 -4.73 -8.24 -22.36
CA ALA A 144 -3.91 -8.65 -23.50
C ALA A 144 -3.86 -7.59 -24.60
N ASP A 145 -2.66 -7.38 -25.17
CA ASP A 145 -2.49 -6.64 -26.42
C ASP A 145 -1.92 -7.60 -27.48
N ARG A 146 -1.52 -7.06 -28.63
CA ARG A 146 -0.95 -7.87 -29.71
C ARG A 146 0.37 -8.58 -29.39
N GLU A 147 1.12 -8.05 -28.42
CA GLU A 147 2.44 -8.57 -28.05
C GLU A 147 2.38 -9.60 -26.91
N LYS A 148 1.68 -9.26 -25.84
CA LYS A 148 1.72 -10.05 -24.60
C LYS A 148 0.44 -9.89 -23.79
N SER A 149 0.37 -10.61 -22.67
CA SER A 149 -0.78 -10.54 -21.77
C SER A 149 -0.38 -10.69 -20.31
N ILE A 150 -1.18 -10.10 -19.42
CA ILE A 150 -0.98 -10.19 -17.97
C ILE A 150 -2.25 -10.66 -17.27
N VAL A 151 -2.06 -11.21 -16.08
CA VAL A 151 -3.16 -11.67 -15.23
C VAL A 151 -3.21 -10.79 -13.99
N VAL A 152 -4.41 -10.29 -13.66
CA VAL A 152 -4.61 -9.46 -12.46
C VAL A 152 -5.50 -10.23 -11.48
N GLU A 153 -4.98 -10.48 -10.29
CA GLU A 153 -5.71 -11.14 -9.20
C GLU A 153 -5.56 -10.34 -7.92
N VAL A 154 -6.63 -9.65 -7.52
CA VAL A 154 -6.63 -8.82 -6.31
C VAL A 154 -7.20 -9.64 -5.16
N THR A 155 -6.31 -10.08 -4.27
CA THR A 155 -6.64 -10.98 -3.17
C THR A 155 -6.39 -10.26 -1.84
N LYS A 156 -6.45 -11.00 -0.73
CA LYS A 156 -6.23 -10.41 0.61
C LYS A 156 -4.78 -9.94 0.76
N SER A 157 -3.85 -10.65 0.14
CA SER A 157 -2.43 -10.28 0.15
C SER A 157 -2.08 -9.08 -0.74
N GLY A 158 -2.99 -8.68 -1.63
CA GLY A 158 -2.85 -7.43 -2.39
C GLY A 158 -3.13 -7.59 -3.88
N VAL A 159 -2.67 -6.61 -4.66
CA VAL A 159 -2.85 -6.57 -6.10
C VAL A 159 -1.70 -7.35 -6.75
N HIS A 160 -2.01 -8.52 -7.29
CA HIS A 160 -1.01 -9.38 -7.94
C HIS A 160 -1.15 -9.33 -9.45
N ILE A 161 -0.08 -8.93 -10.12
CA ILE A 161 -0.01 -8.87 -11.58
C ILE A 161 1.04 -9.88 -12.03
N TYR A 162 0.63 -10.81 -12.89
CA TYR A 162 1.51 -11.86 -13.41
C TYR A 162 1.67 -11.69 -14.92
N ASP A 163 2.92 -11.77 -15.40
CA ASP A 163 3.17 -12.00 -16.82
C ASP A 163 2.61 -13.38 -17.15
N ASN A 164 1.79 -13.44 -18.20
CA ASN A 164 1.16 -14.68 -18.64
C ASN A 164 1.95 -15.18 -19.87
N PRO A 165 2.85 -16.17 -19.67
CA PRO A 165 3.68 -16.62 -20.80
C PRO A 165 2.96 -17.44 -21.87
N ILE A 166 1.75 -17.91 -21.57
CA ILE A 166 0.99 -18.79 -22.48
C ILE A 166 -0.32 -18.20 -23.01
N GLY A 167 -0.78 -17.07 -22.45
CA GLY A 167 -2.04 -16.46 -22.85
C GLY A 167 -3.23 -17.36 -22.64
N ILE A 168 -3.36 -17.87 -21.41
CA ILE A 168 -4.45 -18.75 -21.00
C ILE A 168 -4.92 -18.31 -19.62
N LEU A 169 -6.23 -18.36 -19.37
CA LEU A 169 -6.78 -18.13 -18.04
C LEU A 169 -8.17 -18.76 -17.91
N THR A 170 -8.43 -19.39 -16.77
CA THR A 170 -9.74 -19.95 -16.46
C THR A 170 -10.24 -19.34 -15.14
N ASN A 171 -10.44 -20.15 -14.10
CA ASN A 171 -11.01 -19.69 -12.83
C ASN A 171 -10.00 -20.03 -11.71
N ASN A 172 -10.48 -20.51 -10.56
CA ASN A 172 -9.59 -20.94 -9.47
C ASN A 172 -8.81 -22.21 -9.85
N PRO A 173 -7.63 -22.43 -9.25
CA PRO A 173 -6.95 -21.63 -8.23
C PRO A 173 -6.24 -20.39 -8.78
N GLU A 174 -5.47 -19.72 -7.92
CA GLU A 174 -4.64 -18.56 -8.30
C GLU A 174 -3.63 -18.94 -9.39
N PHE A 175 -3.10 -17.94 -10.09
CA PHE A 175 -2.40 -18.15 -11.36
C PHE A 175 -1.10 -18.96 -11.24
N ASN A 176 -0.35 -18.75 -10.16
CA ASN A 176 0.87 -19.54 -9.90
C ASN A 176 0.58 -21.03 -9.68
N TYR A 177 -0.60 -21.35 -9.15
CA TYR A 177 -1.04 -22.75 -8.99
C TYR A 177 -1.42 -23.36 -10.34
N GLN A 178 -2.11 -22.59 -11.18
CA GLN A 178 -2.48 -23.01 -12.54
C GLN A 178 -1.24 -23.28 -13.40
N MET A 179 -0.27 -22.37 -13.35
CA MET A 179 0.99 -22.52 -14.09
C MET A 179 1.84 -23.68 -13.57
N TYR A 180 1.89 -23.85 -12.25
CA TYR A 180 2.59 -24.99 -11.66
C TYR A 180 1.96 -26.32 -12.05
N ASN A 181 0.63 -26.37 -12.10
CA ASN A 181 -0.13 -27.59 -12.47
C ASN A 181 0.25 -28.15 -13.85
N LEU A 182 0.70 -27.29 -14.77
CA LEU A 182 1.16 -27.72 -16.10
C LEU A 182 2.40 -28.62 -16.08
N ASN A 183 3.25 -28.47 -15.07
CA ASN A 183 4.55 -29.17 -15.01
C ASN A 183 4.46 -30.70 -15.08
N LYS A 184 3.41 -31.26 -14.47
CA LYS A 184 3.20 -32.72 -14.49
C LYS A 184 2.79 -33.29 -15.86
N TYR A 185 2.38 -32.42 -16.80
CA TYR A 185 1.97 -32.82 -18.14
C TYR A 185 3.05 -32.65 -19.23
N ARG A 186 4.31 -32.46 -18.83
CA ARG A 186 5.42 -32.31 -19.80
C ARG A 186 5.55 -33.49 -20.78
N ASN A 187 5.14 -34.67 -20.32
CA ASN A 187 5.24 -35.91 -21.10
C ASN A 187 4.25 -36.03 -22.27
N LEU A 188 3.16 -35.25 -22.24
CA LEU A 188 2.14 -35.31 -23.30
C LEU A 188 2.74 -34.89 -24.65
N SER A 189 2.16 -35.42 -25.73
CA SER A 189 2.71 -35.22 -27.08
C SER A 189 1.59 -35.15 -28.12
N ILE A 190 1.91 -34.53 -29.26
CA ILE A 190 1.00 -34.48 -30.41
C ILE A 190 1.20 -35.67 -31.35
N SER A 191 2.29 -36.42 -31.18
CA SER A 191 2.63 -37.57 -32.00
C SER A 191 2.63 -38.85 -31.17
N THR A 192 2.54 -39.99 -31.87
CA THR A 192 2.62 -41.31 -31.24
C THR A 192 3.98 -41.46 -30.54
N PRO A 193 4.00 -41.58 -29.20
CA PRO A 193 5.29 -41.66 -28.52
C PRO A 193 5.95 -43.03 -28.68
N GLN A 194 7.25 -43.08 -28.40
CA GLN A 194 7.98 -44.34 -28.34
C GLN A 194 7.62 -45.10 -27.06
N ASN A 195 7.75 -46.42 -27.11
CA ASN A 195 7.54 -47.28 -25.95
C ASN A 195 8.72 -47.12 -24.99
N THR A 196 8.57 -46.19 -24.06
CA THR A 196 9.51 -46.02 -22.95
C THR A 196 9.06 -46.76 -21.67
N PHE A 197 7.85 -47.32 -21.70
CA PHE A 197 7.31 -48.15 -20.60
C PHE A 197 8.27 -49.29 -20.29
N SER A 198 8.56 -50.09 -21.31
CA SER A 198 9.59 -51.12 -21.27
C SER A 198 9.74 -51.73 -22.66
N ASP A 199 10.98 -51.88 -23.12
CA ASP A 199 11.25 -52.60 -24.38
C ASP A 199 11.19 -54.14 -24.24
N SER A 200 10.94 -54.64 -23.02
CA SER A 200 10.71 -56.07 -22.78
C SER A 200 9.27 -56.54 -23.05
N VAL A 201 8.36 -55.60 -23.36
CA VAL A 201 6.99 -55.93 -23.78
C VAL A 201 6.68 -55.19 -25.08
N ASP A 202 6.01 -55.87 -25.99
CA ASP A 202 5.69 -55.32 -27.31
C ASP A 202 4.33 -54.65 -27.24
N LEU A 203 4.32 -53.37 -26.85
CA LEU A 203 3.09 -52.59 -26.76
C LEU A 203 2.68 -52.08 -28.14
N LYS A 204 1.42 -52.32 -28.51
CA LYS A 204 0.90 -51.99 -29.83
C LYS A 204 0.13 -50.68 -29.84
N VAL A 205 0.17 -49.99 -30.99
CA VAL A 205 -0.59 -48.77 -31.22
C VAL A 205 -1.59 -49.05 -32.35
N ASP A 206 -2.88 -49.04 -32.03
CA ASP A 206 -3.95 -49.38 -33.00
C ASP A 206 -4.78 -48.17 -33.44
N GLY A 207 -4.31 -46.96 -33.14
CA GLY A 207 -4.99 -45.74 -33.54
C GLY A 207 -4.10 -44.52 -33.33
N THR A 208 -4.49 -43.40 -33.92
CA THR A 208 -3.75 -42.14 -33.76
C THR A 208 -4.15 -41.46 -32.45
N GLY A 209 -3.36 -40.47 -32.03
CA GLY A 209 -3.66 -39.66 -30.84
C GLY A 209 -3.24 -40.23 -29.49
N PHE A 210 -2.38 -41.24 -29.48
CA PHE A 210 -1.88 -41.85 -28.23
C PHE A 210 -1.01 -40.90 -27.40
N GLY A 211 -0.31 -39.99 -28.07
CA GLY A 211 0.53 -38.99 -27.41
C GLY A 211 -0.17 -38.13 -26.38
N GLY A 212 -1.44 -37.83 -26.63
CA GLY A 212 -2.24 -37.01 -25.72
C GLY A 212 -2.72 -37.69 -24.45
N ILE A 213 -2.61 -39.02 -24.37
CA ILE A 213 -3.17 -39.80 -23.25
C ILE A 213 -2.61 -39.28 -21.92
N GLY A 214 -3.52 -38.91 -21.01
CA GLY A 214 -3.17 -38.20 -19.78
C GLY A 214 -3.71 -36.78 -19.73
N LEU A 215 -4.06 -36.21 -20.89
CA LEU A 215 -4.70 -34.90 -20.96
C LEU A 215 -6.10 -34.99 -20.32
N PRO A 216 -6.40 -34.14 -19.32
CA PRO A 216 -7.72 -34.20 -18.69
C PRO A 216 -8.83 -33.63 -19.58
N GLY A 217 -9.98 -34.29 -19.57
CA GLY A 217 -11.12 -33.95 -20.45
C GLY A 217 -12.36 -33.37 -19.79
N ASP A 218 -12.34 -33.25 -18.46
CA ASP A 218 -13.47 -32.69 -17.72
C ASP A 218 -13.50 -31.16 -17.80
N VAL A 219 -14.56 -30.56 -17.28
CA VAL A 219 -14.76 -29.10 -17.35
C VAL A 219 -14.52 -28.38 -16.02
N SER A 220 -13.69 -28.96 -15.14
CA SER A 220 -13.22 -28.24 -13.96
C SER A 220 -12.20 -27.18 -14.42
N PRO A 221 -12.07 -26.07 -13.68
CA PRO A 221 -11.19 -24.98 -14.12
C PRO A 221 -9.72 -25.36 -14.37
N GLU A 222 -9.15 -26.22 -13.53
CA GLU A 222 -7.77 -26.69 -13.73
C GLU A 222 -7.63 -27.54 -14.99
N SER A 223 -8.56 -28.48 -15.19
CA SER A 223 -8.56 -29.34 -16.38
C SER A 223 -8.75 -28.55 -17.68
N ARG A 224 -9.60 -27.54 -17.65
CA ARG A 224 -9.79 -26.63 -18.80
C ARG A 224 -8.56 -25.75 -19.06
N PHE A 225 -7.88 -25.34 -17.99
CA PHE A 225 -6.62 -24.58 -18.12
C PHE A 225 -5.54 -25.40 -18.84
N VAL A 226 -5.42 -26.67 -18.48
CA VAL A 226 -4.41 -27.56 -19.08
C VAL A 226 -4.79 -27.90 -20.53
N ARG A 227 -6.05 -28.27 -20.75
CA ARG A 227 -6.54 -28.65 -22.08
C ARG A 227 -6.51 -27.49 -23.08
N ALA A 228 -6.85 -26.28 -22.60
CA ALA A 228 -6.78 -25.08 -23.44
C ALA A 228 -5.33 -24.70 -23.79
N THR A 229 -4.42 -24.86 -22.81
CA THR A 229 -2.99 -24.62 -23.04
C THR A 229 -2.41 -25.58 -24.08
N PHE A 230 -2.72 -26.87 -23.93
CA PHE A 230 -2.27 -27.90 -24.87
C PHE A 230 -2.80 -27.67 -26.28
N SER A 231 -4.10 -27.35 -26.37
CA SER A 231 -4.76 -27.10 -27.66
C SER A 231 -4.27 -25.81 -28.34
N LYS A 232 -4.14 -24.74 -27.56
CA LYS A 232 -3.70 -23.44 -28.08
C LYS A 232 -2.25 -23.47 -28.55
N LEU A 233 -1.34 -23.93 -27.68
CA LEU A 233 0.09 -23.92 -27.98
C LEU A 233 0.50 -24.80 -29.17
N ASN A 234 -0.23 -25.90 -29.39
CA ASN A 234 0.05 -26.82 -30.50
C ASN A 234 -0.77 -26.61 -31.76
N SER A 235 -1.76 -25.70 -31.74
CA SER A 235 -2.65 -25.50 -32.88
C SER A 235 -1.89 -25.01 -34.12
N SER A 236 -2.25 -25.56 -35.27
CA SER A 236 -1.55 -25.28 -36.52
C SER A 236 -1.70 -23.82 -36.95
N LYS A 237 -0.66 -23.28 -37.58
CA LYS A 237 -0.67 -21.93 -38.14
C LYS A 237 -1.63 -21.87 -39.33
N GLY A 238 -2.43 -20.79 -39.37
CA GLY A 238 -3.33 -20.54 -40.49
C GLY A 238 -2.66 -19.69 -41.56
N MET A 239 -3.14 -19.83 -42.80
CA MET A 239 -2.63 -19.06 -43.93
C MET A 239 -3.10 -17.61 -43.89
N THR A 240 -4.39 -17.43 -43.56
CA THR A 240 -5.04 -16.11 -43.56
C THR A 240 -5.58 -15.78 -42.17
N VAL A 241 -6.04 -14.54 -42.02
CA VAL A 241 -6.71 -14.08 -40.79
C VAL A 241 -8.02 -14.85 -40.55
N GLU A 242 -8.75 -15.15 -41.62
CA GLU A 242 -10.01 -15.92 -41.52
C GLU A 242 -9.77 -17.33 -41.00
N GLU A 243 -8.70 -17.98 -41.46
CA GLU A 243 -8.32 -19.31 -40.97
C GLU A 243 -7.89 -19.29 -39.51
N ASP A 244 -7.24 -18.20 -39.08
CA ASP A 244 -6.91 -17.99 -37.67
C ASP A 244 -8.14 -17.90 -36.79
N ILE A 245 -9.15 -17.16 -37.26
CA ILE A 245 -10.41 -16.97 -36.51
C ILE A 245 -11.14 -18.30 -36.41
N THR A 246 -11.28 -19.01 -37.52
CA THR A 246 -11.83 -20.37 -37.55
C THR A 246 -11.10 -21.27 -36.56
N GLN A 247 -9.76 -21.24 -36.59
CA GLN A 247 -8.93 -22.01 -35.66
C GLN A 247 -9.10 -21.57 -34.20
N PHE A 248 -9.29 -20.28 -33.97
CA PHE A 248 -9.53 -19.73 -32.63
C PHE A 248 -10.78 -20.30 -31.98
N PHE A 249 -11.88 -20.37 -32.75
CA PHE A 249 -13.14 -20.95 -32.26
C PHE A 249 -13.05 -22.47 -32.03
N HIS A 250 -12.22 -23.15 -32.82
CA HIS A 250 -11.91 -24.57 -32.56
C HIS A 250 -11.17 -24.78 -31.23
N ILE A 251 -10.25 -23.87 -30.90
CA ILE A 251 -9.49 -23.93 -29.63
C ILE A 251 -10.41 -23.75 -28.43
N LEU A 252 -11.28 -22.74 -28.48
CA LEU A 252 -12.29 -22.52 -27.44
C LEU A 252 -13.29 -23.68 -27.33
N GLY A 253 -13.57 -24.33 -28.46
CA GLY A 253 -14.43 -25.52 -28.51
C GLY A 253 -13.90 -26.75 -27.79
N THR A 254 -12.57 -26.84 -27.64
CA THR A 254 -11.96 -27.96 -26.90
C THR A 254 -12.28 -27.91 -25.40
N VAL A 255 -12.56 -26.71 -24.87
CA VAL A 255 -12.90 -26.50 -23.47
C VAL A 255 -14.32 -25.94 -23.29
N GLU A 256 -15.19 -26.18 -24.26
CA GLU A 256 -16.59 -25.76 -24.19
C GLU A 256 -17.34 -26.65 -23.21
N GLN A 257 -18.30 -26.06 -22.51
CA GLN A 257 -19.17 -26.80 -21.59
C GLN A 257 -20.53 -26.97 -22.24
N ILE A 258 -20.93 -28.22 -22.48
CA ILE A 258 -22.25 -28.52 -23.04
C ILE A 258 -23.26 -28.64 -21.89
N LYS A 259 -24.53 -28.40 -22.19
CA LYS A 259 -25.60 -28.49 -21.19
C LYS A 259 -25.81 -29.92 -20.74
N GLY A 260 -25.54 -30.19 -19.46
CA GLY A 260 -25.78 -31.52 -18.86
C GLY A 260 -24.61 -32.14 -18.11
N VAL A 261 -23.39 -31.79 -18.50
CA VAL A 261 -22.17 -32.41 -17.92
C VAL A 261 -21.68 -31.76 -16.61
N ASN A 262 -22.16 -30.55 -16.31
CA ASN A 262 -21.72 -29.78 -15.15
C ASN A 262 -22.93 -29.16 -14.45
N LYS A 263 -23.45 -29.90 -13.45
CA LYS A 263 -24.62 -29.48 -12.68
C LYS A 263 -24.12 -28.67 -11.48
N THR A 264 -24.55 -27.42 -11.39
CA THR A 264 -24.11 -26.52 -10.31
C THR A 264 -24.83 -26.85 -9.00
N GLU A 265 -24.46 -26.15 -7.93
CA GLU A 265 -25.11 -26.32 -6.62
C GLU A 265 -26.63 -26.08 -6.66
N SER A 266 -27.05 -25.09 -7.45
CA SER A 266 -28.47 -24.77 -7.62
C SER A 266 -29.30 -25.86 -8.32
N GLY A 267 -28.62 -26.78 -9.03
CA GLY A 267 -29.28 -27.82 -9.81
C GLY A 267 -29.41 -27.48 -11.29
N LYS A 268 -28.99 -26.27 -11.67
CA LYS A 268 -28.99 -25.83 -13.06
C LYS A 268 -27.67 -26.19 -13.73
N GLU A 269 -27.71 -26.29 -15.05
CA GLU A 269 -26.60 -26.81 -15.84
C GLU A 269 -25.71 -25.68 -16.34
N GLU A 270 -24.42 -25.73 -16.01
CA GLU A 270 -23.45 -24.74 -16.49
C GLU A 270 -23.11 -25.05 -17.95
N TYR A 271 -23.10 -24.01 -18.80
CA TYR A 271 -22.82 -24.17 -20.22
C TYR A 271 -22.16 -22.92 -20.80
N THR A 272 -21.46 -23.11 -21.91
CA THR A 272 -20.79 -22.01 -22.61
C THR A 272 -21.83 -21.14 -23.29
N VAL A 273 -22.21 -20.04 -22.63
CA VAL A 273 -23.26 -19.14 -23.09
C VAL A 273 -22.87 -18.49 -24.42
N TYR A 274 -21.62 -18.06 -24.52
CA TYR A 274 -21.06 -17.56 -25.77
C TYR A 274 -19.55 -17.73 -25.83
N SER A 275 -19.03 -17.74 -27.05
CA SER A 275 -17.59 -17.71 -27.31
C SER A 275 -17.33 -16.53 -28.21
N ASN A 276 -16.23 -15.81 -27.99
CA ASN A 276 -15.84 -14.72 -28.88
C ASN A 276 -14.34 -14.70 -29.19
N CYS A 277 -14.01 -13.96 -30.24
CA CYS A 277 -12.65 -13.79 -30.73
C CYS A 277 -12.51 -12.36 -31.23
N TYR A 278 -11.72 -11.54 -30.53
CA TYR A 278 -11.41 -10.19 -30.99
C TYR A 278 -10.15 -10.21 -31.85
N ASP A 279 -10.25 -9.71 -33.08
CA ASP A 279 -9.08 -9.39 -33.89
C ASP A 279 -8.56 -8.07 -33.37
N LEU A 280 -7.40 -8.09 -32.68
CA LEU A 280 -6.86 -6.90 -32.02
C LEU A 280 -6.28 -5.88 -32.99
N ASP A 281 -5.60 -6.33 -34.05
CA ASP A 281 -5.05 -5.42 -35.05
C ASP A 281 -6.12 -4.69 -35.85
N ASN A 282 -7.22 -5.40 -36.15
CA ASN A 282 -8.33 -4.84 -36.94
C ASN A 282 -9.55 -4.41 -36.08
N LYS A 283 -9.46 -4.58 -34.76
CA LYS A 283 -10.49 -4.12 -33.81
C LYS A 283 -11.90 -4.61 -34.18
N THR A 284 -12.01 -5.92 -34.40
CA THR A 284 -13.26 -6.54 -34.83
C THR A 284 -13.63 -7.67 -33.87
N LEU A 285 -14.87 -7.63 -33.40
CA LEU A 285 -15.42 -8.67 -32.51
C LEU A 285 -16.12 -9.72 -33.36
N TYR A 286 -15.71 -10.98 -33.20
CA TYR A 286 -16.41 -12.13 -33.74
C TYR A 286 -16.95 -12.93 -32.56
N TYR A 287 -18.17 -13.44 -32.65
CA TYR A 287 -18.74 -14.25 -31.58
C TYR A 287 -19.71 -15.33 -32.06
N THR A 288 -19.89 -16.33 -31.21
CA THR A 288 -20.92 -17.36 -31.36
C THR A 288 -21.65 -17.49 -30.04
N THR A 289 -22.80 -18.14 -30.05
CA THR A 289 -23.58 -18.40 -28.83
C THR A 289 -23.82 -19.90 -28.74
N TYR A 290 -24.35 -20.35 -27.61
CA TYR A 290 -24.73 -21.76 -27.45
C TYR A 290 -25.83 -22.16 -28.43
N GLU A 291 -26.73 -21.23 -28.74
CA GLU A 291 -27.91 -21.48 -29.56
C GLU A 291 -27.66 -21.29 -31.06
N ASN A 292 -26.54 -20.65 -31.44
CA ASN A 292 -26.26 -20.30 -32.84
C ASN A 292 -24.79 -20.53 -33.17
N ARG A 293 -24.54 -21.40 -34.15
CA ARG A 293 -23.17 -21.75 -34.55
C ARG A 293 -22.53 -20.73 -35.50
N GLN A 294 -23.35 -19.99 -36.26
CA GLN A 294 -22.81 -19.00 -37.21
C GLN A 294 -22.07 -17.89 -36.46
N ILE A 295 -20.85 -17.60 -36.92
CA ILE A 295 -20.05 -16.51 -36.36
C ILE A 295 -20.67 -15.18 -36.80
N VAL A 296 -20.79 -14.25 -35.85
CA VAL A 296 -21.29 -12.90 -36.11
C VAL A 296 -20.15 -11.91 -35.85
N ALA A 297 -19.97 -10.95 -36.76
CA ALA A 297 -18.88 -9.97 -36.68
C ALA A 297 -19.41 -8.53 -36.54
N VAL A 298 -18.74 -7.75 -35.68
CA VAL A 298 -19.02 -6.32 -35.54
C VAL A 298 -17.67 -5.60 -35.37
N THR A 299 -17.43 -4.59 -36.21
CA THR A 299 -16.18 -3.82 -36.19
C THR A 299 -16.34 -2.56 -35.35
N LEU A 300 -15.29 -2.20 -34.61
CA LEU A 300 -15.22 -0.91 -33.91
C LEU A 300 -14.69 0.14 -34.88
N ASN A 301 -15.53 1.12 -35.19
CA ASN A 301 -15.17 2.23 -36.07
C ASN A 301 -14.84 3.46 -35.23
N LYS A 302 -13.83 4.22 -35.66
CA LYS A 302 -13.49 5.48 -35.01
C LYS A 302 -14.62 6.49 -35.23
N ASP A 303 -15.14 7.02 -34.14
CA ASP A 303 -16.26 7.96 -34.15
C ASP A 303 -16.09 8.86 -32.93
N LYS A 304 -15.26 9.88 -33.10
CA LYS A 304 -14.75 10.67 -31.97
C LYS A 304 -15.76 11.62 -31.31
N ASP A 305 -16.99 11.71 -31.82
CA ASP A 305 -17.98 12.68 -31.33
C ASP A 305 -19.27 12.11 -30.72
N GLY A 306 -19.54 10.81 -30.87
CA GLY A 306 -20.73 10.20 -30.29
C GLY A 306 -20.61 10.04 -28.78
N ASN A 307 -21.73 10.22 -28.07
CA ASN A 307 -21.76 10.10 -26.60
C ASN A 307 -22.79 9.10 -26.05
N ARG A 308 -23.37 8.27 -26.93
CA ARG A 308 -24.36 7.28 -26.53
C ARG A 308 -23.86 5.88 -26.86
N LEU A 309 -24.22 4.91 -26.03
CA LEU A 309 -23.85 3.52 -26.25
C LEU A 309 -24.60 3.00 -27.48
N VAL A 310 -23.92 2.19 -28.28
CA VAL A 310 -24.51 1.53 -29.46
C VAL A 310 -24.49 0.04 -29.17
N THR A 311 -25.65 -0.61 -29.31
CA THR A 311 -25.83 -2.00 -28.89
C THR A 311 -26.45 -2.87 -29.99
N TYR A 312 -25.99 -4.12 -30.05
CA TYR A 312 -26.55 -5.15 -30.94
C TYR A 312 -26.83 -6.40 -30.12
N PRO A 313 -28.11 -6.69 -29.81
CA PRO A 313 -28.45 -7.89 -29.04
C PRO A 313 -28.10 -9.21 -29.75
N PHE A 314 -27.73 -10.22 -28.96
CA PHE A 314 -27.35 -11.54 -29.48
C PHE A 314 -28.57 -12.29 -30.04
N GLU A 315 -28.38 -12.91 -31.20
CA GLU A 315 -29.35 -13.84 -31.77
C GLU A 315 -29.17 -15.19 -31.06
N ARG A 316 -30.23 -15.63 -30.37
CA ARG A 316 -30.23 -16.94 -29.68
C ARG A 316 -31.13 -17.92 -30.44
N LYS A 317 -30.79 -18.12 -31.71
CA LYS A 317 -31.53 -18.97 -32.62
C LYS A 317 -30.57 -19.50 -33.68
N GLN A 318 -30.66 -20.80 -33.97
CA GLN A 318 -29.75 -21.45 -34.89
C GLN A 318 -30.06 -21.03 -36.33
N ILE A 319 -29.15 -20.25 -36.92
CA ILE A 319 -29.30 -19.77 -38.29
C ILE A 319 -28.68 -20.82 -39.22
N ILE A 320 -29.55 -21.58 -39.88
CA ILE A 320 -29.16 -22.71 -40.72
C ILE A 320 -29.27 -22.31 -42.20
N ASN A 321 -28.25 -22.67 -42.98
CA ASN A 321 -28.26 -22.48 -44.43
C ASN A 321 -29.05 -23.62 -45.07
N LYS A 322 -30.35 -23.42 -45.22
CA LYS A 322 -31.25 -24.46 -45.74
C LYS A 322 -31.24 -24.45 -47.27
N LEU A 323 -30.77 -25.55 -47.86
CA LEU A 323 -30.65 -25.66 -49.32
C LEU A 323 -31.99 -25.91 -50.02
N ASN A 324 -32.89 -26.64 -49.36
CA ASN A 324 -34.26 -26.86 -49.87
C ASN A 324 -35.30 -26.88 -48.75
N LEU A 325 -36.55 -26.62 -49.12
CA LEU A 325 -37.67 -26.61 -48.17
C LEU A 325 -38.20 -28.02 -47.97
N GLU A 326 -38.67 -28.32 -46.75
CA GLU A 326 -39.36 -29.57 -46.48
C GLU A 326 -40.82 -29.47 -46.94
N ARG A 327 -41.47 -30.62 -47.10
CA ARG A 327 -42.91 -30.69 -47.31
C ARG A 327 -43.56 -31.32 -46.08
N HIS A 328 -43.99 -30.48 -45.15
CA HIS A 328 -44.66 -30.93 -43.92
C HIS A 328 -46.18 -30.80 -44.04
N THR B 3 -15.97 -40.40 -34.89
CA THR B 3 -16.92 -40.64 -33.80
C THR B 3 -18.33 -40.57 -34.37
N ALA B 4 -19.10 -41.64 -34.21
CA ALA B 4 -20.49 -41.69 -34.65
C ALA B 4 -21.40 -41.88 -33.45
N ILE B 5 -22.46 -41.08 -33.38
CA ILE B 5 -23.42 -41.13 -32.26
C ILE B 5 -24.85 -41.18 -32.76
N THR B 6 -25.76 -41.61 -31.88
CA THR B 6 -27.20 -41.44 -32.06
C THR B 6 -27.72 -40.58 -30.92
N LEU B 7 -28.91 -40.04 -31.09
CA LEU B 7 -29.58 -39.25 -30.05
C LEU B 7 -31.09 -39.36 -30.22
N ASN B 8 -31.79 -39.56 -29.10
CA ASN B 8 -33.24 -39.62 -29.09
C ASN B 8 -33.78 -38.44 -28.30
N GLY B 9 -34.63 -37.64 -28.94
CA GLY B 9 -35.23 -36.46 -28.31
C GLY B 9 -36.63 -36.23 -28.81
N ASN B 10 -36.89 -35.04 -29.35
CA ASN B 10 -38.19 -34.70 -29.93
C ASN B 10 -38.36 -35.43 -31.27
N SER B 11 -37.29 -35.45 -32.06
CA SER B 11 -37.13 -36.40 -33.18
C SER B 11 -35.98 -37.32 -32.82
N ASN B 12 -35.49 -38.11 -33.79
CA ASN B 12 -34.43 -39.09 -33.55
C ASN B 12 -33.29 -38.91 -34.54
N TYR B 13 -32.06 -38.96 -34.04
CA TYR B 13 -30.89 -38.49 -34.78
C TYR B 13 -29.76 -39.51 -34.84
N PHE B 14 -28.84 -39.23 -35.76
CA PHE B 14 -27.72 -40.13 -36.07
C PHE B 14 -26.74 -39.32 -36.89
N GLY B 15 -25.44 -39.49 -36.63
CA GLY B 15 -24.44 -38.68 -37.31
C GLY B 15 -23.02 -39.01 -36.86
N ARG B 16 -22.05 -38.30 -37.42
CA ARG B 16 -20.64 -38.58 -37.15
C ARG B 16 -19.70 -37.41 -37.41
N ASN B 17 -18.55 -37.45 -36.75
CA ASN B 17 -17.37 -36.68 -37.14
C ASN B 17 -16.56 -37.53 -38.10
N LEU B 18 -16.03 -36.91 -39.16
CA LEU B 18 -15.02 -37.56 -40.00
C LEU B 18 -13.67 -36.95 -39.67
N ASP B 19 -12.79 -37.75 -39.07
CA ASP B 19 -11.46 -37.30 -38.67
C ASP B 19 -10.43 -37.87 -39.64
N LEU B 20 -9.66 -36.97 -40.25
CA LEU B 20 -8.70 -37.34 -41.29
C LEU B 20 -7.74 -36.17 -41.52
N ASP B 21 -6.59 -36.46 -42.11
CA ASP B 21 -5.54 -35.44 -42.35
C ASP B 21 -5.68 -34.65 -43.67
N PHE B 22 -6.74 -34.94 -44.43
CA PHE B 22 -7.04 -34.24 -45.68
C PHE B 22 -8.50 -34.49 -46.05
N SER B 23 -9.05 -33.63 -46.91
CA SER B 23 -10.40 -33.81 -47.42
C SER B 23 -10.37 -34.57 -48.75
N TYR B 24 -11.33 -35.48 -48.94
CA TYR B 24 -11.48 -36.22 -50.19
C TYR B 24 -12.24 -35.44 -51.27
N GLY B 25 -12.70 -34.22 -50.97
CA GLY B 25 -13.64 -33.51 -51.83
C GLY B 25 -15.04 -34.08 -51.68
N GLU B 26 -15.37 -34.49 -50.46
CA GLU B 26 -16.67 -35.08 -50.13
C GLU B 26 -17.81 -34.07 -50.27
N GLU B 27 -19.00 -34.59 -50.54
CA GLU B 27 -20.17 -33.79 -50.88
C GLU B 27 -21.44 -34.51 -50.49
N VAL B 28 -22.56 -33.80 -50.51
CA VAL B 28 -23.87 -34.44 -50.32
C VAL B 28 -24.18 -35.21 -51.61
N ILE B 29 -24.63 -36.45 -51.47
CA ILE B 29 -25.02 -37.28 -52.61
C ILE B 29 -26.39 -37.88 -52.33
N ILE B 30 -27.34 -37.61 -53.22
CA ILE B 30 -28.67 -38.23 -53.18
C ILE B 30 -28.72 -39.29 -54.29
N THR B 31 -28.96 -40.53 -53.88
CA THR B 31 -29.15 -41.64 -54.81
C THR B 31 -30.65 -41.86 -54.95
N PRO B 32 -31.22 -41.64 -56.15
CA PRO B 32 -32.66 -41.85 -56.33
C PRO B 32 -33.06 -43.32 -56.34
N ALA B 33 -34.35 -43.57 -56.11
CA ALA B 33 -34.90 -44.93 -56.04
C ALA B 33 -34.51 -45.83 -57.22
N GLU B 34 -34.49 -45.26 -58.42
CA GLU B 34 -34.23 -46.00 -59.65
C GLU B 34 -32.81 -45.85 -60.24
N TYR B 35 -31.86 -45.34 -59.45
CA TYR B 35 -30.44 -45.47 -59.80
C TYR B 35 -30.08 -46.94 -59.63
N GLU B 36 -29.51 -47.55 -60.67
CA GLU B 36 -29.22 -48.99 -60.64
C GLU B 36 -27.96 -49.29 -59.83
N PHE B 37 -28.14 -49.97 -58.69
CA PHE B 37 -27.01 -50.44 -57.89
C PHE B 37 -26.47 -51.74 -58.48
N LYS B 38 -25.22 -51.69 -58.95
CA LYS B 38 -24.52 -52.87 -59.45
C LYS B 38 -23.53 -53.36 -58.41
N PHE B 39 -23.45 -54.67 -58.26
CA PHE B 39 -22.56 -55.33 -57.31
C PHE B 39 -21.61 -56.23 -58.08
N ARG B 40 -20.38 -56.35 -57.59
CA ARG B 40 -19.33 -57.11 -58.28
C ARG B 40 -19.68 -58.59 -58.39
N LYS B 41 -20.33 -59.14 -57.36
CA LYS B 41 -20.64 -60.57 -57.30
C LYS B 41 -22.11 -60.93 -56.99
N GLU B 42 -23.01 -59.95 -57.10
CA GLU B 42 -24.44 -60.20 -56.92
C GLU B 42 -25.26 -59.50 -57.99
N LYS B 43 -26.55 -59.84 -58.05
CA LYS B 43 -27.46 -59.34 -59.07
C LYS B 43 -27.77 -57.88 -58.76
N ALA B 44 -27.89 -57.07 -59.81
CA ALA B 44 -28.12 -55.63 -59.65
C ALA B 44 -29.52 -55.33 -59.10
N ILE B 45 -29.61 -54.30 -58.27
CA ILE B 45 -30.88 -53.84 -57.70
C ILE B 45 -31.31 -52.58 -58.45
N LYS B 46 -32.36 -52.72 -59.27
CA LYS B 46 -32.83 -51.65 -60.15
C LYS B 46 -33.76 -50.66 -59.46
N ASN B 47 -34.55 -51.14 -58.49
CA ASN B 47 -35.48 -50.30 -57.73
C ASN B 47 -35.25 -50.55 -56.24
N HIS B 48 -35.01 -49.48 -55.49
CA HIS B 48 -34.62 -49.57 -54.09
C HIS B 48 -35.05 -48.31 -53.34
N LYS B 49 -34.77 -48.27 -52.03
CA LYS B 49 -34.99 -47.08 -51.22
C LYS B 49 -33.97 -46.00 -51.58
N SER B 50 -34.45 -44.76 -51.69
CA SER B 50 -33.60 -43.62 -52.03
C SER B 50 -32.77 -43.22 -50.82
N LEU B 51 -31.52 -42.80 -51.09
CA LEU B 51 -30.56 -42.44 -50.05
C LEU B 51 -30.20 -40.97 -50.11
N ILE B 52 -29.81 -40.43 -48.96
CA ILE B 52 -29.09 -39.16 -48.88
C ILE B 52 -27.93 -39.36 -47.91
N GLY B 53 -26.77 -38.84 -48.26
CA GLY B 53 -25.59 -39.00 -47.42
C GLY B 53 -24.41 -38.16 -47.86
N VAL B 54 -23.25 -38.49 -47.33
CA VAL B 54 -22.00 -37.77 -47.61
C VAL B 54 -20.96 -38.75 -48.16
N GLY B 55 -20.24 -38.31 -49.17
CA GLY B 55 -19.15 -39.09 -49.74
C GLY B 55 -18.66 -38.52 -51.04
N ILE B 56 -18.05 -39.36 -51.87
CA ILE B 56 -17.59 -38.97 -53.20
C ILE B 56 -18.23 -39.83 -54.28
N VAL B 57 -18.30 -39.27 -55.49
CA VAL B 57 -18.74 -40.00 -56.67
C VAL B 57 -17.50 -40.30 -57.52
N ALA B 58 -17.26 -41.58 -57.77
CA ALA B 58 -16.22 -42.04 -58.69
C ALA B 58 -16.83 -43.05 -59.66
N ASN B 59 -16.52 -42.90 -60.94
CA ASN B 59 -17.07 -43.76 -62.00
C ASN B 59 -18.60 -43.88 -61.94
N ASP B 60 -19.26 -42.75 -61.68
CA ASP B 60 -20.73 -42.68 -61.54
C ASP B 60 -21.31 -43.59 -60.45
N TYR B 61 -20.52 -43.86 -59.40
CA TYR B 61 -20.93 -44.71 -58.27
C TYR B 61 -20.80 -43.92 -56.97
N PRO B 62 -21.85 -43.91 -56.13
CA PRO B 62 -21.79 -43.13 -54.90
C PRO B 62 -21.06 -43.85 -53.77
N LEU B 63 -19.82 -43.44 -53.51
CA LEU B 63 -19.03 -44.01 -52.43
C LEU B 63 -19.31 -43.28 -51.12
N TYR B 64 -20.33 -43.77 -50.40
CA TYR B 64 -20.82 -43.13 -49.18
C TYR B 64 -19.89 -43.34 -47.99
N PHE B 65 -19.61 -42.27 -47.27
CA PHE B 65 -18.94 -42.33 -45.97
C PHE B 65 -20.00 -42.70 -44.95
N ASP B 66 -21.13 -42.00 -45.03
CA ASP B 66 -22.32 -42.28 -44.22
C ASP B 66 -23.57 -41.83 -44.97
N ALA B 67 -24.70 -42.43 -44.63
CA ALA B 67 -25.96 -42.13 -45.33
C ALA B 67 -27.16 -42.63 -44.54
N ILE B 68 -28.33 -42.05 -44.85
CA ILE B 68 -29.62 -42.58 -44.42
C ILE B 68 -30.45 -42.88 -45.65
N ASN B 69 -31.50 -43.69 -45.48
CA ASN B 69 -32.46 -43.95 -46.55
C ASN B 69 -33.78 -43.23 -46.28
N GLU B 70 -34.74 -43.41 -47.18
CA GLU B 70 -36.07 -42.78 -47.08
C GLU B 70 -36.94 -43.26 -45.90
N ASP B 71 -36.56 -44.35 -45.24
CA ASP B 71 -37.25 -44.84 -44.04
C ASP B 71 -36.63 -44.37 -42.73
N GLY B 72 -35.52 -43.65 -42.79
CA GLY B 72 -34.81 -43.18 -41.59
C GLY B 72 -33.92 -44.23 -40.96
N LEU B 73 -33.37 -45.14 -41.77
CA LEU B 73 -32.31 -46.06 -41.34
C LEU B 73 -30.98 -45.48 -41.77
N GLY B 74 -30.06 -45.31 -40.82
CA GLY B 74 -28.74 -44.77 -41.08
C GLY B 74 -27.64 -45.82 -41.07
N MET B 75 -26.52 -45.49 -41.69
CA MET B 75 -25.33 -46.35 -41.70
C MET B 75 -24.08 -45.52 -41.95
N ALA B 76 -23.05 -45.71 -41.12
CA ALA B 76 -21.79 -44.98 -41.23
C ALA B 76 -20.60 -45.91 -41.10
N GLY B 77 -19.66 -45.81 -42.05
CA GLY B 77 -18.40 -46.56 -42.00
C GLY B 77 -17.34 -45.74 -41.30
N LEU B 78 -16.71 -46.33 -40.27
CA LEU B 78 -15.66 -45.67 -39.49
C LEU B 78 -14.39 -46.50 -39.60
N ASN B 79 -13.24 -45.86 -39.40
CA ASN B 79 -11.94 -46.54 -39.54
C ASN B 79 -11.78 -47.63 -38.50
N PHE B 80 -11.17 -48.74 -38.92
CA PHE B 80 -11.04 -49.92 -38.09
C PHE B 80 -9.77 -50.66 -38.54
N PRO B 81 -8.61 -49.96 -38.48
CA PRO B 81 -7.39 -50.43 -39.14
C PRO B 81 -6.79 -51.67 -38.48
N GLY B 82 -6.45 -52.67 -39.30
CA GLY B 82 -5.86 -53.92 -38.81
C GLY B 82 -6.89 -54.99 -38.45
N ASN B 83 -7.91 -54.60 -37.68
CA ASN B 83 -8.93 -55.54 -37.22
C ASN B 83 -9.91 -55.99 -38.30
N ALA B 84 -10.27 -55.10 -39.22
CA ALA B 84 -11.18 -55.44 -40.33
C ALA B 84 -10.54 -56.48 -41.24
N TYR B 85 -11.23 -57.60 -41.44
CA TYR B 85 -10.78 -58.65 -42.35
C TYR B 85 -11.88 -58.89 -43.39
N TYR B 86 -11.49 -58.78 -44.66
CA TYR B 86 -12.37 -59.07 -45.78
C TYR B 86 -11.89 -60.36 -46.46
N SER B 87 -12.83 -61.26 -46.75
CA SER B 87 -12.49 -62.62 -47.21
C SER B 87 -12.18 -62.65 -48.71
N ASP B 88 -11.15 -63.41 -49.07
CA ASP B 88 -10.80 -63.64 -50.49
C ASP B 88 -11.74 -64.65 -51.16
N ALA B 89 -12.36 -65.52 -50.36
CA ALA B 89 -13.22 -66.59 -50.89
C ALA B 89 -14.69 -66.16 -50.92
N LEU B 90 -15.36 -66.47 -52.03
CA LEU B 90 -16.81 -66.27 -52.15
C LEU B 90 -17.50 -67.46 -51.50
N GLU B 91 -18.71 -67.24 -51.00
CA GLU B 91 -19.52 -68.26 -50.33
C GLU B 91 -20.86 -68.41 -51.04
N ASN B 92 -21.21 -69.65 -51.38
CA ASN B 92 -22.46 -69.96 -52.08
C ASN B 92 -23.71 -69.66 -51.23
N ASP B 93 -23.59 -69.87 -49.93
CA ASP B 93 -24.70 -69.64 -48.99
C ASP B 93 -24.71 -68.24 -48.34
N LYS B 94 -23.93 -67.29 -48.89
CA LYS B 94 -23.89 -65.91 -48.41
C LYS B 94 -23.99 -64.93 -49.57
N ASP B 95 -24.40 -63.71 -49.23
CA ASP B 95 -24.38 -62.59 -50.18
C ASP B 95 -22.97 -62.00 -50.18
N ASN B 96 -22.26 -62.17 -51.29
CA ASN B 96 -20.86 -61.74 -51.41
C ASN B 96 -20.82 -60.27 -51.83
N ILE B 97 -20.49 -59.40 -50.87
CA ILE B 97 -20.60 -57.95 -51.03
C ILE B 97 -19.27 -57.30 -50.67
N THR B 98 -18.86 -56.27 -51.42
CA THR B 98 -17.62 -55.55 -51.12
C THR B 98 -17.92 -54.51 -50.03
N PRO B 99 -16.89 -54.08 -49.26
CA PRO B 99 -17.12 -53.05 -48.23
C PRO B 99 -17.69 -51.72 -48.75
N PHE B 100 -17.30 -51.32 -49.97
CA PHE B 100 -17.86 -50.11 -50.59
C PHE B 100 -19.30 -50.27 -51.09
N GLU B 101 -19.72 -51.50 -51.36
CA GLU B 101 -21.12 -51.83 -51.67
C GLU B 101 -22.01 -52.04 -50.44
N PHE B 102 -21.43 -52.03 -49.24
CA PHE B 102 -22.14 -52.45 -48.03
C PHE B 102 -23.25 -51.47 -47.62
N ILE B 103 -22.99 -50.16 -47.74
CA ILE B 103 -24.00 -49.14 -47.44
C ILE B 103 -25.19 -49.19 -48.40
N PRO B 104 -24.94 -49.23 -49.74
CA PRO B 104 -26.04 -49.45 -50.69
C PRO B 104 -26.81 -50.76 -50.51
N TRP B 105 -26.08 -51.85 -50.23
CA TRP B 105 -26.69 -53.17 -50.02
C TRP B 105 -27.70 -53.16 -48.87
N ILE B 106 -27.33 -52.56 -47.74
CA ILE B 106 -28.18 -52.51 -46.56
C ILE B 106 -29.25 -51.43 -46.68
N LEU B 107 -28.84 -50.19 -46.91
CA LEU B 107 -29.77 -49.04 -46.95
C LEU B 107 -30.73 -49.05 -48.13
N GLY B 108 -30.34 -49.67 -49.23
CA GLY B 108 -31.24 -49.85 -50.37
C GLY B 108 -32.40 -50.80 -50.11
N GLN B 109 -32.19 -51.77 -49.23
CA GLN B 109 -33.14 -52.88 -49.02
C GLN B 109 -33.85 -52.95 -47.66
N CYS B 110 -33.25 -52.38 -46.62
CA CYS B 110 -33.78 -52.51 -45.25
C CYS B 110 -34.43 -51.20 -44.77
N SER B 111 -35.55 -51.34 -44.05
CA SER B 111 -36.28 -50.20 -43.49
C SER B 111 -35.93 -49.89 -42.02
N ASP B 112 -35.36 -50.86 -41.31
CA ASP B 112 -35.02 -50.70 -39.90
C ASP B 112 -33.83 -51.59 -39.48
N VAL B 113 -33.43 -51.50 -38.21
CA VAL B 113 -32.28 -52.24 -37.67
C VAL B 113 -32.51 -53.76 -37.65
N ASN B 114 -33.73 -54.20 -37.32
CA ASN B 114 -34.07 -55.63 -37.35
C ASN B 114 -33.87 -56.25 -38.74
N GLU B 115 -34.31 -55.54 -39.77
CA GLU B 115 -34.09 -55.97 -41.16
C GLU B 115 -32.62 -55.87 -41.59
N ALA B 116 -31.91 -54.87 -41.06
CA ALA B 116 -30.46 -54.73 -41.29
C ALA B 116 -29.70 -55.91 -40.69
N ARG B 117 -29.98 -56.23 -39.43
CA ARG B 117 -29.35 -57.37 -38.74
C ARG B 117 -29.57 -58.69 -39.48
N ASN B 118 -30.81 -58.94 -39.91
CA ASN B 118 -31.15 -60.15 -40.67
C ASN B 118 -30.34 -60.26 -41.97
N LEU B 119 -30.12 -59.13 -42.64
CA LEU B 119 -29.36 -59.10 -43.89
C LEU B 119 -27.85 -59.19 -43.67
N VAL B 120 -27.35 -58.57 -42.61
CA VAL B 120 -25.93 -58.66 -42.22
C VAL B 120 -25.58 -60.10 -41.80
N GLU B 121 -26.51 -60.79 -41.16
CA GLU B 121 -26.34 -62.21 -40.78
C GLU B 121 -26.03 -63.14 -41.97
N LYS B 122 -26.51 -62.80 -43.16
CA LYS B 122 -26.27 -63.59 -44.37
C LYS B 122 -25.10 -63.08 -45.24
N ILE B 123 -24.30 -62.11 -44.75
CA ILE B 123 -23.31 -61.45 -45.60
C ILE B 123 -21.92 -62.08 -45.50
N ASN B 124 -21.17 -61.94 -46.59
CA ASN B 124 -19.74 -62.24 -46.62
C ASN B 124 -19.06 -61.04 -47.26
N LEU B 125 -18.39 -60.21 -46.46
CA LEU B 125 -17.66 -59.06 -46.98
C LEU B 125 -16.39 -59.52 -47.67
N ILE B 126 -16.32 -59.28 -48.99
CA ILE B 126 -15.25 -59.83 -49.85
C ILE B 126 -14.18 -58.78 -50.13
N ASN B 127 -12.93 -59.24 -50.25
CA ASN B 127 -11.77 -58.37 -50.43
C ASN B 127 -11.57 -58.05 -51.92
N LEU B 128 -12.39 -57.13 -52.42
CA LEU B 128 -12.24 -56.56 -53.76
C LEU B 128 -12.31 -55.04 -53.64
N SER B 129 -11.30 -54.37 -54.17
CA SER B 129 -11.23 -52.90 -54.13
C SER B 129 -12.14 -52.28 -55.18
N PHE B 130 -12.49 -51.01 -54.96
CA PHE B 130 -13.27 -50.24 -55.94
C PHE B 130 -12.45 -50.07 -57.21
N SER B 131 -11.22 -49.57 -57.05
CA SER B 131 -10.29 -49.40 -58.16
C SER B 131 -8.85 -49.46 -57.65
N GLU B 132 -7.91 -49.38 -58.58
CA GLU B 132 -6.48 -49.33 -58.23
C GLU B 132 -6.13 -48.02 -57.49
N GLN B 133 -6.85 -46.95 -57.82
CA GLN B 133 -6.67 -45.63 -57.16
C GLN B 133 -7.32 -45.54 -55.78
N LEU B 134 -8.43 -46.26 -55.57
CA LEU B 134 -9.12 -46.28 -54.28
C LEU B 134 -9.13 -47.69 -53.70
N PRO B 135 -8.01 -48.10 -53.05
CA PRO B 135 -7.94 -49.44 -52.47
C PRO B 135 -8.74 -49.53 -51.16
N LEU B 136 -9.04 -50.75 -50.74
CA LEU B 136 -9.82 -50.98 -49.52
C LEU B 136 -9.05 -50.56 -48.26
N ALA B 137 -9.77 -49.95 -47.34
CA ALA B 137 -9.28 -49.68 -45.99
C ALA B 137 -10.18 -50.39 -44.99
N GLY B 138 -9.65 -50.62 -43.79
CA GLY B 138 -10.38 -51.31 -42.73
C GLY B 138 -11.48 -50.45 -42.16
N LEU B 139 -12.71 -50.97 -42.17
CA LEU B 139 -13.86 -50.27 -41.64
C LEU B 139 -14.68 -51.14 -40.69
N HIS B 140 -15.42 -50.48 -39.81
CA HIS B 140 -16.53 -51.07 -39.08
C HIS B 140 -17.71 -50.10 -39.11
N TRP B 141 -18.92 -50.62 -38.86
CA TRP B 141 -20.13 -49.85 -39.16
C TRP B 141 -21.08 -49.70 -37.98
N LEU B 142 -21.62 -48.49 -37.84
CA LEU B 142 -22.77 -48.23 -36.97
C LEU B 142 -24.01 -48.15 -37.85
N ILE B 143 -25.00 -48.98 -37.55
CA ILE B 143 -26.29 -48.96 -38.23
C ILE B 143 -27.33 -48.58 -37.18
N ALA B 144 -28.13 -47.55 -37.47
CA ALA B 144 -29.08 -46.99 -36.51
C ALA B 144 -30.39 -46.59 -37.16
N ASP B 145 -31.50 -46.86 -36.47
CA ASP B 145 -32.81 -46.32 -36.82
C ASP B 145 -33.28 -45.42 -35.67
N ARG B 146 -34.53 -44.98 -35.72
CA ARG B 146 -35.09 -44.11 -34.68
C ARG B 146 -35.20 -44.70 -33.26
N GLU B 147 -35.16 -46.04 -33.13
CA GLU B 147 -35.28 -46.71 -31.82
C GLU B 147 -33.95 -47.17 -31.21
N LYS B 148 -33.06 -47.74 -32.04
CA LYS B 148 -31.86 -48.41 -31.55
C LYS B 148 -30.77 -48.44 -32.61
N SER B 149 -29.63 -49.04 -32.26
CA SER B 149 -28.52 -49.21 -33.20
C SER B 149 -27.72 -50.48 -32.94
N ILE B 150 -27.03 -50.93 -33.98
CA ILE B 150 -26.12 -52.07 -33.92
C ILE B 150 -24.76 -51.70 -34.48
N VAL B 151 -23.73 -52.42 -34.02
CA VAL B 151 -22.37 -52.29 -34.54
C VAL B 151 -22.04 -53.55 -35.32
N VAL B 152 -21.46 -53.38 -36.52
CA VAL B 152 -21.02 -54.49 -37.34
C VAL B 152 -19.49 -54.43 -37.46
N GLU B 153 -18.82 -55.48 -36.98
CA GLU B 153 -17.37 -55.62 -37.10
C GLU B 153 -17.03 -56.99 -37.67
N VAL B 154 -16.45 -56.99 -38.88
CA VAL B 154 -16.05 -58.21 -39.56
C VAL B 154 -14.54 -58.37 -39.43
N THR B 155 -14.11 -59.38 -38.68
CA THR B 155 -12.71 -59.59 -38.32
C THR B 155 -12.28 -60.98 -38.78
N LYS B 156 -11.07 -61.40 -38.41
CA LYS B 156 -10.60 -62.77 -38.68
C LYS B 156 -11.54 -63.85 -38.13
N SER B 157 -12.14 -63.60 -36.97
CA SER B 157 -13.03 -64.57 -36.32
C SER B 157 -14.47 -64.61 -36.86
N GLY B 158 -14.84 -63.70 -37.75
CA GLY B 158 -16.13 -63.72 -38.44
C GLY B 158 -16.90 -62.41 -38.40
N VAL B 159 -18.17 -62.48 -38.79
CA VAL B 159 -19.08 -61.33 -38.82
C VAL B 159 -19.75 -61.17 -37.46
N HIS B 160 -19.37 -60.12 -36.73
CA HIS B 160 -19.93 -59.85 -35.40
C HIS B 160 -20.88 -58.67 -35.44
N ILE B 161 -22.08 -58.88 -34.88
CA ILE B 161 -23.09 -57.85 -34.76
C ILE B 161 -23.35 -57.66 -33.27
N TYR B 162 -23.23 -56.43 -32.78
CA TYR B 162 -23.48 -56.11 -31.39
C TYR B 162 -24.63 -55.12 -31.30
N ASP B 163 -25.56 -55.38 -30.37
CA ASP B 163 -26.49 -54.33 -29.93
C ASP B 163 -25.66 -53.24 -29.28
N ASN B 164 -25.89 -52.00 -29.70
CA ASN B 164 -25.20 -50.84 -29.13
C ASN B 164 -26.15 -50.19 -28.12
N PRO B 165 -25.91 -50.42 -26.80
CA PRO B 165 -26.83 -49.87 -25.80
C PRO B 165 -26.73 -48.34 -25.58
N ILE B 166 -25.65 -47.73 -26.06
CA ILE B 166 -25.36 -46.31 -25.84
C ILE B 166 -25.33 -45.45 -27.11
N GLY B 167 -25.38 -46.08 -28.29
CA GLY B 167 -25.33 -45.36 -29.56
C GLY B 167 -24.07 -44.53 -29.74
N ILE B 168 -22.91 -45.15 -29.47
CA ILE B 168 -21.60 -44.52 -29.64
C ILE B 168 -20.69 -45.50 -30.38
N LEU B 169 -19.87 -44.97 -31.28
CA LEU B 169 -18.81 -45.75 -31.93
C LEU B 169 -17.68 -44.83 -32.37
N THR B 170 -16.45 -45.31 -32.24
CA THR B 170 -15.26 -44.59 -32.72
C THR B 170 -14.45 -45.51 -33.63
N ASN B 171 -13.20 -45.84 -33.26
CA ASN B 171 -12.30 -46.65 -34.08
C ASN B 171 -11.88 -47.90 -33.26
N ASN B 172 -10.61 -48.30 -33.33
CA ASN B 172 -10.12 -49.41 -32.51
C ASN B 172 -10.09 -49.04 -31.03
N PRO B 173 -10.16 -50.03 -30.12
CA PRO B 173 -10.28 -51.47 -30.32
C PRO B 173 -11.68 -51.93 -30.69
N GLU B 174 -11.87 -53.25 -30.75
CA GLU B 174 -13.17 -53.88 -30.99
C GLU B 174 -14.22 -53.46 -29.95
N PHE B 175 -15.49 -53.63 -30.29
CA PHE B 175 -16.59 -52.99 -29.55
C PHE B 175 -16.75 -53.48 -28.10
N ASN B 176 -16.53 -54.77 -27.87
CA ASN B 176 -16.56 -55.32 -26.50
C ASN B 176 -15.44 -54.75 -25.60
N TYR B 177 -14.31 -54.39 -26.20
CA TYR B 177 -13.22 -53.72 -25.48
C TYR B 177 -13.59 -52.27 -25.17
N GLN B 178 -14.22 -51.59 -26.14
CA GLN B 178 -14.70 -50.21 -25.97
C GLN B 178 -15.76 -50.11 -24.87
N MET B 179 -16.70 -51.07 -24.86
CA MET B 179 -17.75 -51.12 -23.85
C MET B 179 -17.21 -51.49 -22.46
N TYR B 180 -16.30 -52.46 -22.40
CA TYR B 180 -15.65 -52.82 -21.13
C TYR B 180 -14.85 -51.65 -20.56
N ASN B 181 -14.17 -50.89 -21.43
CA ASN B 181 -13.37 -49.72 -21.02
C ASN B 181 -14.17 -48.67 -20.23
N LEU B 182 -15.48 -48.57 -20.48
CA LEU B 182 -16.36 -47.65 -19.73
C LEU B 182 -16.48 -47.97 -18.23
N ASN B 183 -16.33 -49.24 -17.86
CA ASN B 183 -16.57 -49.72 -16.48
C ASN B 183 -15.73 -49.02 -15.40
N LYS B 184 -14.47 -48.73 -15.71
CA LYS B 184 -13.58 -48.04 -14.76
C LYS B 184 -13.91 -46.57 -14.49
N TYR B 185 -14.81 -45.99 -15.30
CA TYR B 185 -15.25 -44.60 -15.14
C TYR B 185 -16.60 -44.45 -14.41
N ARG B 186 -17.07 -45.50 -13.74
CA ARG B 186 -18.38 -45.45 -13.03
C ARG B 186 -18.48 -44.33 -11.99
N ASN B 187 -17.34 -43.99 -11.38
CA ASN B 187 -17.26 -42.98 -10.33
C ASN B 187 -17.40 -41.52 -10.82
N LEU B 188 -17.27 -41.28 -12.13
CA LEU B 188 -17.45 -39.93 -12.70
C LEU B 188 -18.87 -39.43 -12.46
N SER B 189 -19.02 -38.12 -12.37
CA SER B 189 -20.28 -37.48 -12.00
C SER B 189 -20.45 -36.13 -12.70
N ILE B 190 -21.71 -35.72 -12.87
CA ILE B 190 -22.02 -34.38 -13.36
C ILE B 190 -22.03 -33.32 -12.25
N SER B 191 -22.14 -33.77 -11.00
CA SER B 191 -22.22 -32.89 -9.83
C SER B 191 -20.94 -32.96 -8.99
N THR B 192 -20.76 -31.98 -8.11
CA THR B 192 -19.68 -31.99 -7.13
C THR B 192 -19.89 -33.20 -6.19
N PRO B 193 -18.92 -34.13 -6.16
CA PRO B 193 -19.10 -35.30 -5.30
C PRO B 193 -18.80 -35.01 -3.84
N GLN B 194 -19.25 -35.91 -2.96
CA GLN B 194 -18.88 -35.85 -1.54
C GLN B 194 -17.40 -36.18 -1.38
N ASN B 195 -16.80 -35.66 -0.32
CA ASN B 195 -15.45 -36.07 0.09
C ASN B 195 -15.54 -37.49 0.65
N THR B 196 -15.29 -38.47 -0.21
CA THR B 196 -15.12 -39.86 0.19
C THR B 196 -13.64 -40.25 0.33
N PHE B 197 -12.73 -39.33 -0.01
CA PHE B 197 -11.28 -39.56 0.08
C PHE B 197 -10.90 -39.88 1.53
N SER B 198 -11.25 -38.98 2.43
CA SER B 198 -11.20 -39.23 3.87
C SER B 198 -11.91 -38.11 4.61
N ASP B 199 -12.67 -38.47 5.64
CA ASP B 199 -13.37 -37.50 6.49
C ASP B 199 -12.40 -36.76 7.45
N SER B 200 -11.18 -37.28 7.59
CA SER B 200 -10.14 -36.66 8.45
C SER B 200 -9.33 -35.52 7.80
N VAL B 201 -9.63 -35.17 6.55
CA VAL B 201 -9.01 -34.01 5.89
C VAL B 201 -10.10 -33.14 5.24
N ASP B 202 -9.95 -31.82 5.37
CA ASP B 202 -10.95 -30.87 4.90
C ASP B 202 -10.65 -30.46 3.45
N LEU B 203 -11.09 -31.29 2.51
CA LEU B 203 -10.86 -31.06 1.09
C LEU B 203 -11.85 -30.03 0.54
N LYS B 204 -11.34 -28.96 -0.04
CA LYS B 204 -12.14 -27.82 -0.48
C LYS B 204 -12.42 -27.87 -1.99
N VAL B 205 -13.59 -27.36 -2.36
CA VAL B 205 -14.01 -27.25 -3.76
C VAL B 205 -14.09 -25.77 -4.09
N ASP B 206 -13.18 -25.31 -4.95
CA ASP B 206 -13.09 -23.90 -5.34
C ASP B 206 -13.63 -23.60 -6.75
N GLY B 207 -14.35 -24.57 -7.33
CA GLY B 207 -14.93 -24.41 -8.66
C GLY B 207 -15.89 -25.53 -9.00
N THR B 208 -16.70 -25.32 -10.04
CA THR B 208 -17.67 -26.31 -10.49
C THR B 208 -16.99 -27.32 -11.43
N GLY B 209 -17.63 -28.47 -11.62
CA GLY B 209 -17.14 -29.49 -12.56
C GLY B 209 -16.13 -30.49 -12.01
N PHE B 210 -16.01 -30.57 -10.68
CA PHE B 210 -15.10 -31.52 -10.03
C PHE B 210 -15.54 -32.98 -10.22
N GLY B 211 -16.84 -33.19 -10.40
CA GLY B 211 -17.40 -34.53 -10.66
C GLY B 211 -16.77 -35.26 -11.83
N GLY B 212 -16.48 -34.52 -12.90
CA GLY B 212 -15.91 -35.11 -14.11
C GLY B 212 -14.44 -35.52 -14.05
N ILE B 213 -13.72 -35.12 -12.99
CA ILE B 213 -12.26 -35.33 -12.91
C ILE B 213 -11.95 -36.83 -13.05
N GLY B 214 -11.09 -37.15 -14.01
CA GLY B 214 -10.84 -38.52 -14.44
C GLY B 214 -11.26 -38.79 -15.87
N LEU B 215 -12.17 -37.98 -16.42
CA LEU B 215 -12.61 -38.10 -17.82
C LEU B 215 -11.45 -37.76 -18.74
N PRO B 216 -11.12 -38.66 -19.71
CA PRO B 216 -9.97 -38.42 -20.59
C PRO B 216 -10.24 -37.35 -21.65
N GLY B 217 -9.24 -36.50 -21.90
CA GLY B 217 -9.38 -35.34 -22.80
C GLY B 217 -8.71 -35.42 -24.17
N ASP B 218 -7.84 -36.42 -24.36
CA ASP B 218 -7.11 -36.59 -25.63
C ASP B 218 -8.01 -37.09 -26.76
N VAL B 219 -7.45 -37.16 -27.97
CA VAL B 219 -8.20 -37.57 -29.17
C VAL B 219 -7.85 -38.98 -29.67
N SER B 220 -7.39 -39.86 -28.78
CA SER B 220 -7.26 -41.29 -29.10
C SER B 220 -8.67 -41.88 -29.17
N PRO B 221 -8.86 -42.93 -30.00
CA PRO B 221 -10.20 -43.51 -30.18
C PRO B 221 -10.91 -43.95 -28.89
N GLU B 222 -10.16 -44.51 -27.94
CA GLU B 222 -10.74 -44.95 -26.65
C GLU B 222 -11.19 -43.77 -25.79
N SER B 223 -10.33 -42.77 -25.67
CA SER B 223 -10.65 -41.55 -24.91
C SER B 223 -11.86 -40.80 -25.49
N ARG B 224 -11.96 -40.77 -26.82
CA ARG B 224 -13.12 -40.19 -27.50
C ARG B 224 -14.39 -41.01 -27.32
N PHE B 225 -14.27 -42.34 -27.28
CA PHE B 225 -15.41 -43.22 -26.98
C PHE B 225 -15.97 -42.92 -25.59
N VAL B 226 -15.09 -42.75 -24.61
CA VAL B 226 -15.49 -42.47 -23.22
C VAL B 226 -16.08 -41.06 -23.09
N ARG B 227 -15.41 -40.07 -23.69
CA ARG B 227 -15.84 -38.67 -23.60
C ARG B 227 -17.17 -38.41 -24.32
N ALA B 228 -17.32 -39.00 -25.51
CA ALA B 228 -18.58 -38.92 -26.26
C ALA B 228 -19.75 -39.57 -25.52
N THR B 229 -19.49 -40.74 -24.91
CA THR B 229 -20.51 -41.46 -24.13
C THR B 229 -20.97 -40.65 -22.93
N PHE B 230 -20.02 -40.10 -22.17
CA PHE B 230 -20.31 -39.27 -21.00
C PHE B 230 -21.07 -37.99 -21.39
N SER B 231 -20.63 -37.35 -22.47
CA SER B 231 -21.26 -36.13 -22.96
C SER B 231 -22.66 -36.36 -23.51
N LYS B 232 -22.83 -37.42 -24.32
CA LYS B 232 -24.12 -37.74 -24.94
C LYS B 232 -25.16 -38.19 -23.90
N LEU B 233 -24.80 -39.18 -23.09
CA LEU B 233 -25.75 -39.75 -22.12
C LEU B 233 -26.25 -38.76 -21.07
N ASN B 234 -25.39 -37.83 -20.66
CA ASN B 234 -25.75 -36.78 -19.68
C ASN B 234 -26.27 -35.47 -20.29
N SER B 235 -26.25 -35.33 -21.62
CA SER B 235 -26.66 -34.08 -22.27
C SER B 235 -28.13 -33.77 -21.98
N SER B 236 -28.43 -32.49 -21.75
CA SER B 236 -29.77 -32.06 -21.37
C SER B 236 -30.75 -32.24 -22.53
N LYS B 237 -31.99 -32.55 -22.19
CA LYS B 237 -33.06 -32.71 -23.18
C LYS B 237 -33.48 -31.35 -23.70
N GLY B 238 -33.64 -31.25 -25.02
CA GLY B 238 -34.10 -30.02 -25.66
C GLY B 238 -35.62 -29.96 -25.73
N MET B 239 -36.14 -28.74 -25.88
CA MET B 239 -37.59 -28.51 -25.99
C MET B 239 -38.11 -28.70 -27.41
N THR B 240 -37.25 -28.51 -28.41
CA THR B 240 -37.62 -28.59 -29.83
C THR B 240 -36.60 -29.39 -30.62
N VAL B 241 -36.91 -29.64 -31.90
CA VAL B 241 -35.99 -30.32 -32.83
C VAL B 241 -34.74 -29.48 -33.09
N GLU B 242 -34.89 -28.16 -33.20
CA GLU B 242 -33.74 -27.26 -33.36
C GLU B 242 -32.78 -27.35 -32.17
N GLU B 243 -33.33 -27.31 -30.96
CA GLU B 243 -32.52 -27.43 -29.74
C GLU B 243 -31.81 -28.79 -29.66
N ASP B 244 -32.48 -29.85 -30.14
CA ASP B 244 -31.86 -31.17 -30.27
C ASP B 244 -30.68 -31.17 -31.24
N ILE B 245 -30.86 -30.55 -32.41
CA ILE B 245 -29.80 -30.49 -33.43
C ILE B 245 -28.63 -29.66 -32.91
N THR B 246 -28.94 -28.52 -32.31
CA THR B 246 -27.93 -27.68 -31.64
C THR B 246 -27.13 -28.51 -30.62
N GLN B 247 -27.84 -29.19 -29.73
CA GLN B 247 -27.23 -30.07 -28.72
C GLN B 247 -26.41 -31.20 -29.34
N PHE B 248 -26.90 -31.77 -30.44
CA PHE B 248 -26.20 -32.84 -31.16
C PHE B 248 -24.81 -32.39 -31.63
N PHE B 249 -24.73 -31.20 -32.21
CA PHE B 249 -23.45 -30.64 -32.69
C PHE B 249 -22.51 -30.26 -31.55
N HIS B 250 -23.06 -29.85 -30.41
CA HIS B 250 -22.26 -29.64 -29.18
C HIS B 250 -21.62 -30.94 -28.69
N ILE B 251 -22.38 -32.05 -28.77
CA ILE B 251 -21.89 -33.37 -28.36
C ILE B 251 -20.73 -33.85 -29.24
N LEU B 252 -20.89 -33.71 -30.55
CA LEU B 252 -19.81 -34.02 -31.50
C LEU B 252 -18.60 -33.09 -31.34
N GLY B 253 -18.87 -31.84 -30.94
CA GLY B 253 -17.81 -30.87 -30.62
C GLY B 253 -16.92 -31.23 -29.43
N THR B 254 -17.43 -32.04 -28.51
CA THR B 254 -16.66 -32.49 -27.33
C THR B 254 -15.53 -33.46 -27.70
N VAL B 255 -15.68 -34.19 -28.81
CA VAL B 255 -14.67 -35.14 -29.30
C VAL B 255 -14.14 -34.77 -30.69
N GLU B 256 -14.25 -33.50 -31.04
CA GLU B 256 -13.69 -32.98 -32.29
C GLU B 256 -12.16 -32.93 -32.19
N GLN B 257 -11.50 -33.12 -33.33
CA GLN B 257 -10.05 -33.01 -33.44
C GLN B 257 -9.70 -31.72 -34.17
N ILE B 258 -8.99 -30.84 -33.50
CA ILE B 258 -8.53 -29.58 -34.09
C ILE B 258 -7.16 -29.82 -34.74
N LYS B 259 -6.81 -29.00 -35.72
CA LYS B 259 -5.51 -29.10 -36.40
C LYS B 259 -4.37 -28.76 -35.44
N GLY B 260 -3.42 -29.68 -35.29
CA GLY B 260 -2.22 -29.44 -34.48
C GLY B 260 -1.98 -30.46 -33.37
N VAL B 261 -3.06 -30.92 -32.75
CA VAL B 261 -2.97 -31.80 -31.57
C VAL B 261 -2.75 -33.30 -31.85
N ASN B 262 -2.96 -33.73 -33.10
CA ASN B 262 -2.84 -35.13 -33.49
C ASN B 262 -2.11 -35.25 -34.82
N LYS B 263 -0.78 -35.37 -34.74
CA LYS B 263 0.07 -35.49 -35.92
C LYS B 263 0.29 -36.98 -36.22
N THR B 264 -0.01 -37.37 -37.46
CA THR B 264 0.09 -38.77 -37.89
C THR B 264 1.56 -39.16 -38.16
N GLU B 265 1.78 -40.40 -38.59
CA GLU B 265 3.13 -40.92 -38.86
C GLU B 265 3.74 -40.27 -40.11
N SER B 266 2.90 -39.93 -41.09
CA SER B 266 3.32 -39.15 -42.26
C SER B 266 3.66 -37.68 -41.95
N GLY B 267 3.34 -37.22 -40.73
CA GLY B 267 3.59 -35.84 -40.32
C GLY B 267 2.42 -34.90 -40.61
N LYS B 268 1.30 -35.45 -41.09
CA LYS B 268 0.09 -34.65 -41.35
C LYS B 268 -0.76 -34.55 -40.10
N GLU B 269 -1.53 -33.47 -40.00
CA GLU B 269 -2.37 -33.19 -38.83
C GLU B 269 -3.76 -33.76 -39.03
N GLU B 270 -4.16 -34.70 -38.17
CA GLU B 270 -5.52 -35.24 -38.18
C GLU B 270 -6.50 -34.20 -37.61
N TYR B 271 -7.62 -34.00 -38.30
CA TYR B 271 -8.65 -33.05 -37.86
C TYR B 271 -10.05 -33.46 -38.31
N THR B 272 -11.05 -32.95 -37.60
CA THR B 272 -12.45 -33.23 -37.90
C THR B 272 -12.86 -32.53 -39.20
N VAL B 273 -12.82 -33.26 -40.31
CA VAL B 273 -13.07 -32.72 -41.65
C VAL B 273 -14.50 -32.19 -41.77
N TYR B 274 -15.47 -33.01 -41.33
CA TYR B 274 -16.85 -32.56 -41.21
C TYR B 274 -17.56 -33.23 -40.04
N SER B 275 -18.63 -32.60 -39.59
CA SER B 275 -19.54 -33.14 -38.59
C SER B 275 -20.93 -33.08 -39.18
N ASN B 276 -21.72 -34.14 -39.01
CA ASN B 276 -23.10 -34.13 -39.49
C ASN B 276 -24.09 -34.75 -38.52
N CYS B 277 -25.37 -34.43 -38.74
CA CYS B 277 -26.48 -34.91 -37.93
C CYS B 277 -27.67 -35.15 -38.86
N TYR B 278 -28.12 -36.40 -38.93
CA TYR B 278 -29.31 -36.76 -39.71
C TYR B 278 -30.51 -36.79 -38.78
N ASP B 279 -31.53 -35.97 -39.10
CA ASP B 279 -32.85 -36.13 -38.48
C ASP B 279 -33.53 -37.31 -39.18
N LEU B 280 -33.65 -38.43 -38.48
CA LEU B 280 -34.15 -39.68 -39.07
C LEU B 280 -35.65 -39.67 -39.37
N ASP B 281 -36.44 -39.05 -38.50
CA ASP B 281 -37.90 -38.95 -38.71
C ASP B 281 -38.25 -37.99 -39.85
N ASN B 282 -37.48 -36.92 -40.00
CA ASN B 282 -37.72 -35.91 -41.05
C ASN B 282 -36.82 -36.06 -42.29
N LYS B 283 -35.90 -37.04 -42.27
CA LYS B 283 -35.07 -37.38 -43.43
C LYS B 283 -34.20 -36.19 -43.90
N THR B 284 -33.64 -35.46 -42.94
CA THR B 284 -32.89 -34.23 -43.22
C THR B 284 -31.45 -34.34 -42.73
N LEU B 285 -30.50 -34.08 -43.63
CA LEU B 285 -29.07 -34.05 -43.30
C LEU B 285 -28.66 -32.63 -42.92
N TYR B 286 -28.10 -32.48 -41.72
CA TYR B 286 -27.47 -31.23 -41.28
C TYR B 286 -25.97 -31.50 -41.19
N TYR B 287 -25.14 -30.54 -41.61
CA TYR B 287 -23.69 -30.70 -41.51
C TYR B 287 -22.91 -29.40 -41.35
N THR B 288 -21.71 -29.54 -40.79
CA THR B 288 -20.73 -28.47 -40.70
C THR B 288 -19.39 -29.04 -41.17
N THR B 289 -18.48 -28.14 -41.57
CA THR B 289 -17.13 -28.52 -41.97
C THR B 289 -16.14 -27.87 -41.00
N TYR B 290 -14.88 -28.24 -41.11
CA TYR B 290 -13.82 -27.60 -40.32
C TYR B 290 -13.70 -26.10 -40.63
N GLU B 291 -13.97 -25.75 -41.88
CA GLU B 291 -13.79 -24.37 -42.38
C GLU B 291 -15.04 -23.49 -42.20
N ASN B 292 -16.21 -24.10 -42.03
CA ASN B 292 -17.47 -23.36 -41.90
C ASN B 292 -18.28 -23.87 -40.72
N ARG B 293 -18.50 -22.99 -39.74
CA ARG B 293 -19.24 -23.33 -38.53
C ARG B 293 -20.75 -23.40 -38.76
N GLN B 294 -21.26 -22.60 -39.69
CA GLN B 294 -22.71 -22.56 -39.94
C GLN B 294 -23.22 -23.89 -40.47
N ILE B 295 -24.34 -24.33 -39.92
CA ILE B 295 -24.97 -25.59 -40.30
C ILE B 295 -25.64 -25.45 -41.67
N VAL B 296 -25.40 -26.42 -42.54
CA VAL B 296 -26.09 -26.52 -43.83
C VAL B 296 -27.07 -27.68 -43.75
N ALA B 297 -28.28 -27.48 -44.27
CA ALA B 297 -29.34 -28.49 -44.23
C ALA B 297 -29.82 -28.84 -45.64
N VAL B 298 -30.09 -30.13 -45.85
CA VAL B 298 -30.71 -30.61 -47.09
C VAL B 298 -31.62 -31.80 -46.78
N THR B 299 -32.89 -31.67 -47.15
CA THR B 299 -33.90 -32.70 -46.91
C THR B 299 -34.00 -33.65 -48.11
N LEU B 300 -34.04 -34.95 -47.83
CA LEU B 300 -34.41 -35.94 -48.83
C LEU B 300 -35.93 -35.95 -48.91
N ASN B 301 -36.46 -35.37 -49.99
CA ASN B 301 -37.91 -35.23 -50.13
C ASN B 301 -38.51 -36.42 -50.85
N LYS B 302 -39.71 -36.81 -50.43
CA LYS B 302 -40.44 -37.93 -51.01
C LYS B 302 -40.93 -37.57 -52.41
N ASP B 303 -39.99 -37.58 -53.35
CA ASP B 303 -40.25 -37.37 -54.76
C ASP B 303 -39.62 -38.56 -55.47
N LYS B 304 -40.32 -39.11 -56.45
CA LYS B 304 -39.76 -40.17 -57.30
C LYS B 304 -38.70 -39.45 -58.14
N ASP B 305 -37.49 -39.39 -57.61
CA ASP B 305 -36.47 -38.43 -58.09
C ASP B 305 -36.13 -38.68 -59.55
N GLY B 306 -35.74 -39.93 -59.85
CA GLY B 306 -35.43 -40.34 -61.21
C GLY B 306 -34.30 -41.35 -61.27
N ASN B 307 -33.29 -41.05 -62.08
CA ASN B 307 -32.30 -42.04 -62.51
C ASN B 307 -30.86 -41.76 -62.05
N ARG B 308 -30.48 -40.48 -61.94
CA ARG B 308 -29.09 -40.08 -61.81
C ARG B 308 -28.76 -39.57 -60.41
N LEU B 309 -27.49 -39.67 -60.03
CA LEU B 309 -27.00 -39.15 -58.76
C LEU B 309 -27.10 -37.62 -58.73
N VAL B 310 -27.64 -37.09 -57.63
CA VAL B 310 -27.76 -35.64 -57.42
C VAL B 310 -26.76 -35.26 -56.32
N THR B 311 -25.94 -34.24 -56.60
CA THR B 311 -24.87 -33.82 -55.70
C THR B 311 -24.99 -32.35 -55.29
N TYR B 312 -24.63 -32.07 -54.04
CA TYR B 312 -24.47 -30.70 -53.52
C TYR B 312 -23.07 -30.61 -52.89
N PRO B 313 -22.12 -29.94 -53.56
CA PRO B 313 -20.77 -29.80 -52.99
C PRO B 313 -20.69 -29.03 -51.67
N PHE B 314 -19.77 -29.46 -50.81
CA PHE B 314 -19.44 -28.74 -49.57
C PHE B 314 -18.72 -27.45 -49.91
N GLU B 315 -19.13 -26.35 -49.26
CA GLU B 315 -18.46 -25.06 -49.40
C GLU B 315 -17.59 -24.86 -48.16
N ARG B 316 -16.28 -24.89 -48.36
CA ARG B 316 -15.30 -24.83 -47.26
C ARG B 316 -14.80 -23.40 -47.05
N LYS B 317 -15.74 -22.50 -46.76
CA LYS B 317 -15.43 -21.13 -46.39
C LYS B 317 -16.33 -20.71 -45.22
N GLN B 318 -15.73 -19.99 -44.26
CA GLN B 318 -16.43 -19.54 -43.07
C GLN B 318 -17.47 -18.48 -43.42
N ILE B 319 -18.76 -18.83 -43.25
CA ILE B 319 -19.86 -17.93 -43.55
C ILE B 319 -20.15 -17.08 -42.32
N ILE B 320 -19.61 -15.86 -42.31
CA ILE B 320 -19.69 -14.95 -41.18
C ILE B 320 -20.82 -13.94 -41.40
N ASN B 321 -21.66 -13.74 -40.38
CA ASN B 321 -22.72 -12.74 -40.40
C ASN B 321 -22.14 -11.40 -39.97
N LYS B 322 -21.82 -10.55 -40.95
CA LYS B 322 -21.19 -9.26 -40.68
C LYS B 322 -22.25 -8.18 -40.46
N LEU B 323 -22.39 -7.74 -39.20
CA LEU B 323 -23.33 -6.65 -38.84
C LEU B 323 -22.79 -5.25 -39.15
N ASN B 324 -21.50 -5.14 -39.54
CA ASN B 324 -20.80 -3.86 -39.73
C ASN B 324 -20.70 -3.08 -38.43
N THR C 3 9.45 -39.67 2.12
CA THR C 3 8.09 -39.48 2.66
C THR C 3 8.14 -39.66 4.17
N ALA C 4 7.71 -38.64 4.90
CA ALA C 4 7.61 -38.71 6.37
C ALA C 4 6.15 -38.66 6.78
N ILE C 5 5.77 -39.52 7.73
CA ILE C 5 4.39 -39.62 8.20
C ILE C 5 4.32 -39.63 9.72
N THR C 6 3.14 -39.31 10.25
CA THR C 6 2.80 -39.56 11.65
C THR C 6 1.65 -40.57 11.67
N LEU C 7 1.42 -41.17 12.84
CA LEU C 7 0.27 -42.06 13.04
C LEU C 7 -0.10 -42.06 14.51
N ASN C 8 -1.40 -42.02 14.79
CA ASN C 8 -1.92 -42.03 16.15
C ASN C 8 -2.80 -43.26 16.32
N GLY C 9 -2.40 -44.15 17.24
CA GLY C 9 -3.11 -45.41 17.49
C GLY C 9 -3.12 -45.73 18.98
N ASN C 10 -2.71 -46.94 19.32
CA ASN C 10 -2.54 -47.36 20.72
C ASN C 10 -1.35 -46.64 21.36
N SER C 11 -0.33 -46.37 20.56
CA SER C 11 0.70 -45.39 20.88
C SER C 11 0.70 -44.32 19.77
N ASN C 12 1.72 -43.47 19.74
CA ASN C 12 1.81 -42.40 18.74
C ASN C 12 3.16 -42.47 18.04
N TYR C 13 3.14 -42.34 16.71
CA TYR C 13 4.28 -42.69 15.87
C TYR C 13 4.70 -41.58 14.93
N PHE C 14 5.92 -41.71 14.42
CA PHE C 14 6.56 -40.73 13.55
C PHE C 14 7.69 -41.47 12.85
N GLY C 15 7.86 -41.20 11.56
CA GLY C 15 8.84 -41.96 10.78
C GLY C 15 8.90 -41.52 9.34
N ARG C 16 9.84 -42.09 8.59
CA ARG C 16 10.05 -41.69 7.20
C ARG C 16 10.70 -42.77 6.34
N ASN C 17 10.46 -42.67 5.03
CA ASN C 17 11.29 -43.33 4.03
C ASN C 17 12.41 -42.38 3.65
N LEU C 18 13.64 -42.90 3.58
CA LEU C 18 14.75 -42.16 2.99
C LEU C 18 14.99 -42.70 1.58
N ASP C 19 14.63 -41.90 0.58
CA ASP C 19 14.81 -42.27 -0.83
C ASP C 19 16.01 -41.55 -1.43
N LEU C 20 17.05 -42.32 -1.78
CA LEU C 20 18.28 -41.77 -2.36
C LEU C 20 18.80 -42.67 -3.47
N ASP C 21 19.73 -42.12 -4.26
CA ASP C 21 20.43 -42.89 -5.30
C ASP C 21 21.51 -43.79 -4.70
N PHE C 22 22.13 -43.35 -3.60
CA PHE C 22 23.09 -44.16 -2.85
C PHE C 22 22.83 -44.04 -1.35
N SER C 23 23.24 -45.06 -0.60
CA SER C 23 23.37 -44.95 0.85
C SER C 23 24.55 -44.03 1.16
N TYR C 24 24.54 -43.41 2.33
CA TYR C 24 25.65 -42.55 2.79
C TYR C 24 26.37 -43.14 4.00
N GLY C 25 26.22 -44.44 4.23
CA GLY C 25 26.75 -45.10 5.43
C GLY C 25 26.02 -44.72 6.70
N GLU C 26 24.75 -44.36 6.55
CA GLU C 26 23.88 -44.02 7.68
C GLU C 26 23.77 -45.15 8.70
N GLU C 27 23.55 -44.76 9.96
CA GLU C 27 23.51 -45.70 11.09
C GLU C 27 22.67 -45.11 12.21
N VAL C 28 22.39 -45.94 13.21
CA VAL C 28 21.70 -45.46 14.42
C VAL C 28 22.72 -44.65 15.20
N ILE C 29 22.33 -43.47 15.66
CA ILE C 29 23.17 -42.61 16.50
C ILE C 29 22.35 -42.17 17.70
N ILE C 30 22.85 -42.49 18.90
CA ILE C 30 22.29 -41.95 20.14
C ILE C 30 23.22 -40.83 20.63
N THR C 31 22.66 -39.65 20.83
CA THR C 31 23.37 -38.53 21.44
C THR C 31 22.91 -38.44 22.90
N PRO C 32 23.83 -38.66 23.86
CA PRO C 32 23.43 -38.60 25.26
C PRO C 32 23.30 -37.17 25.78
N ALA C 33 22.75 -37.04 26.98
CA ALA C 33 22.39 -35.73 27.56
C ALA C 33 23.56 -34.75 27.70
N GLU C 34 24.76 -35.27 27.97
CA GLU C 34 25.94 -34.43 28.23
C GLU C 34 27.01 -34.45 27.12
N TYR C 35 26.66 -34.93 25.93
CA TYR C 35 27.46 -34.67 24.73
C TYR C 35 27.34 -33.18 24.43
N GLU C 36 28.47 -32.49 24.29
CA GLU C 36 28.45 -31.05 24.03
C GLU C 36 28.10 -30.75 22.58
N PHE C 37 26.98 -30.03 22.39
CA PHE C 37 26.59 -29.55 21.07
C PHE C 37 27.24 -28.19 20.81
N LYS C 38 28.14 -28.16 19.81
CA LYS C 38 28.82 -26.93 19.41
C LYS C 38 28.07 -26.33 18.23
N PHE C 39 27.80 -25.03 18.31
CA PHE C 39 27.15 -24.29 17.22
C PHE C 39 28.11 -23.25 16.66
N ARG C 40 28.02 -23.00 15.36
CA ARG C 40 28.96 -22.11 14.66
C ARG C 40 28.85 -20.67 15.16
N LYS C 41 27.62 -20.17 15.29
CA LYS C 41 27.36 -18.78 15.70
C LYS C 41 26.41 -18.65 16.91
N GLU C 42 26.37 -19.67 17.76
CA GLU C 42 25.64 -19.62 19.04
C GLU C 42 26.45 -20.28 20.14
N LYS C 43 26.06 -20.01 21.38
CA LYS C 43 26.72 -20.62 22.54
C LYS C 43 26.48 -22.12 22.58
N ALA C 44 27.50 -22.85 23.03
CA ALA C 44 27.43 -24.30 23.12
C ALA C 44 26.44 -24.74 24.20
N ILE C 45 25.86 -25.92 24.01
CA ILE C 45 24.89 -26.50 24.94
C ILE C 45 25.51 -27.78 25.52
N LYS C 46 25.91 -27.71 26.80
CA LYS C 46 26.55 -28.82 27.49
C LYS C 46 25.55 -29.85 28.00
N ASN C 47 24.41 -29.37 28.50
CA ASN C 47 23.33 -30.23 29.00
C ASN C 47 22.08 -30.02 28.17
N HIS C 48 21.49 -31.12 27.72
CA HIS C 48 20.34 -31.09 26.82
C HIS C 48 19.60 -32.43 26.86
N LYS C 49 18.47 -32.49 26.17
CA LYS C 49 17.72 -33.72 26.00
C LYS C 49 18.48 -34.68 25.09
N SER C 50 18.47 -35.96 25.44
CA SER C 50 19.17 -36.97 24.65
C SER C 50 18.37 -37.32 23.42
N LEU C 51 19.06 -37.75 22.37
CA LEU C 51 18.45 -38.07 21.09
C LEU C 51 18.75 -39.51 20.69
N ILE C 52 17.83 -40.10 19.93
CA ILE C 52 18.09 -41.31 19.16
C ILE C 52 17.57 -41.04 17.75
N GLY C 53 18.35 -41.40 16.75
CA GLY C 53 17.97 -41.18 15.37
C GLY C 53 18.86 -41.88 14.38
N VAL C 54 18.71 -41.51 13.11
CA VAL C 54 19.46 -42.09 12.01
C VAL C 54 20.27 -41.00 11.33
N GLY C 55 21.53 -41.28 11.02
CA GLY C 55 22.38 -40.35 10.30
C GLY C 55 23.81 -40.85 10.19
N ILE C 56 24.73 -39.93 9.92
CA ILE C 56 26.16 -40.23 9.89
C ILE C 56 26.89 -39.42 10.95
N VAL C 57 28.03 -39.95 11.40
CA VAL C 57 28.93 -39.23 12.30
C VAL C 57 30.13 -38.75 11.49
N ALA C 58 30.39 -37.45 11.55
CA ALA C 58 31.57 -36.83 10.92
C ALA C 58 32.23 -35.91 11.92
N ASN C 59 33.54 -36.09 12.13
CA ASN C 59 34.33 -35.29 13.09
C ASN C 59 33.70 -35.27 14.50
N ASP C 60 33.24 -36.43 14.95
CA ASP C 60 32.56 -36.59 16.23
C ASP C 60 31.29 -35.74 16.39
N TYR C 61 30.60 -35.47 15.27
CA TYR C 61 29.35 -34.69 15.28
C TYR C 61 28.23 -35.50 14.63
N PRO C 62 27.07 -35.63 15.32
CA PRO C 62 25.96 -36.40 14.76
C PRO C 62 25.18 -35.62 13.70
N LEU C 63 25.35 -36.00 12.44
CA LEU C 63 24.61 -35.40 11.32
C LEU C 63 23.34 -36.20 11.05
N TYR C 64 22.27 -35.84 11.75
CA TYR C 64 21.01 -36.60 11.71
C TYR C 64 20.21 -36.38 10.43
N PHE C 65 19.64 -37.47 9.92
CA PHE C 65 18.63 -37.41 8.86
C PHE C 65 17.27 -37.19 9.53
N ASP C 66 17.02 -37.97 10.58
CA ASP C 66 15.83 -37.84 11.42
C ASP C 66 16.14 -38.36 12.82
N ALA C 67 15.36 -37.91 13.80
CA ALA C 67 15.58 -38.30 15.19
C ALA C 67 14.37 -37.97 16.06
N ILE C 68 14.35 -38.56 17.25
CA ILE C 68 13.46 -38.14 18.33
C ILE C 68 14.30 -37.82 19.56
N ASN C 69 13.69 -37.20 20.55
CA ASN C 69 14.34 -36.95 21.84
C ASN C 69 13.67 -37.76 22.95
N GLU C 70 14.18 -37.63 24.17
CA GLU C 70 13.66 -38.37 25.34
C GLU C 70 12.20 -38.05 25.73
N ASP C 71 11.67 -36.92 25.25
CA ASP C 71 10.26 -36.56 25.47
C ASP C 71 9.31 -36.98 24.34
N GLY C 72 9.83 -37.64 23.31
CA GLY C 72 9.02 -38.08 22.17
C GLY C 72 8.67 -36.99 21.16
N LEU C 73 9.48 -35.94 21.09
CA LEU C 73 9.40 -34.96 20.01
C LEU C 73 10.31 -35.44 18.89
N GLY C 74 9.79 -35.46 17.67
CA GLY C 74 10.51 -35.96 16.49
C GLY C 74 10.76 -34.86 15.47
N MET C 75 11.77 -35.07 14.63
CA MET C 75 12.12 -34.13 13.57
C MET C 75 12.88 -34.83 12.45
N ALA C 76 12.44 -34.62 11.21
CA ALA C 76 13.04 -35.25 10.02
C ALA C 76 13.36 -34.22 8.95
N GLY C 77 14.56 -34.30 8.39
CA GLY C 77 14.96 -33.47 7.25
C GLY C 77 14.74 -34.21 5.95
N LEU C 78 13.90 -33.63 5.08
CA LEU C 78 13.57 -34.22 3.78
C LEU C 78 14.06 -33.29 2.67
N ASN C 79 14.35 -33.86 1.49
CA ASN C 79 14.90 -33.09 0.38
C ASN C 79 13.92 -32.06 -0.15
N PHE C 80 14.46 -30.88 -0.48
CA PHE C 80 13.67 -29.72 -0.86
C PHE C 80 14.52 -28.86 -1.81
N PRO C 81 14.99 -29.46 -2.93
CA PRO C 81 16.00 -28.83 -3.78
C PRO C 81 15.50 -27.58 -4.50
N GLY C 82 16.25 -26.49 -4.39
CA GLY C 82 15.92 -25.22 -5.04
C GLY C 82 15.06 -24.29 -4.21
N ASN C 83 14.03 -24.84 -3.57
CA ASN C 83 13.10 -24.04 -2.75
C ASN C 83 13.69 -23.60 -1.41
N ALA C 84 14.55 -24.42 -0.81
CA ALA C 84 15.24 -24.04 0.43
C ALA C 84 16.22 -22.90 0.18
N TYR C 85 16.12 -21.85 0.99
CA TYR C 85 17.05 -20.71 0.94
C TYR C 85 17.64 -20.50 2.33
N TYR C 86 18.96 -20.59 2.43
CA TYR C 86 19.68 -20.34 3.68
C TYR C 86 20.35 -18.96 3.62
N SER C 87 20.30 -18.24 4.74
CA SER C 87 20.70 -16.83 4.79
C SER C 87 22.20 -16.64 4.74
N ASP C 88 22.65 -15.63 3.98
CA ASP C 88 24.07 -15.31 3.85
C ASP C 88 24.63 -14.45 4.99
N ALA C 89 23.75 -13.82 5.78
CA ALA C 89 24.14 -12.96 6.89
C ALA C 89 23.40 -13.32 8.16
N LEU C 90 23.95 -12.86 9.29
CA LEU C 90 23.29 -12.99 10.59
C LEU C 90 22.12 -12.01 10.66
N GLU C 91 21.08 -12.40 11.38
CA GLU C 91 19.87 -11.59 11.49
C GLU C 91 19.73 -11.07 12.93
N ASN C 92 19.16 -9.88 13.06
CA ASN C 92 18.98 -9.22 14.36
C ASN C 92 17.82 -9.86 15.12
N ASP C 93 18.01 -10.05 16.43
CA ASP C 93 17.00 -10.67 17.32
C ASP C 93 16.62 -12.09 16.87
N LYS C 94 17.60 -12.82 16.35
CA LYS C 94 17.40 -14.19 15.86
C LYS C 94 18.53 -15.10 16.30
N ASP C 95 18.20 -16.37 16.56
CA ASP C 95 19.20 -17.41 16.76
C ASP C 95 19.68 -17.87 15.40
N ASN C 96 20.96 -17.65 15.11
CA ASN C 96 21.56 -18.01 13.82
C ASN C 96 22.09 -19.44 13.89
N ILE C 97 21.40 -20.35 13.20
CA ILE C 97 21.63 -21.80 13.32
C ILE C 97 21.78 -22.40 11.92
N THR C 98 22.71 -23.34 11.76
CA THR C 98 22.96 -23.98 10.45
C THR C 98 21.90 -25.06 10.22
N PRO C 99 21.66 -25.45 8.95
CA PRO C 99 20.71 -26.54 8.67
C PRO C 99 21.07 -27.89 9.31
N PHE C 100 22.36 -28.21 9.37
CA PHE C 100 22.82 -29.44 10.06
C PHE C 100 22.73 -29.36 11.60
N GLU C 101 22.76 -28.15 12.14
CA GLU C 101 22.52 -27.91 13.59
C GLU C 101 21.04 -27.83 13.97
N PHE C 102 20.15 -27.78 12.99
CA PHE C 102 18.73 -27.51 13.22
C PHE C 102 18.05 -28.59 14.06
N ILE C 103 18.36 -29.86 13.77
CA ILE C 103 17.81 -30.98 14.54
C ILE C 103 18.31 -31.00 16.00
N PRO C 104 19.64 -30.86 16.22
CA PRO C 104 20.14 -30.69 17.60
C PRO C 104 19.58 -29.46 18.34
N TRP C 105 19.43 -28.34 17.62
CA TRP C 105 18.92 -27.10 18.20
C TRP C 105 17.49 -27.25 18.74
N ILE C 106 16.62 -27.88 17.96
CA ILE C 106 15.22 -28.09 18.35
C ILE C 106 15.07 -29.24 19.34
N LEU C 107 15.51 -30.43 18.96
CA LEU C 107 15.29 -31.64 19.76
C LEU C 107 16.07 -31.68 21.08
N GLY C 108 17.20 -30.97 21.14
CA GLY C 108 17.95 -30.82 22.38
C GLY C 108 17.26 -29.97 23.43
N GLN C 109 16.45 -29.00 22.99
CA GLN C 109 15.86 -27.99 23.89
C GLN C 109 14.33 -28.02 24.04
N CYS C 110 13.61 -28.63 23.08
CA CYS C 110 12.14 -28.61 23.07
C CYS C 110 11.55 -29.98 23.40
N SER C 111 10.43 -29.97 24.14
CA SER C 111 9.75 -31.21 24.57
C SER C 111 8.46 -31.51 23.79
N ASP C 112 7.90 -30.51 23.09
CA ASP C 112 6.69 -30.69 22.29
C ASP C 112 6.68 -29.71 21.10
N VAL C 113 5.67 -29.84 20.24
CA VAL C 113 5.58 -29.02 19.01
C VAL C 113 5.39 -27.52 19.32
N ASN C 114 4.65 -27.19 20.37
CA ASN C 114 4.47 -25.79 20.80
C ASN C 114 5.79 -25.10 21.09
N GLU C 115 6.65 -25.75 21.87
CA GLU C 115 8.00 -25.23 22.15
C GLU C 115 8.89 -25.20 20.92
N ALA C 116 8.79 -26.22 20.07
CA ALA C 116 9.51 -26.26 18.80
C ALA C 116 9.11 -25.08 17.91
N ARG C 117 7.80 -24.85 17.78
CA ARG C 117 7.27 -23.71 17.01
C ARG C 117 7.80 -22.37 17.50
N ASN C 118 7.74 -22.15 18.81
CA ASN C 118 8.21 -20.90 19.42
C ASN C 118 9.69 -20.64 19.15
N LEU C 119 10.49 -21.70 19.16
CA LEU C 119 11.93 -21.59 18.88
C LEU C 119 12.22 -21.36 17.40
N VAL C 120 11.47 -22.02 16.51
CA VAL C 120 11.61 -21.82 15.06
C VAL C 120 11.16 -20.41 14.64
N GLU C 121 10.23 -19.81 15.38
CA GLU C 121 9.81 -18.41 15.15
C GLU C 121 10.95 -17.39 15.32
N LYS C 122 11.90 -17.70 16.21
CA LYS C 122 13.07 -16.83 16.45
C LYS C 122 14.32 -17.26 15.65
N ILE C 123 14.21 -18.26 14.78
CA ILE C 123 15.39 -18.84 14.14
C ILE C 123 15.75 -18.11 12.85
N ASN C 124 17.03 -18.19 12.49
CA ASN C 124 17.54 -17.75 11.21
C ASN C 124 18.48 -18.83 10.70
N LEU C 125 18.09 -19.53 9.63
CA LEU C 125 18.93 -20.59 9.07
C LEU C 125 20.00 -19.98 8.18
N ILE C 126 21.26 -20.21 8.53
CA ILE C 126 22.40 -19.55 7.89
C ILE C 126 23.17 -20.50 6.97
N ASN C 127 23.78 -19.93 5.93
CA ASN C 127 24.39 -20.71 4.84
C ASN C 127 25.86 -21.03 5.13
N LEU C 128 26.07 -21.87 6.14
CA LEU C 128 27.39 -22.40 6.47
C LEU C 128 27.34 -23.91 6.37
N SER C 129 28.20 -24.47 5.52
CA SER C 129 28.30 -25.92 5.35
C SER C 129 29.05 -26.54 6.53
N PHE C 130 28.83 -27.84 6.72
CA PHE C 130 29.55 -28.60 7.74
C PHE C 130 31.05 -28.67 7.39
N SER C 131 31.33 -28.99 6.13
CA SER C 131 32.70 -29.07 5.62
C SER C 131 32.71 -28.98 4.09
N GLU C 132 33.92 -28.97 3.51
CA GLU C 132 34.10 -29.03 2.05
C GLU C 132 33.48 -30.29 1.44
N GLN C 133 33.80 -31.44 2.04
N GLN C 133 33.80 -31.44 2.04
CA GLN C 133 33.31 -32.74 1.57
CA GLN C 133 33.31 -32.74 1.56
C GLN C 133 31.81 -32.94 1.80
C GLN C 133 31.80 -32.94 1.80
N LEU C 134 31.24 -32.22 2.77
CA LEU C 134 29.81 -32.30 3.12
C LEU C 134 29.13 -30.93 2.95
N PRO C 135 28.84 -30.52 1.70
CA PRO C 135 28.15 -29.24 1.47
C PRO C 135 26.66 -29.31 1.78
N LEU C 136 26.04 -28.15 1.93
CA LEU C 136 24.62 -28.05 2.27
C LEU C 136 23.72 -28.46 1.11
N ALA C 137 22.69 -29.25 1.43
CA ALA C 137 21.61 -29.57 0.51
C ALA C 137 20.35 -28.83 0.95
N GLY C 138 19.43 -28.63 -0.01
CA GLY C 138 18.15 -28.01 0.27
C GLY C 138 17.24 -28.97 1.01
N LEU C 139 16.75 -28.54 2.18
CA LEU C 139 15.89 -29.38 3.01
C LEU C 139 14.66 -28.60 3.51
N HIS C 140 13.64 -29.36 3.89
CA HIS C 140 12.53 -28.86 4.71
C HIS C 140 12.18 -29.93 5.74
N TRP C 141 11.53 -29.52 6.83
CA TRP C 141 11.42 -30.37 8.02
C TRP C 141 9.98 -30.61 8.45
N LEU C 142 9.75 -31.82 8.96
CA LEU C 142 8.52 -32.17 9.67
C LEU C 142 8.89 -32.33 11.14
N ILE C 143 8.17 -31.63 12.02
CA ILE C 143 8.34 -31.75 13.46
C ILE C 143 7.03 -32.29 14.02
N ALA C 144 7.12 -33.35 14.82
CA ALA C 144 5.92 -34.03 15.35
C ALA C 144 6.12 -34.53 16.77
N ASP C 145 5.07 -34.40 17.59
CA ASP C 145 4.99 -35.06 18.89
C ASP C 145 3.80 -36.05 18.85
N ARG C 146 3.46 -36.62 20.00
CA ARG C 146 2.30 -37.52 20.13
C ARG C 146 0.93 -36.94 19.72
N GLU C 147 0.81 -35.62 19.65
CA GLU C 147 -0.47 -34.93 19.41
C GLU C 147 -0.62 -34.39 17.99
N LYS C 148 0.38 -33.66 17.51
CA LYS C 148 0.28 -32.93 16.24
C LYS C 148 1.64 -32.81 15.55
N SER C 149 1.66 -32.17 14.38
CA SER C 149 2.90 -31.91 13.67
C SER C 149 2.85 -30.61 12.86
N ILE C 150 4.04 -30.03 12.67
CA ILE C 150 4.21 -28.82 11.86
C ILE C 150 5.26 -29.05 10.78
N VAL C 151 5.16 -28.27 9.70
CA VAL C 151 6.15 -28.29 8.62
C VAL C 151 6.89 -26.96 8.64
N VAL C 152 8.22 -27.03 8.54
CA VAL C 152 9.08 -25.84 8.46
C VAL C 152 9.74 -25.81 7.08
N GLU C 153 9.42 -24.77 6.31
CA GLU C 153 10.03 -24.54 5.01
C GLU C 153 10.62 -23.14 4.98
N VAL C 154 11.95 -23.06 4.90
CA VAL C 154 12.68 -21.79 4.88
C VAL C 154 13.04 -21.47 3.42
N THR C 155 12.38 -20.46 2.87
CA THR C 155 12.45 -20.14 1.45
C THR C 155 12.97 -18.71 1.26
N LYS C 156 13.00 -18.23 0.02
CA LYS C 156 13.36 -16.84 -0.29
C LYS C 156 12.49 -15.82 0.45
N SER C 157 11.21 -16.16 0.64
CA SER C 157 10.25 -15.28 1.33
C SER C 157 10.28 -15.35 2.87
N GLY C 158 11.08 -16.24 3.44
CA GLY C 158 11.31 -16.30 4.89
C GLY C 158 11.07 -17.67 5.50
N VAL C 159 11.02 -17.71 6.83
CA VAL C 159 10.77 -18.94 7.60
C VAL C 159 9.27 -19.16 7.72
N HIS C 160 8.78 -20.22 7.07
CA HIS C 160 7.35 -20.56 7.09
C HIS C 160 7.10 -21.77 7.98
N ILE C 161 6.11 -21.67 8.87
CA ILE C 161 5.68 -22.78 9.72
C ILE C 161 4.20 -23.05 9.44
N TYR C 162 3.89 -24.27 9.01
CA TYR C 162 2.51 -24.69 8.73
C TYR C 162 2.09 -25.75 9.74
N ASP C 163 0.85 -25.65 10.24
CA ASP C 163 0.21 -26.76 10.92
C ASP C 163 -0.05 -27.84 9.87
N ASN C 164 0.35 -29.08 10.17
CA ASN C 164 0.15 -30.21 9.27
C ASN C 164 -1.10 -30.97 9.75
N PRO C 165 -2.26 -30.75 9.08
CA PRO C 165 -3.49 -31.41 9.55
C PRO C 165 -3.58 -32.91 9.25
N ILE C 166 -2.69 -33.43 8.41
CA ILE C 166 -2.70 -34.83 7.98
C ILE C 166 -1.46 -35.64 8.35
N GLY C 167 -0.40 -34.98 8.83
CA GLY C 167 0.85 -35.65 9.19
C GLY C 167 1.53 -36.35 8.03
N ILE C 168 1.67 -35.63 6.91
CA ILE C 168 2.33 -36.14 5.70
C ILE C 168 3.27 -35.06 5.17
N LEU C 169 4.45 -35.48 4.69
CA LEU C 169 5.37 -34.59 3.99
C LEU C 169 6.27 -35.41 3.05
N THR C 170 6.46 -34.92 1.83
CA THR C 170 7.40 -35.53 0.88
C THR C 170 8.48 -34.50 0.51
N ASN C 171 8.56 -34.10 -0.76
CA ASN C 171 9.61 -33.20 -1.24
C ASN C 171 8.94 -31.96 -1.85
N ASN C 172 9.42 -31.46 -3.00
CA ASN C 172 8.77 -30.36 -3.71
C ASN C 172 7.42 -30.80 -4.29
N PRO C 173 6.46 -29.88 -4.47
CA PRO C 173 6.52 -28.43 -4.23
C PRO C 173 6.32 -28.05 -2.76
N GLU C 174 6.23 -26.73 -2.51
CA GLU C 174 5.90 -26.17 -1.19
C GLU C 174 4.61 -26.76 -0.60
N PHE C 175 4.47 -26.64 0.72
CA PHE C 175 3.43 -27.37 1.45
C PHE C 175 2.00 -26.94 1.12
N ASN C 176 1.79 -25.65 0.87
CA ASN C 176 0.48 -25.16 0.42
C ASN C 176 0.07 -25.72 -0.95
N TYR C 177 1.06 -26.00 -1.81
CA TYR C 177 0.82 -26.63 -3.11
C TYR C 177 0.48 -28.11 -2.93
N GLN C 178 1.21 -28.79 -2.06
CA GLN C 178 0.94 -30.20 -1.73
C GLN C 178 -0.45 -30.41 -1.15
N MET C 179 -0.84 -29.53 -0.22
CA MET C 179 -2.16 -29.58 0.41
C MET C 179 -3.30 -29.25 -0.55
N TYR C 180 -3.11 -28.22 -1.38
CA TYR C 180 -4.12 -27.88 -2.40
C TYR C 180 -4.30 -29.00 -3.42
N ASN C 181 -3.21 -29.66 -3.79
CA ASN C 181 -3.22 -30.78 -4.75
C ASN C 181 -4.14 -31.95 -4.35
N LEU C 182 -4.35 -32.13 -3.03
CA LEU C 182 -5.28 -33.15 -2.52
C LEU C 182 -6.74 -32.93 -2.90
N ASN C 183 -7.13 -31.68 -3.16
CA ASN C 183 -8.54 -31.31 -3.41
C ASN C 183 -9.18 -32.01 -4.62
N LYS C 184 -8.40 -32.23 -5.68
CA LYS C 184 -8.91 -32.90 -6.88
C LYS C 184 -9.13 -34.42 -6.74
N TYR C 185 -8.72 -35.00 -5.60
CA TYR C 185 -8.92 -36.42 -5.32
C TYR C 185 -10.05 -36.70 -4.30
N ARG C 186 -10.93 -35.73 -4.06
CA ARG C 186 -12.05 -35.91 -3.11
C ARG C 186 -12.97 -37.09 -3.45
N ASN C 187 -13.10 -37.39 -4.74
CA ASN C 187 -13.99 -38.43 -5.23
C ASN C 187 -13.49 -39.87 -4.99
N LEU C 188 -12.20 -40.04 -4.68
CA LEU C 188 -11.65 -41.38 -4.38
C LEU C 188 -12.33 -41.97 -3.15
N SER C 189 -12.38 -43.30 -3.09
CA SER C 189 -13.11 -44.03 -2.05
C SER C 189 -12.48 -45.39 -1.77
N ILE C 190 -12.70 -45.89 -0.56
CA ILE C 190 -12.22 -47.21 -0.14
C ILE C 190 -13.14 -48.36 -0.53
N SER C 191 -14.40 -48.04 -0.88
CA SER C 191 -15.38 -49.05 -1.29
C SER C 191 -15.86 -48.82 -2.72
N THR C 192 -16.57 -49.81 -3.25
CA THR C 192 -17.11 -49.76 -4.61
C THR C 192 -18.12 -48.61 -4.73
N PRO C 193 -17.86 -47.63 -5.63
CA PRO C 193 -18.81 -46.52 -5.73
C PRO C 193 -20.03 -46.89 -6.58
N GLN C 194 -21.06 -46.05 -6.48
CA GLN C 194 -22.26 -46.20 -7.29
C GLN C 194 -21.97 -45.67 -8.70
N ASN C 195 -22.75 -46.13 -9.66
CA ASN C 195 -22.65 -45.65 -11.04
C ASN C 195 -23.29 -44.25 -11.14
N THR C 196 -22.46 -43.23 -10.93
CA THR C 196 -22.86 -41.83 -11.15
C THR C 196 -22.49 -41.34 -12.57
N PHE C 197 -21.73 -42.15 -13.31
CA PHE C 197 -21.36 -41.85 -14.71
C PHE C 197 -22.62 -41.58 -15.53
N SER C 198 -23.54 -42.54 -15.49
CA SER C 198 -24.88 -42.42 -16.07
C SER C 198 -25.66 -43.70 -15.76
N ASP C 199 -26.88 -43.56 -15.23
CA ASP C 199 -27.78 -44.71 -15.05
C ASP C 199 -28.43 -45.21 -16.36
N SER C 200 -28.18 -44.51 -17.48
CA SER C 200 -28.58 -44.97 -18.81
C SER C 200 -27.67 -46.04 -19.42
N VAL C 201 -26.53 -46.34 -18.79
CA VAL C 201 -25.63 -47.43 -19.21
C VAL C 201 -25.35 -48.34 -18.02
N ASP C 202 -25.36 -49.65 -18.27
CA ASP C 202 -25.21 -50.66 -17.23
C ASP C 202 -23.73 -51.01 -17.03
N LEU C 203 -23.04 -50.17 -16.25
CA LEU C 203 -21.61 -50.37 -15.97
C LEU C 203 -21.44 -51.43 -14.88
N LYS C 204 -20.54 -52.39 -15.16
CA LYS C 204 -20.37 -53.58 -14.34
C LYS C 204 -19.06 -53.51 -13.55
N VAL C 205 -19.08 -54.06 -12.34
CA VAL C 205 -17.90 -54.13 -11.47
C VAL C 205 -17.52 -55.61 -11.35
N ASP C 206 -16.30 -55.95 -11.80
CA ASP C 206 -15.84 -57.35 -11.83
C ASP C 206 -14.66 -57.63 -10.87
N GLY C 207 -14.41 -56.71 -9.94
CA GLY C 207 -13.35 -56.86 -8.96
C GLY C 207 -13.45 -55.79 -7.88
N THR C 208 -12.74 -56.00 -6.78
CA THR C 208 -12.72 -55.02 -5.68
C THR C 208 -11.73 -53.89 -5.99
N GLY C 209 -11.80 -52.83 -5.20
CA GLY C 209 -10.85 -51.71 -5.31
C GLY C 209 -11.13 -50.68 -6.41
N PHE C 210 -12.34 -50.70 -6.98
CA PHE C 210 -12.73 -49.71 -8.00
C PHE C 210 -12.81 -48.27 -7.47
N GLY C 211 -13.12 -48.12 -6.18
CA GLY C 211 -13.20 -46.81 -5.53
C GLY C 211 -11.93 -45.99 -5.62
N GLY C 212 -10.78 -46.65 -5.58
CA GLY C 212 -9.49 -45.97 -5.64
C GLY C 212 -9.05 -45.46 -7.01
N ILE C 213 -9.74 -45.88 -8.08
CA ILE C 213 -9.36 -45.54 -9.46
C ILE C 213 -9.24 -44.01 -9.62
N GLY C 214 -8.05 -43.56 -10.01
CA GLY C 214 -7.70 -42.14 -9.99
C GLY C 214 -6.50 -41.83 -9.09
N LEU C 215 -6.25 -42.70 -8.11
CA LEU C 215 -5.09 -42.56 -7.21
C LEU C 215 -3.79 -42.73 -8.00
N PRO C 216 -2.86 -41.74 -7.92
CA PRO C 216 -1.60 -41.85 -8.68
C PRO C 216 -0.64 -42.88 -8.07
N GLY C 217 0.02 -43.65 -8.94
CA GLY C 217 0.89 -44.76 -8.52
C GLY C 217 2.39 -44.59 -8.73
N ASP C 218 2.80 -43.50 -9.38
CA ASP C 218 4.21 -43.22 -9.62
C ASP C 218 4.90 -42.71 -8.36
N VAL C 219 6.22 -42.50 -8.45
CA VAL C 219 7.04 -42.09 -7.30
C VAL C 219 7.54 -40.65 -7.40
N SER C 220 6.82 -39.80 -8.13
CA SER C 220 7.07 -38.36 -8.08
C SER C 220 6.62 -37.86 -6.70
N PRO C 221 7.25 -36.78 -6.18
CA PRO C 221 6.93 -36.34 -4.82
C PRO C 221 5.46 -35.96 -4.57
N GLU C 222 4.78 -35.41 -5.58
CA GLU C 222 3.35 -35.10 -5.46
C GLU C 222 2.49 -36.37 -5.41
N SER C 223 2.79 -37.35 -6.26
CA SER C 223 2.06 -38.62 -6.28
C SER C 223 2.26 -39.43 -4.99
N ARG C 224 3.47 -39.40 -4.44
CA ARG C 224 3.75 -40.02 -3.14
C ARG C 224 3.04 -39.30 -1.98
N PHE C 225 2.94 -37.98 -2.06
CA PHE C 225 2.19 -37.18 -1.08
C PHE C 225 0.72 -37.61 -1.04
N VAL C 226 0.11 -37.73 -2.22
CA VAL C 226 -1.32 -38.08 -2.35
C VAL C 226 -1.57 -39.53 -1.93
N ARG C 227 -0.74 -40.45 -2.41
CA ARG C 227 -0.89 -41.89 -2.10
C ARG C 227 -0.65 -42.21 -0.62
N ALA C 228 0.35 -41.55 -0.01
CA ALA C 228 0.63 -41.71 1.42
C ALA C 228 -0.51 -41.16 2.29
N THR C 229 -1.04 -40.01 1.91
CA THR C 229 -2.21 -39.41 2.58
C THR C 229 -3.41 -40.35 2.52
N PHE C 230 -3.71 -40.85 1.32
CA PHE C 230 -4.84 -41.76 1.13
C PHE C 230 -4.68 -43.07 1.93
N SER C 231 -3.48 -43.64 1.88
CA SER C 231 -3.18 -44.90 2.58
C SER C 231 -3.17 -44.71 4.11
N LYS C 232 -2.54 -43.63 4.58
CA LYS C 232 -2.45 -43.36 6.02
C LYS C 232 -3.81 -43.07 6.63
N LEU C 233 -4.54 -42.11 6.04
CA LEU C 233 -5.83 -41.68 6.59
C LEU C 233 -6.90 -42.76 6.62
N ASN C 234 -6.85 -43.69 5.67
CA ASN C 234 -7.82 -44.79 5.60
C ASN C 234 -7.34 -46.11 6.19
N SER C 235 -6.10 -46.18 6.69
CA SER C 235 -5.56 -47.44 7.23
C SER C 235 -6.32 -47.86 8.48
N SER C 236 -6.62 -49.15 8.57
CA SER C 236 -7.38 -49.72 9.69
C SER C 236 -6.63 -49.56 11.00
N LYS C 237 -7.38 -49.30 12.07
CA LYS C 237 -6.79 -49.14 13.40
C LYS C 237 -6.32 -50.49 13.95
N GLY C 238 -5.15 -50.48 14.58
CA GLY C 238 -4.60 -51.67 15.22
C GLY C 238 -5.18 -51.89 16.60
N MET C 239 -5.11 -53.13 17.07
CA MET C 239 -5.57 -53.51 18.41
C MET C 239 -4.47 -53.36 19.46
N THR C 240 -3.21 -53.57 19.05
CA THR C 240 -2.05 -53.46 19.93
C THR C 240 -1.02 -52.50 19.32
N VAL C 241 0.04 -52.21 20.08
CA VAL C 241 1.16 -51.38 19.61
C VAL C 241 1.92 -52.08 18.48
N GLU C 242 2.12 -53.39 18.61
CA GLU C 242 2.74 -54.20 17.55
C GLU C 242 1.98 -54.08 16.22
N GLU C 243 0.66 -54.15 16.28
CA GLU C 243 -0.19 -54.02 15.09
C GLU C 243 -0.12 -52.63 14.46
N ASP C 244 0.03 -51.59 15.28
CA ASP C 244 0.25 -50.22 14.78
C ASP C 244 1.59 -50.09 14.06
N ILE C 245 2.64 -50.68 14.63
CA ILE C 245 3.98 -50.66 14.03
C ILE C 245 3.96 -51.41 12.70
N THR C 246 3.36 -52.61 12.72
CA THR C 246 3.14 -53.40 11.50
C THR C 246 2.44 -52.59 10.43
N GLN C 247 1.35 -51.93 10.81
CA GLN C 247 0.58 -51.06 9.90
C GLN C 247 1.42 -49.87 9.40
N PHE C 248 2.22 -49.29 10.29
CA PHE C 248 3.10 -48.16 9.95
C PHE C 248 4.03 -48.50 8.77
N PHE C 249 4.66 -49.67 8.84
CA PHE C 249 5.58 -50.11 7.77
C PHE C 249 4.84 -50.49 6.47
N HIS C 250 3.61 -50.98 6.58
CA HIS C 250 2.74 -51.17 5.41
C HIS C 250 2.39 -49.83 4.74
N ILE C 251 2.14 -48.80 5.54
CA ILE C 251 1.78 -47.47 5.02
C ILE C 251 2.96 -46.83 4.25
N LEU C 252 4.14 -46.88 4.84
CA LEU C 252 5.36 -46.42 4.16
C LEU C 252 5.68 -47.23 2.90
N GLY C 253 5.35 -48.53 2.93
CA GLY C 253 5.51 -49.41 1.77
C GLY C 253 4.66 -49.07 0.56
N THR C 254 3.54 -48.39 0.77
CA THR C 254 2.68 -47.94 -0.33
C THR C 254 3.36 -46.88 -1.21
N VAL C 255 4.29 -46.12 -0.63
CA VAL C 255 5.05 -45.09 -1.36
C VAL C 255 6.57 -45.38 -1.38
N GLU C 256 6.93 -46.66 -1.27
CA GLU C 256 8.31 -47.09 -1.38
C GLU C 256 8.77 -46.99 -2.83
N GLN C 257 10.05 -46.66 -3.01
CA GLN C 257 10.67 -46.62 -4.33
C GLN C 257 11.55 -47.85 -4.47
N ILE C 258 11.16 -48.76 -5.37
CA ILE C 258 11.96 -49.96 -5.64
C ILE C 258 13.04 -49.60 -6.66
N LYS C 259 14.13 -50.36 -6.66
CA LYS C 259 15.25 -50.11 -7.57
C LYS C 259 14.86 -50.42 -9.02
N GLY C 260 14.91 -49.39 -9.87
CA GLY C 260 14.68 -49.54 -11.31
C GLY C 260 13.65 -48.59 -11.90
N VAL C 261 12.61 -48.28 -11.13
CA VAL C 261 11.50 -47.44 -11.62
C VAL C 261 11.75 -45.93 -11.65
N ASN C 262 12.79 -45.48 -10.96
CA ASN C 262 13.14 -44.04 -10.89
C ASN C 262 14.65 -43.85 -11.05
N LYS C 263 15.08 -43.67 -12.30
CA LYS C 263 16.49 -43.49 -12.63
C LYS C 263 16.84 -42.01 -12.65
N THR C 264 17.90 -41.66 -11.91
CA THR C 264 18.33 -40.28 -11.75
C THR C 264 19.18 -39.85 -12.97
N GLU C 265 19.58 -38.58 -12.98
CA GLU C 265 20.43 -38.02 -14.04
C GLU C 265 21.75 -38.77 -14.24
N SER C 266 22.32 -39.30 -13.16
CA SER C 266 23.58 -40.06 -13.22
C SER C 266 23.45 -41.49 -13.79
N GLY C 267 22.22 -41.95 -14.06
CA GLY C 267 21.98 -43.34 -14.44
C GLY C 267 21.68 -44.25 -13.24
N LYS C 268 22.00 -43.78 -12.04
CA LYS C 268 21.74 -44.52 -10.81
C LYS C 268 20.25 -44.43 -10.46
N GLU C 269 19.72 -45.53 -9.93
CA GLU C 269 18.30 -45.58 -9.55
C GLU C 269 18.10 -45.05 -8.13
N GLU C 270 17.04 -44.24 -7.95
CA GLU C 270 16.62 -43.78 -6.63
C GLU C 270 15.76 -44.87 -6.01
N TYR C 271 16.00 -45.15 -4.72
CA TYR C 271 15.29 -46.21 -4.01
C TYR C 271 15.22 -45.93 -2.51
N THR C 272 14.26 -46.57 -1.84
CA THR C 272 14.07 -46.40 -0.41
C THR C 272 15.20 -47.11 0.36
N VAL C 273 16.20 -46.33 0.73
CA VAL C 273 17.40 -46.84 1.42
C VAL C 273 17.02 -47.46 2.76
N TYR C 274 16.20 -46.74 3.53
CA TYR C 274 15.60 -47.28 4.75
C TYR C 274 14.22 -46.71 5.02
N SER C 275 13.47 -47.41 5.85
CA SER C 275 12.20 -46.95 6.39
C SER C 275 12.30 -47.09 7.91
N ASN C 276 11.80 -46.11 8.65
CA ASN C 276 11.74 -46.22 10.11
C ASN C 276 10.41 -45.78 10.72
N CYS C 277 10.20 -46.22 11.95
CA CYS C 277 9.01 -45.91 12.74
C CYS C 277 9.47 -45.67 14.18
N TYR C 278 9.32 -44.43 14.66
CA TYR C 278 9.59 -44.10 16.06
C TYR C 278 8.31 -44.22 16.87
N ASP C 279 8.31 -45.08 17.88
CA ASP C 279 7.26 -45.07 18.91
C ASP C 279 7.60 -43.90 19.83
N LEU C 280 6.81 -42.83 19.75
CA LEU C 280 7.08 -41.60 20.49
C LEU C 280 6.81 -41.72 21.99
N ASP C 281 5.75 -42.44 22.37
CA ASP C 281 5.44 -42.66 23.79
C ASP C 281 6.48 -43.54 24.49
N ASN C 282 7.01 -44.53 23.78
CA ASN C 282 7.98 -45.47 24.34
C ASN C 282 9.44 -45.21 23.89
N LYS C 283 9.65 -44.17 23.07
CA LYS C 283 10.98 -43.71 22.66
C LYS C 283 11.84 -44.83 22.06
N THR C 284 11.22 -45.61 21.17
CA THR C 284 11.85 -46.76 20.53
C THR C 284 11.90 -46.54 19.01
N LEU C 285 13.08 -46.71 18.44
CA LEU C 285 13.29 -46.62 16.99
C LEU C 285 13.16 -48.02 16.38
N TYR C 286 12.21 -48.17 15.46
CA TYR C 286 12.08 -49.37 14.63
C TYR C 286 12.49 -49.01 13.21
N TYR C 287 13.25 -49.87 12.54
CA TYR C 287 13.64 -49.61 11.15
C TYR C 287 13.84 -50.86 10.31
N THR C 288 13.70 -50.68 8.99
CA THR C 288 14.05 -51.67 7.99
C THR C 288 14.96 -50.98 6.97
N THR C 289 15.63 -51.78 6.15
CA THR C 289 16.45 -51.28 5.05
C THR C 289 15.99 -51.91 3.76
N TYR C 290 16.50 -51.42 2.63
CA TYR C 290 16.22 -52.05 1.34
C TYR C 290 16.71 -53.50 1.29
N GLU C 291 17.84 -53.76 1.94
CA GLU C 291 18.49 -55.07 1.91
C GLU C 291 17.92 -56.07 2.93
N ASN C 292 17.26 -55.57 3.98
CA ASN C 292 16.78 -56.40 5.09
C ASN C 292 15.33 -56.05 5.45
N ARG C 293 14.44 -57.03 5.29
CA ARG C 293 13.01 -56.84 5.59
C ARG C 293 12.70 -56.85 7.08
N GLN C 294 13.49 -57.60 7.87
CA GLN C 294 13.22 -57.73 9.30
C GLN C 294 13.40 -56.41 10.02
N ILE C 295 12.43 -56.08 10.88
CA ILE C 295 12.45 -54.83 11.63
C ILE C 295 13.50 -54.94 12.74
N VAL C 296 14.29 -53.88 12.91
CA VAL C 296 15.29 -53.78 13.98
C VAL C 296 14.82 -52.73 14.97
N ALA C 297 14.75 -53.09 16.25
CA ALA C 297 14.31 -52.18 17.31
C ALA C 297 15.50 -51.73 18.17
N VAL C 298 15.56 -50.42 18.44
CA VAL C 298 16.57 -49.82 19.31
C VAL C 298 15.86 -48.83 20.23
N THR C 299 16.17 -48.90 21.52
CA THR C 299 15.55 -48.03 22.51
C THR C 299 16.55 -47.05 23.10
N LEU C 300 16.09 -45.83 23.36
CA LEU C 300 16.85 -44.81 24.04
C LEU C 300 16.69 -45.01 25.54
N ASN C 301 17.61 -45.77 26.14
CA ASN C 301 17.55 -46.06 27.59
C ASN C 301 18.94 -46.36 28.20
N LYS C 302 19.42 -45.43 29.04
CA LYS C 302 20.73 -45.51 29.72
C LYS C 302 22.00 -45.49 28.82
N ASP C 303 21.81 -45.51 27.49
CA ASP C 303 22.80 -44.95 26.54
C ASP C 303 22.66 -43.42 26.49
N LYS C 304 21.50 -42.95 26.95
CA LYS C 304 21.13 -41.53 27.09
C LYS C 304 22.02 -40.70 28.04
N ASP C 305 22.61 -41.33 29.05
CA ASP C 305 23.53 -40.66 29.96
C ASP C 305 24.96 -40.91 29.53
N GLY C 306 25.77 -39.85 29.51
CA GLY C 306 27.16 -39.91 29.05
C GLY C 306 27.51 -38.69 28.20
N ASN C 307 28.74 -38.66 27.68
CA ASN C 307 29.21 -37.55 26.83
C ASN C 307 29.74 -37.95 25.44
N ARG C 308 29.71 -39.26 25.10
CA ARG C 308 30.13 -39.75 23.79
C ARG C 308 28.93 -40.18 22.98
N LEU C 309 29.02 -40.06 21.67
CA LEU C 309 28.00 -40.57 20.76
C LEU C 309 28.10 -42.09 20.71
N VAL C 310 26.94 -42.76 20.80
CA VAL C 310 26.85 -44.21 20.70
C VAL C 310 26.17 -44.55 19.38
N THR C 311 26.78 -45.45 18.61
CA THR C 311 26.30 -45.81 17.28
C THR C 311 26.07 -47.30 17.12
N TYR C 312 25.07 -47.64 16.30
CA TYR C 312 24.78 -49.03 15.93
C TYR C 312 24.60 -49.08 14.41
N PRO C 313 25.51 -49.79 13.69
CA PRO C 313 25.44 -49.82 12.23
C PRO C 313 24.30 -50.69 11.71
N PHE C 314 23.83 -50.38 10.49
CA PHE C 314 22.75 -51.13 9.86
C PHE C 314 23.23 -52.49 9.34
N GLU C 315 22.45 -53.53 9.63
CA GLU C 315 22.61 -54.84 9.01
C GLU C 315 21.97 -54.75 7.63
N ARG C 316 22.81 -54.75 6.58
CA ARG C 316 22.33 -54.68 5.19
C ARG C 316 22.48 -56.04 4.48
N LYS C 317 21.98 -57.08 5.14
CA LYS C 317 21.83 -58.41 4.58
C LYS C 317 20.44 -58.92 4.94
N GLN C 318 19.82 -59.67 4.03
CA GLN C 318 18.49 -60.23 4.26
C GLN C 318 18.54 -61.32 5.34
N ILE C 319 17.94 -61.05 6.50
CA ILE C 319 17.94 -61.97 7.64
C ILE C 319 16.71 -62.88 7.51
N ILE C 320 16.94 -64.10 7.05
CA ILE C 320 15.87 -65.04 6.71
C ILE C 320 15.75 -66.12 7.78
N ASN C 321 14.52 -66.39 8.21
CA ASN C 321 14.21 -67.49 9.13
C ASN C 321 14.18 -68.79 8.34
N LYS C 322 15.23 -69.59 8.47
CA LYS C 322 15.42 -70.81 7.67
C LYS C 322 14.98 -72.03 8.46
N LEU C 323 14.15 -72.86 7.84
CA LEU C 323 13.73 -74.16 8.40
C LEU C 323 13.82 -75.23 7.32
N THR D 3 -1.98 -60.96 -6.99
CA THR D 3 -1.01 -60.67 -8.06
C THR D 3 0.04 -61.77 -8.06
N ALA D 4 0.23 -62.42 -9.21
CA ALA D 4 1.26 -63.44 -9.40
C ALA D 4 2.25 -62.95 -10.44
N ILE D 5 3.55 -63.10 -10.13
CA ILE D 5 4.62 -62.65 -11.02
C ILE D 5 5.67 -63.74 -11.19
N THR D 6 6.46 -63.60 -12.26
CA THR D 6 7.71 -64.36 -12.41
C THR D 6 8.85 -63.34 -12.40
N LEU D 7 10.07 -63.86 -12.28
CA LEU D 7 11.28 -63.04 -12.36
C LEU D 7 12.44 -63.91 -12.80
N ASN D 8 13.30 -63.34 -13.65
CA ASN D 8 14.47 -64.04 -14.16
C ASN D 8 15.72 -63.23 -13.81
N GLY D 9 16.66 -63.86 -13.12
CA GLY D 9 17.90 -63.21 -12.72
C GLY D 9 19.04 -64.22 -12.58
N ASN D 10 19.66 -64.25 -11.40
CA ASN D 10 20.72 -65.20 -11.10
C ASN D 10 20.15 -66.62 -10.97
N SER D 11 19.00 -66.73 -10.30
CA SER D 11 18.13 -67.88 -10.42
C SER D 11 16.82 -67.44 -11.12
N ASN D 12 15.79 -68.27 -11.05
CA ASN D 12 14.50 -67.97 -11.70
C ASN D 12 13.38 -68.19 -10.70
N TYR D 13 12.42 -67.26 -10.66
CA TYR D 13 11.47 -67.16 -9.56
C TYR D 13 10.01 -67.08 -10.02
N PHE D 14 9.13 -67.37 -9.07
CA PHE D 14 7.69 -67.38 -9.29
C PHE D 14 7.04 -67.23 -7.92
N GLY D 15 5.95 -66.49 -7.84
CA GLY D 15 5.32 -66.21 -6.56
C GLY D 15 4.08 -65.36 -6.69
N ARG D 16 3.48 -65.01 -5.56
CA ARG D 16 2.22 -64.26 -5.56
C ARG D 16 1.89 -63.57 -4.24
N ASN D 17 1.04 -62.54 -4.34
CA ASN D 17 0.31 -62.00 -3.19
C ASN D 17 -1.03 -62.71 -3.11
N LEU D 18 -1.43 -63.12 -1.90
CA LEU D 18 -2.79 -63.59 -1.64
C LEU D 18 -3.55 -62.44 -0.99
N ASP D 19 -4.47 -61.84 -1.74
CA ASP D 19 -5.28 -60.72 -1.25
C ASP D 19 -6.68 -61.20 -0.90
N LEU D 20 -7.05 -61.07 0.37
CA LEU D 20 -8.35 -61.54 0.86
C LEU D 20 -8.71 -60.79 2.14
N ASP D 21 -9.99 -60.79 2.48
CA ASP D 21 -10.48 -60.05 3.67
C ASP D 21 -10.55 -60.90 4.97
N PHE D 22 -9.85 -62.04 4.96
CA PHE D 22 -9.69 -62.90 6.14
C PHE D 22 -8.63 -63.96 5.84
N SER D 23 -8.14 -64.62 6.88
CA SER D 23 -7.14 -65.68 6.74
C SER D 23 -7.80 -67.06 6.86
N TYR D 24 -7.40 -67.97 5.98
CA TYR D 24 -7.79 -69.39 6.09
C TYR D 24 -6.97 -70.16 7.14
N GLY D 25 -5.92 -69.55 7.68
CA GLY D 25 -4.98 -70.25 8.56
C GLY D 25 -4.05 -71.08 7.69
N GLU D 26 -3.49 -70.45 6.67
CA GLU D 26 -2.70 -71.13 5.64
C GLU D 26 -1.33 -71.55 6.19
N GLU D 27 -0.71 -72.47 5.48
CA GLU D 27 0.53 -73.11 5.94
C GLU D 27 1.33 -73.63 4.78
N VAL D 28 2.61 -73.92 5.03
CA VAL D 28 3.47 -74.57 4.06
C VAL D 28 3.02 -76.03 4.00
N ILE D 29 2.84 -76.57 2.81
CA ILE D 29 2.47 -77.99 2.62
C ILE D 29 3.44 -78.62 1.63
N ILE D 30 4.16 -79.65 2.10
CA ILE D 30 4.99 -80.48 1.23
C ILE D 30 4.22 -81.78 0.99
N THR D 31 4.04 -82.13 -0.28
CA THR D 31 3.44 -83.41 -0.66
C THR D 31 4.56 -84.28 -1.23
N PRO D 32 4.88 -85.42 -0.56
CA PRO D 32 5.94 -86.28 -1.08
C PRO D 32 5.52 -87.06 -2.32
N ALA D 33 6.51 -87.64 -3.01
CA ALA D 33 6.32 -88.33 -4.29
C ALA D 33 5.27 -89.44 -4.26
N GLU D 34 5.13 -90.10 -3.11
CA GLU D 34 4.24 -91.26 -2.98
C GLU D 34 3.01 -91.05 -2.08
N TYR D 35 2.71 -89.80 -1.73
CA TYR D 35 1.37 -89.46 -1.24
C TYR D 35 0.41 -89.73 -2.39
N GLU D 36 -0.61 -90.55 -2.15
CA GLU D 36 -1.55 -90.94 -3.20
C GLU D 36 -2.52 -89.80 -3.52
N PHE D 37 -2.45 -89.29 -4.75
CA PHE D 37 -3.41 -88.30 -5.24
C PHE D 37 -4.66 -89.00 -5.76
N LYS D 38 -5.76 -88.86 -5.03
CA LYS D 38 -7.06 -89.38 -5.44
C LYS D 38 -7.81 -88.29 -6.20
N PHE D 39 -8.50 -88.69 -7.27
CA PHE D 39 -9.31 -87.78 -8.07
C PHE D 39 -10.75 -88.30 -8.10
N ARG D 40 -11.71 -87.37 -8.09
CA ARG D 40 -13.13 -87.72 -8.00
C ARG D 40 -13.61 -88.47 -9.25
N LYS D 41 -13.02 -88.15 -10.40
CA LYS D 41 -13.43 -88.73 -11.70
C LYS D 41 -12.31 -89.27 -12.60
N GLU D 42 -11.10 -89.43 -12.05
CA GLU D 42 -10.00 -90.07 -12.79
C GLU D 42 -9.26 -91.04 -11.88
N LYS D 43 -8.41 -91.87 -12.49
CA LYS D 43 -7.64 -92.87 -11.76
C LYS D 43 -6.60 -92.22 -10.85
N ALA D 44 -6.36 -92.84 -9.70
CA ALA D 44 -5.44 -92.31 -8.70
C ALA D 44 -3.99 -92.36 -9.18
N ILE D 45 -3.17 -91.45 -8.66
CA ILE D 45 -1.75 -91.37 -8.99
C ILE D 45 -0.95 -91.64 -7.71
N LYS D 46 -0.44 -92.86 -7.59
CA LYS D 46 0.33 -93.29 -6.41
C LYS D 46 1.76 -92.74 -6.38
N ASN D 47 2.40 -92.65 -7.55
CA ASN D 47 3.75 -92.11 -7.67
C ASN D 47 3.73 -90.89 -8.59
N HIS D 48 4.38 -89.81 -8.15
CA HIS D 48 4.34 -88.54 -8.87
C HIS D 48 5.48 -87.62 -8.39
N LYS D 49 5.56 -86.43 -8.97
CA LYS D 49 6.52 -85.42 -8.54
C LYS D 49 6.11 -84.80 -7.21
N SER D 50 7.10 -84.60 -6.33
CA SER D 50 6.84 -84.00 -5.01
C SER D 50 6.60 -82.51 -5.14
N LEU D 51 5.71 -81.99 -4.30
CA LEU D 51 5.33 -80.57 -4.32
C LEU D 51 5.71 -79.89 -3.01
N ILE D 52 5.95 -78.58 -3.10
CA ILE D 52 5.94 -77.70 -1.93
C ILE D 52 5.13 -76.47 -2.31
N GLY D 53 4.29 -76.01 -1.39
CA GLY D 53 3.44 -74.85 -1.66
C GLY D 53 2.75 -74.31 -0.44
N VAL D 54 1.74 -73.47 -0.69
CA VAL D 54 0.97 -72.83 0.36
C VAL D 54 -0.51 -73.15 0.19
N GLY D 55 -1.17 -73.45 1.30
CA GLY D 55 -2.59 -73.76 1.28
C GLY D 55 -3.09 -74.22 2.63
N ILE D 56 -4.14 -75.03 2.61
CA ILE D 56 -4.67 -75.68 3.81
C ILE D 56 -4.85 -77.18 3.54
N VAL D 57 -4.93 -77.95 4.62
CA VAL D 57 -5.19 -79.38 4.53
C VAL D 57 -6.59 -79.65 5.11
N ALA D 58 -7.44 -80.30 4.30
CA ALA D 58 -8.78 -80.71 4.72
C ALA D 58 -8.97 -82.18 4.37
N ASN D 59 -9.41 -82.98 5.34
CA ASN D 59 -9.59 -84.43 5.17
C ASN D 59 -8.34 -85.13 4.62
N ASP D 60 -7.18 -84.70 5.11
CA ASP D 60 -5.87 -85.19 4.68
C ASP D 60 -5.57 -84.95 3.18
N TYR D 61 -6.14 -83.89 2.60
CA TYR D 61 -5.93 -83.53 1.20
C TYR D 61 -5.32 -82.14 1.11
N PRO D 62 -4.20 -81.98 0.37
CA PRO D 62 -3.56 -80.68 0.27
C PRO D 62 -4.27 -79.75 -0.72
N LEU D 63 -4.96 -78.75 -0.18
CA LEU D 63 -5.65 -77.75 -1.00
C LEU D 63 -4.74 -76.54 -1.24
N TYR D 64 -3.93 -76.64 -2.29
CA TYR D 64 -2.92 -75.62 -2.62
C TYR D 64 -3.54 -74.35 -3.20
N PHE D 65 -3.11 -73.21 -2.66
CA PHE D 65 -3.38 -71.91 -3.26
C PHE D 65 -2.40 -71.74 -4.41
N ASP D 66 -1.14 -72.10 -4.13
CA ASP D 66 -0.06 -72.11 -5.13
C ASP D 66 1.03 -73.08 -4.67
N ALA D 67 1.80 -73.58 -5.63
CA ALA D 67 2.88 -74.53 -5.34
C ALA D 67 3.86 -74.63 -6.49
N ILE D 68 4.99 -75.27 -6.22
CA ILE D 68 5.92 -75.71 -7.25
C ILE D 68 6.11 -77.22 -7.10
N ASN D 69 6.81 -77.82 -8.06
CA ASN D 69 7.21 -79.23 -7.94
C ASN D 69 8.74 -79.37 -7.95
N GLU D 70 9.21 -80.60 -7.83
CA GLU D 70 10.64 -80.92 -7.81
C GLU D 70 11.46 -80.48 -9.03
N ASP D 71 10.79 -80.28 -10.17
CA ASP D 71 11.44 -79.78 -11.41
C ASP D 71 11.40 -78.25 -11.57
N GLY D 72 10.89 -77.54 -10.57
CA GLY D 72 10.77 -76.08 -10.64
C GLY D 72 9.67 -75.58 -11.56
N LEU D 73 8.58 -76.34 -11.68
CA LEU D 73 7.37 -75.90 -12.38
C LEU D 73 6.39 -75.39 -11.33
N GLY D 74 5.99 -74.12 -11.46
CA GLY D 74 5.06 -73.49 -10.53
C GLY D 74 3.65 -73.38 -11.08
N MET D 75 2.69 -73.24 -10.18
CA MET D 75 1.27 -73.05 -10.53
C MET D 75 0.54 -72.36 -9.38
N ALA D 76 -0.22 -71.31 -9.71
CA ALA D 76 -0.98 -70.54 -8.71
C ALA D 76 -2.41 -70.29 -9.19
N GLY D 77 -3.37 -70.44 -8.29
CA GLY D 77 -4.79 -70.16 -8.57
C GLY D 77 -5.20 -68.81 -8.00
N LEU D 78 -5.58 -67.90 -8.90
CA LEU D 78 -5.96 -66.53 -8.52
C LEU D 78 -7.46 -66.33 -8.74
N ASN D 79 -8.06 -65.42 -7.96
CA ASN D 79 -9.51 -65.17 -8.03
C ASN D 79 -9.93 -64.67 -9.41
N PHE D 80 -11.05 -65.19 -9.91
CA PHE D 80 -11.52 -64.91 -11.26
C PHE D 80 -13.05 -64.92 -11.25
N PRO D 81 -13.67 -64.06 -10.41
CA PRO D 81 -15.11 -64.17 -10.12
C PRO D 81 -16.01 -63.85 -11.32
N GLY D 82 -16.93 -64.76 -11.62
CA GLY D 82 -17.90 -64.58 -12.70
C GLY D 82 -17.47 -65.14 -14.04
N ASN D 83 -16.19 -64.95 -14.39
CA ASN D 83 -15.65 -65.39 -15.68
C ASN D 83 -15.28 -66.87 -15.71
N ALA D 84 -14.86 -67.44 -14.58
CA ALA D 84 -14.53 -68.87 -14.50
C ALA D 84 -15.81 -69.71 -14.64
N TYR D 85 -15.78 -70.65 -15.59
CA TYR D 85 -16.90 -71.57 -15.82
C TYR D 85 -16.40 -72.99 -15.72
N TYR D 86 -17.01 -73.76 -14.81
CA TYR D 86 -16.71 -75.17 -14.64
C TYR D 86 -17.84 -75.99 -15.23
N SER D 87 -17.47 -77.06 -15.93
CA SER D 87 -18.41 -77.82 -16.75
C SER D 87 -19.35 -78.68 -15.90
N ASP D 88 -20.63 -78.64 -16.25
CA ASP D 88 -21.62 -79.60 -15.73
C ASP D 88 -21.71 -80.86 -16.61
N ALA D 89 -20.79 -81.02 -17.55
CA ALA D 89 -20.72 -82.21 -18.41
C ALA D 89 -19.36 -82.91 -18.27
N LEU D 90 -19.38 -84.25 -18.24
CA LEU D 90 -18.18 -85.06 -18.40
C LEU D 90 -17.96 -85.28 -19.90
N GLU D 91 -16.69 -85.25 -20.31
CA GLU D 91 -16.30 -85.47 -21.70
C GLU D 91 -15.43 -86.72 -21.79
N ASN D 92 -15.83 -87.63 -22.68
CA ASN D 92 -15.17 -88.95 -22.81
C ASN D 92 -13.74 -88.88 -23.38
N ASP D 93 -13.46 -87.84 -24.17
CA ASP D 93 -12.13 -87.62 -24.77
C ASP D 93 -11.27 -86.59 -24.02
N LYS D 94 -11.64 -86.29 -22.77
CA LYS D 94 -10.90 -85.34 -21.92
C LYS D 94 -10.71 -85.91 -20.52
N ASP D 95 -9.71 -85.37 -19.82
CA ASP D 95 -9.47 -85.72 -18.42
C ASP D 95 -10.35 -84.83 -17.55
N ASN D 96 -11.28 -85.44 -16.83
CA ASN D 96 -12.29 -84.72 -16.04
C ASN D 96 -11.76 -84.45 -14.63
N ILE D 97 -11.28 -83.22 -14.42
CA ILE D 97 -10.54 -82.83 -13.21
C ILE D 97 -11.25 -81.66 -12.54
N THR D 98 -11.33 -81.67 -11.21
CA THR D 98 -11.99 -80.60 -10.45
C THR D 98 -10.99 -79.43 -10.32
N PRO D 99 -11.48 -78.20 -10.08
CA PRO D 99 -10.57 -77.07 -9.86
C PRO D 99 -9.57 -77.24 -8.71
N PHE D 100 -10.00 -77.85 -7.60
CA PHE D 100 -9.10 -78.13 -6.46
C PHE D 100 -8.08 -79.25 -6.72
N GLU D 101 -8.37 -80.12 -7.69
CA GLU D 101 -7.42 -81.16 -8.14
C GLU D 101 -6.44 -80.67 -9.22
N PHE D 102 -6.65 -79.48 -9.75
CA PHE D 102 -5.94 -79.00 -10.93
C PHE D 102 -4.43 -78.84 -10.68
N ILE D 103 -4.07 -78.31 -9.51
CA ILE D 103 -2.66 -78.11 -9.16
C ILE D 103 -1.90 -79.45 -8.99
N PRO D 104 -2.46 -80.40 -8.22
CA PRO D 104 -1.87 -81.76 -8.21
C PRO D 104 -1.81 -82.47 -9.56
N TRP D 105 -2.86 -82.31 -10.38
CA TRP D 105 -2.93 -82.93 -11.71
C TRP D 105 -1.78 -82.47 -12.63
N ILE D 106 -1.51 -81.16 -12.62
CA ILE D 106 -0.46 -80.58 -13.46
C ILE D 106 0.94 -80.77 -12.85
N LEU D 107 1.12 -80.33 -11.60
CA LEU D 107 2.43 -80.32 -10.96
C LEU D 107 2.97 -81.71 -10.61
N GLY D 108 2.07 -82.66 -10.33
CA GLY D 108 2.47 -84.05 -10.10
C GLY D 108 3.02 -84.76 -11.33
N GLN D 109 2.56 -84.37 -12.52
CA GLN D 109 2.87 -85.09 -13.76
C GLN D 109 3.79 -84.37 -14.75
N CYS D 110 3.81 -83.03 -14.74
CA CYS D 110 4.56 -82.24 -15.73
C CYS D 110 5.86 -81.69 -15.17
N SER D 111 6.89 -81.64 -16.02
CA SER D 111 8.21 -81.12 -15.65
C SER D 111 8.45 -79.66 -16.10
N ASP D 112 7.62 -79.15 -17.02
CA ASP D 112 7.75 -77.78 -17.51
C ASP D 112 6.43 -77.26 -18.10
N VAL D 113 6.45 -76.01 -18.57
CA VAL D 113 5.25 -75.34 -19.09
C VAL D 113 4.72 -75.98 -20.39
N ASN D 114 5.63 -76.39 -21.28
CA ASN D 114 5.25 -77.05 -22.53
C ASN D 114 4.41 -78.31 -22.29
N GLU D 115 4.83 -79.13 -21.32
CA GLU D 115 4.08 -80.31 -20.90
C GLU D 115 2.75 -79.96 -20.21
N ALA D 116 2.75 -78.89 -19.42
CA ALA D 116 1.52 -78.40 -18.78
C ALA D 116 0.47 -77.99 -19.82
N ARG D 117 0.89 -77.27 -20.86
CA ARG D 117 -0.01 -76.87 -21.95
C ARG D 117 -0.63 -78.07 -22.66
N ASN D 118 0.20 -79.08 -22.98
CA ASN D 118 -0.28 -80.31 -23.62
C ASN D 118 -1.36 -81.01 -22.79
N LEU D 119 -1.18 -81.01 -21.48
CA LEU D 119 -2.14 -81.61 -20.55
C LEU D 119 -3.40 -80.76 -20.39
N VAL D 120 -3.23 -79.44 -20.29
CA VAL D 120 -4.36 -78.49 -20.19
C VAL D 120 -5.18 -78.44 -21.48
N GLU D 121 -4.54 -78.64 -22.64
CA GLU D 121 -5.25 -78.71 -23.93
C GLU D 121 -6.25 -79.89 -24.06
N LYS D 122 -6.16 -80.87 -23.16
CA LYS D 122 -7.13 -81.98 -23.11
C LYS D 122 -7.80 -82.14 -21.73
N ILE D 123 -7.90 -81.06 -20.96
CA ILE D 123 -8.57 -81.11 -19.65
C ILE D 123 -10.01 -80.64 -19.75
N ASN D 124 -10.84 -81.11 -18.83
CA ASN D 124 -12.21 -80.64 -18.65
C ASN D 124 -12.41 -80.34 -17.18
N LEU D 125 -12.38 -79.05 -16.83
CA LEU D 125 -12.58 -78.64 -15.43
C LEU D 125 -14.05 -78.76 -15.04
N ILE D 126 -14.34 -79.70 -14.14
CA ILE D 126 -15.73 -80.09 -13.83
C ILE D 126 -16.26 -79.37 -12.59
N ASN D 127 -17.57 -79.10 -12.63
CA ASN D 127 -18.25 -78.35 -11.57
C ASN D 127 -18.56 -79.31 -10.40
N LEU D 128 -17.54 -79.59 -9.61
CA LEU D 128 -17.64 -80.48 -8.45
C LEU D 128 -16.84 -79.91 -7.30
N SER D 129 -17.53 -79.59 -6.20
CA SER D 129 -16.91 -78.96 -5.04
C SER D 129 -16.16 -79.96 -4.17
N PHE D 130 -15.20 -79.46 -3.40
CA PHE D 130 -14.46 -80.28 -2.44
C PHE D 130 -15.41 -80.75 -1.33
N SER D 131 -16.10 -79.81 -0.72
CA SER D 131 -17.06 -80.08 0.34
C SER D 131 -18.12 -78.98 0.40
N GLU D 132 -19.10 -79.17 1.27
CA GLU D 132 -20.15 -78.16 1.47
C GLU D 132 -19.60 -76.87 2.10
N GLN D 133 -18.63 -77.03 3.00
CA GLN D 133 -18.04 -75.89 3.73
C GLN D 133 -16.86 -75.24 3.00
N LEU D 134 -16.38 -75.87 1.92
CA LEU D 134 -15.37 -75.30 1.03
C LEU D 134 -15.88 -75.39 -0.41
N PRO D 135 -16.86 -74.54 -0.77
CA PRO D 135 -17.43 -74.58 -2.12
C PRO D 135 -16.50 -73.95 -3.17
N LEU D 136 -16.76 -74.25 -4.44
CA LEU D 136 -15.95 -73.75 -5.53
C LEU D 136 -16.12 -72.25 -5.73
N ALA D 137 -14.99 -71.55 -5.87
CA ALA D 137 -14.96 -70.16 -6.31
C ALA D 137 -14.21 -70.10 -7.63
N GLY D 138 -14.57 -69.12 -8.45
CA GLY D 138 -14.00 -68.98 -9.78
C GLY D 138 -12.53 -68.59 -9.77
N LEU D 139 -11.70 -69.38 -10.44
CA LEU D 139 -10.26 -69.15 -10.49
C LEU D 139 -9.71 -69.14 -11.92
N HIS D 140 -8.59 -68.44 -12.10
CA HIS D 140 -7.72 -68.60 -13.26
C HIS D 140 -6.28 -68.83 -12.78
N TRP D 141 -5.44 -69.36 -13.65
CA TRP D 141 -4.13 -69.89 -13.23
C TRP D 141 -2.96 -69.33 -14.02
N LEU D 142 -1.86 -69.06 -13.30
CA LEU D 142 -0.56 -68.82 -13.91
C LEU D 142 0.29 -70.07 -13.69
N ILE D 143 0.80 -70.64 -14.78
CA ILE D 143 1.71 -71.79 -14.74
C ILE D 143 3.05 -71.28 -15.28
N ALA D 144 4.12 -71.49 -14.51
CA ALA D 144 5.43 -70.90 -14.83
C ALA D 144 6.59 -71.86 -14.53
N ASP D 145 7.59 -71.86 -15.42
CA ASP D 145 8.87 -72.53 -15.18
C ASP D 145 9.99 -71.47 -15.27
N ARG D 146 11.25 -71.91 -15.28
CA ARG D 146 12.40 -70.99 -15.38
C ARG D 146 12.50 -70.20 -16.69
N GLU D 147 11.87 -70.69 -17.75
CA GLU D 147 11.97 -70.07 -19.09
C GLU D 147 10.78 -69.20 -19.48
N LYS D 148 9.57 -69.63 -19.12
CA LYS D 148 8.35 -69.00 -19.60
C LYS D 148 7.16 -69.28 -18.69
N SER D 149 6.02 -68.68 -19.01
CA SER D 149 4.79 -68.92 -18.28
C SER D 149 3.57 -68.80 -19.18
N ILE D 150 2.51 -69.51 -18.81
CA ILE D 150 1.23 -69.46 -19.51
C ILE D 150 0.10 -69.12 -18.54
N VAL D 151 -0.99 -68.60 -19.08
CA VAL D 151 -2.20 -68.32 -18.31
C VAL D 151 -3.30 -69.26 -18.78
N VAL D 152 -3.99 -69.90 -17.84
CA VAL D 152 -5.13 -70.76 -18.13
C VAL D 152 -6.39 -70.10 -17.61
N GLU D 153 -7.31 -69.80 -18.53
CA GLU D 153 -8.63 -69.24 -18.20
C GLU D 153 -9.71 -70.08 -18.86
N VAL D 154 -10.50 -70.78 -18.04
CA VAL D 154 -11.60 -71.62 -18.51
C VAL D 154 -12.90 -70.86 -18.30
N THR D 155 -13.52 -70.45 -19.40
CA THR D 155 -14.70 -69.58 -19.38
C THR D 155 -15.87 -70.30 -20.07
N LYS D 156 -16.97 -69.59 -20.30
CA LYS D 156 -18.14 -70.15 -21.01
C LYS D 156 -17.75 -70.65 -22.42
N SER D 157 -16.83 -69.94 -23.07
CA SER D 157 -16.37 -70.27 -24.43
C SER D 157 -15.26 -71.34 -24.50
N GLY D 158 -14.85 -71.90 -23.36
CA GLY D 158 -13.94 -73.04 -23.31
C GLY D 158 -12.64 -72.78 -22.57
N VAL D 159 -11.67 -73.67 -22.78
CA VAL D 159 -10.38 -73.65 -22.11
C VAL D 159 -9.43 -72.80 -22.96
N HIS D 160 -9.02 -71.64 -22.43
CA HIS D 160 -8.12 -70.73 -23.14
C HIS D 160 -6.75 -70.75 -22.47
N ILE D 161 -5.71 -70.88 -23.30
CA ILE D 161 -4.32 -70.90 -22.84
C ILE D 161 -3.58 -69.78 -23.57
N TYR D 162 -2.98 -68.88 -22.80
CA TYR D 162 -2.22 -67.76 -23.35
C TYR D 162 -0.76 -67.86 -22.93
N ASP D 163 0.14 -67.68 -23.89
CA ASP D 163 1.54 -67.40 -23.57
C ASP D 163 1.58 -66.06 -22.84
N ASN D 164 2.31 -66.00 -21.73
CA ASN D 164 2.43 -64.79 -20.94
C ASN D 164 3.79 -64.16 -21.26
N PRO D 165 3.80 -63.09 -22.11
CA PRO D 165 5.08 -62.46 -22.46
C PRO D 165 5.76 -61.67 -21.33
N ILE D 166 5.01 -61.32 -20.30
CA ILE D 166 5.51 -60.48 -19.19
C ILE D 166 5.56 -61.17 -17.82
N GLY D 167 4.97 -62.34 -17.68
CA GLY D 167 4.95 -63.07 -16.40
C GLY D 167 4.24 -62.31 -15.29
N ILE D 168 3.02 -61.85 -15.59
CA ILE D 168 2.19 -61.08 -14.66
C ILE D 168 0.76 -61.60 -14.75
N LEU D 169 0.08 -61.72 -13.61
CA LEU D 169 -1.34 -62.04 -13.57
C LEU D 169 -1.98 -61.49 -12.29
N THR D 170 -3.20 -60.99 -12.42
CA THR D 170 -3.99 -60.55 -11.25
C THR D 170 -5.35 -61.26 -11.26
N ASN D 171 -6.45 -60.52 -11.43
CA ASN D 171 -7.81 -61.08 -11.40
C ASN D 171 -8.51 -60.71 -12.71
N ASN D 172 -9.79 -60.31 -12.65
CA ASN D 172 -10.51 -59.84 -13.84
C ASN D 172 -9.95 -58.50 -14.34
N PRO D 173 -10.12 -58.20 -15.64
CA PRO D 173 -10.77 -58.96 -16.71
C PRO D 173 -9.92 -60.11 -17.24
N GLU D 174 -10.43 -60.78 -18.29
CA GLU D 174 -9.70 -61.83 -19.01
C GLU D 174 -8.35 -61.33 -19.52
N PHE D 175 -7.46 -62.27 -19.85
CA PHE D 175 -6.05 -61.96 -20.05
C PHE D 175 -5.77 -61.06 -21.26
N ASN D 176 -6.49 -61.28 -22.36
CA ASN D 176 -6.38 -60.41 -23.55
C ASN D 176 -6.77 -58.95 -23.27
N TYR D 177 -7.74 -58.75 -22.36
CA TYR D 177 -8.14 -57.41 -21.93
C TYR D 177 -7.06 -56.76 -21.06
N GLN D 178 -6.45 -57.55 -20.17
CA GLN D 178 -5.36 -57.08 -19.31
C GLN D 178 -4.13 -56.66 -20.13
N MET D 179 -3.76 -57.50 -21.10
CA MET D 179 -2.65 -57.23 -22.00
C MET D 179 -2.90 -56.03 -22.91
N TYR D 180 -4.13 -55.91 -23.43
CA TYR D 180 -4.50 -54.75 -24.23
C TYR D 180 -4.43 -53.45 -23.43
N ASN D 181 -4.87 -53.50 -22.17
CA ASN D 181 -4.89 -52.33 -21.29
C ASN D 181 -3.51 -51.69 -21.05
N LEU D 182 -2.44 -52.49 -21.19
CA LEU D 182 -1.06 -51.97 -21.12
C LEU D 182 -0.69 -50.98 -22.25
N ASN D 183 -1.35 -51.11 -23.41
CA ASN D 183 -0.99 -50.33 -24.61
C ASN D 183 -1.08 -48.81 -24.43
N LYS D 184 -2.04 -48.35 -23.63
CA LYS D 184 -2.19 -46.91 -23.35
C LYS D 184 -1.12 -46.33 -22.41
N TYR D 185 -0.30 -47.19 -21.79
CA TYR D 185 0.77 -46.75 -20.89
C TYR D 185 2.17 -46.72 -21.54
N ARG D 186 2.25 -46.81 -22.87
CA ARG D 186 3.54 -46.84 -23.57
C ARG D 186 4.44 -45.63 -23.27
N ASN D 187 3.81 -44.47 -23.03
CA ASN D 187 4.52 -43.21 -22.81
C ASN D 187 5.19 -43.08 -21.43
N LEU D 188 4.85 -43.95 -20.48
CA LEU D 188 5.48 -43.93 -19.15
C LEU D 188 6.98 -44.21 -19.25
N SER D 189 7.75 -43.67 -18.31
CA SER D 189 9.21 -43.73 -18.35
C SER D 189 9.80 -43.85 -16.94
N ILE D 190 10.99 -44.44 -16.87
CA ILE D 190 11.75 -44.51 -15.61
C ILE D 190 12.62 -43.27 -15.37
N SER D 191 12.86 -42.48 -16.43
CA SER D 191 13.66 -41.25 -16.35
C SER D 191 12.79 -40.02 -16.62
N THR D 192 13.32 -38.85 -16.28
CA THR D 192 12.65 -37.57 -16.53
C THR D 192 12.41 -37.40 -18.03
N PRO D 193 11.14 -37.25 -18.47
CA PRO D 193 10.90 -37.09 -19.91
C PRO D 193 11.25 -35.69 -20.40
N GLN D 194 11.47 -35.58 -21.72
CA GLN D 194 11.61 -34.29 -22.37
C GLN D 194 10.25 -33.60 -22.43
N ASN D 195 10.27 -32.27 -22.47
CA ASN D 195 9.04 -31.50 -22.66
C ASN D 195 8.58 -31.63 -24.12
N THR D 196 7.71 -32.62 -24.35
CA THR D 196 7.02 -32.78 -25.64
C THR D 196 5.64 -32.09 -25.66
N PHE D 197 5.20 -31.58 -24.50
CA PHE D 197 3.90 -30.90 -24.34
C PHE D 197 3.85 -29.69 -25.28
N SER D 198 4.83 -28.80 -25.12
CA SER D 198 5.07 -27.68 -26.05
C SER D 198 6.38 -27.00 -25.65
N ASP D 199 7.28 -26.79 -26.61
CA ASP D 199 8.49 -26.00 -26.37
C ASP D 199 8.23 -24.49 -26.25
N SER D 200 7.00 -24.05 -26.52
CA SER D 200 6.58 -22.66 -26.30
C SER D 200 6.30 -22.30 -24.82
N VAL D 201 6.37 -23.29 -23.91
CA VAL D 201 6.23 -23.05 -22.47
C VAL D 201 7.37 -23.76 -21.72
N ASP D 202 7.97 -23.05 -20.76
CA ASP D 202 9.11 -23.55 -19.99
C ASP D 202 8.60 -24.35 -18.79
N LEU D 203 8.36 -25.63 -19.00
CA LEU D 203 7.88 -26.53 -17.94
C LEU D 203 9.05 -26.99 -17.08
N LYS D 204 8.91 -26.82 -15.76
CA LYS D 204 9.99 -27.09 -14.80
C LYS D 204 9.79 -28.43 -14.10
N VAL D 205 10.91 -29.08 -13.81
CA VAL D 205 10.95 -30.35 -13.08
C VAL D 205 11.62 -30.09 -11.74
N ASP D 206 10.86 -30.19 -10.65
CA ASP D 206 11.36 -29.91 -9.29
C ASP D 206 11.57 -31.17 -8.44
N GLY D 207 11.48 -32.34 -9.06
CA GLY D 207 11.69 -33.62 -8.37
C GLY D 207 11.89 -34.76 -9.34
N THR D 208 12.39 -35.88 -8.83
CA THR D 208 12.60 -37.09 -9.63
C THR D 208 11.29 -37.88 -9.72
N GLY D 209 11.23 -38.82 -10.66
CA GLY D 209 10.07 -39.69 -10.83
C GLY D 209 8.93 -39.16 -11.67
N PHE D 210 9.18 -38.09 -12.43
CA PHE D 210 8.16 -37.48 -13.32
C PHE D 210 7.81 -38.38 -14.50
N GLY D 211 8.75 -39.22 -14.92
CA GLY D 211 8.53 -40.19 -16.00
C GLY D 211 7.36 -41.13 -15.76
N GLY D 212 7.14 -41.51 -14.50
CA GLY D 212 6.08 -42.43 -14.13
C GLY D 212 4.66 -41.88 -14.12
N ILE D 213 4.51 -40.54 -14.17
CA ILE D 213 3.20 -39.89 -14.03
C ILE D 213 2.22 -40.43 -15.08
N GLY D 214 1.06 -40.89 -14.60
CA GLY D 214 0.12 -41.67 -15.42
C GLY D 214 -0.09 -43.08 -14.89
N LEU D 215 0.92 -43.61 -14.17
CA LEU D 215 0.83 -44.95 -13.59
C LEU D 215 -0.26 -44.99 -12.50
N PRO D 216 -1.20 -45.94 -12.58
CA PRO D 216 -2.28 -46.01 -11.60
C PRO D 216 -1.79 -46.59 -10.26
N GLY D 217 -2.28 -46.01 -9.16
CA GLY D 217 -1.83 -46.38 -7.81
C GLY D 217 -2.82 -47.13 -6.94
N ASP D 218 -4.04 -47.31 -7.41
CA ASP D 218 -5.08 -48.03 -6.67
C ASP D 218 -4.88 -49.54 -6.72
N VAL D 219 -5.74 -50.26 -5.99
CA VAL D 219 -5.62 -51.72 -5.86
C VAL D 219 -6.70 -52.50 -6.61
N SER D 220 -7.31 -51.88 -7.64
CA SER D 220 -8.16 -52.60 -8.56
C SER D 220 -7.30 -53.57 -9.38
N PRO D 221 -7.85 -54.73 -9.78
CA PRO D 221 -7.05 -55.74 -10.49
C PRO D 221 -6.30 -55.23 -11.73
N GLU D 222 -6.95 -54.37 -12.52
CA GLU D 222 -6.30 -53.77 -13.71
C GLU D 222 -5.16 -52.82 -13.35
N SER D 223 -5.36 -51.99 -12.33
CA SER D 223 -4.32 -51.07 -11.87
C SER D 223 -3.12 -51.79 -11.26
N ARG D 224 -3.36 -52.89 -10.54
CA ARG D 224 -2.28 -53.73 -10.01
C ARG D 224 -1.54 -54.49 -11.13
N PHE D 225 -2.28 -54.93 -12.15
CA PHE D 225 -1.68 -55.58 -13.33
C PHE D 225 -0.69 -54.64 -14.03
N VAL D 226 -1.12 -53.39 -14.26
CA VAL D 226 -0.28 -52.37 -14.89
C VAL D 226 0.92 -52.00 -14.01
N ARG D 227 0.67 -51.76 -12.74
CA ARG D 227 1.72 -51.35 -11.79
C ARG D 227 2.77 -52.43 -11.55
N ALA D 228 2.32 -53.68 -11.42
CA ALA D 228 3.23 -54.83 -11.25
C ALA D 228 4.10 -55.06 -12.49
N THR D 229 3.49 -54.88 -13.68
CA THR D 229 4.21 -55.01 -14.95
C THR D 229 5.31 -53.95 -15.08
N PHE D 230 4.95 -52.69 -14.83
CA PHE D 230 5.91 -51.58 -14.88
C PHE D 230 7.04 -51.75 -13.87
N SER D 231 6.69 -52.20 -12.66
CA SER D 231 7.68 -52.42 -11.59
C SER D 231 8.60 -53.61 -11.88
N LYS D 232 8.04 -54.71 -12.37
CA LYS D 232 8.80 -55.94 -12.63
C LYS D 232 9.70 -55.86 -13.87
N LEU D 233 9.17 -55.30 -14.96
CA LEU D 233 9.94 -55.16 -16.20
C LEU D 233 11.11 -54.17 -16.10
N ASN D 234 10.94 -53.12 -15.31
CA ASN D 234 12.01 -52.12 -15.08
C ASN D 234 12.87 -52.39 -13.86
N SER D 235 12.60 -53.45 -13.11
CA SER D 235 13.34 -53.78 -11.88
C SER D 235 14.83 -54.00 -12.18
N SER D 236 15.68 -53.47 -11.31
CA SER D 236 17.13 -53.57 -11.47
C SER D 236 17.62 -55.00 -11.23
N LYS D 237 18.66 -55.39 -11.96
CA LYS D 237 19.24 -56.71 -11.86
C LYS D 237 20.16 -56.79 -10.65
N GLY D 238 19.95 -57.81 -9.81
CA GLY D 238 20.84 -58.10 -8.68
C GLY D 238 21.98 -58.99 -9.12
N MET D 239 23.09 -58.95 -8.38
CA MET D 239 24.27 -59.79 -8.67
C MET D 239 24.30 -61.11 -7.89
N THR D 240 23.35 -61.31 -6.95
CA THR D 240 23.24 -62.56 -6.19
C THR D 240 21.80 -63.05 -6.18
N VAL D 241 21.63 -64.31 -5.75
CA VAL D 241 20.30 -64.89 -5.53
C VAL D 241 19.57 -64.18 -4.39
N GLU D 242 20.31 -63.80 -3.34
CA GLU D 242 19.73 -63.05 -2.21
C GLU D 242 19.13 -61.72 -2.67
N GLU D 243 19.88 -60.98 -3.48
CA GLU D 243 19.42 -59.69 -4.01
C GLU D 243 18.19 -59.83 -4.91
N ASP D 244 18.11 -60.93 -5.66
CA ASP D 244 16.93 -61.23 -6.48
C ASP D 244 15.68 -61.47 -5.63
N ILE D 245 15.83 -62.23 -4.55
CA ILE D 245 14.71 -62.54 -3.65
C ILE D 245 14.23 -61.28 -2.94
N THR D 246 15.18 -60.47 -2.46
CA THR D 246 14.89 -59.16 -1.88
C THR D 246 14.09 -58.30 -2.86
N GLN D 247 14.60 -58.18 -4.08
CA GLN D 247 13.94 -57.42 -5.16
C GLN D 247 12.55 -57.95 -5.50
N PHE D 248 12.39 -59.27 -5.47
CA PHE D 248 11.10 -59.93 -5.74
C PHE D 248 10.02 -59.48 -4.75
N PHE D 249 10.35 -59.45 -3.46
CA PHE D 249 9.42 -58.98 -2.42
C PHE D 249 9.15 -57.49 -2.50
N HIS D 250 10.12 -56.70 -2.97
CA HIS D 250 9.90 -55.28 -3.26
C HIS D 250 8.90 -55.09 -4.40
N ILE D 251 9.00 -55.92 -5.44
CA ILE D 251 8.07 -55.87 -6.59
C ILE D 251 6.64 -56.20 -6.16
N LEU D 252 6.47 -57.28 -5.39
CA LEU D 252 5.17 -57.65 -4.83
C LEU D 252 4.62 -56.61 -3.86
N GLY D 253 5.52 -55.93 -3.14
CA GLY D 253 5.15 -54.82 -2.27
C GLY D 253 4.55 -53.61 -2.95
N THR D 254 4.87 -53.41 -4.24
CA THR D 254 4.31 -52.28 -5.02
C THR D 254 2.81 -52.42 -5.29
N VAL D 255 2.30 -53.66 -5.28
CA VAL D 255 0.87 -53.94 -5.49
C VAL D 255 0.23 -54.65 -4.27
N GLU D 256 0.84 -54.48 -3.10
CA GLU D 256 0.31 -54.98 -1.84
C GLU D 256 -0.94 -54.17 -1.46
N GLN D 257 -1.89 -54.85 -0.82
CA GLN D 257 -3.10 -54.20 -0.31
C GLN D 257 -2.98 -54.11 1.20
N ILE D 258 -2.98 -52.89 1.73
CA ILE D 258 -2.95 -52.67 3.18
C ILE D 258 -4.39 -52.63 3.70
N LYS D 259 -4.56 -52.96 4.97
CA LYS D 259 -5.88 -52.98 5.59
C LYS D 259 -6.44 -51.57 5.68
N GLY D 260 -7.59 -51.34 5.05
CA GLY D 260 -8.30 -50.06 5.15
C GLY D 260 -8.62 -49.38 3.82
N VAL D 261 -7.75 -49.59 2.83
CA VAL D 261 -7.88 -48.91 1.53
C VAL D 261 -8.86 -49.59 0.56
N ASN D 262 -9.18 -50.86 0.79
CA ASN D 262 -10.08 -51.63 -0.07
C ASN D 262 -11.08 -52.42 0.76
N LYS D 263 -12.31 -51.92 0.82
CA LYS D 263 -13.41 -52.59 1.52
C LYS D 263 -14.21 -53.41 0.53
N THR D 264 -14.44 -54.69 0.87
CA THR D 264 -15.23 -55.60 0.04
C THR D 264 -16.71 -55.25 0.24
N GLU D 265 -17.60 -55.90 -0.53
CA GLU D 265 -19.05 -55.65 -0.36
C GLU D 265 -19.59 -56.12 1.00
N SER D 266 -18.89 -57.05 1.64
CA SER D 266 -19.22 -57.46 3.02
C SER D 266 -18.86 -56.40 4.09
N GLY D 267 -18.17 -55.33 3.68
CA GLY D 267 -17.69 -54.31 4.61
C GLY D 267 -16.39 -54.67 5.33
N LYS D 268 -15.74 -55.75 4.91
CA LYS D 268 -14.47 -56.19 5.49
C LYS D 268 -13.31 -55.74 4.61
N GLU D 269 -12.16 -55.56 5.23
CA GLU D 269 -11.00 -54.95 4.59
C GLU D 269 -10.23 -56.02 3.84
N GLU D 270 -10.05 -55.85 2.53
CA GLU D 270 -9.20 -56.74 1.73
C GLU D 270 -7.74 -56.37 1.95
N TYR D 271 -6.91 -57.36 2.24
CA TYR D 271 -5.47 -57.14 2.50
C TYR D 271 -4.62 -58.30 2.03
N THR D 272 -3.34 -58.00 1.74
CA THR D 272 -2.38 -59.02 1.31
C THR D 272 -2.05 -59.94 2.49
N VAL D 273 -2.71 -61.10 2.52
CA VAL D 273 -2.60 -62.06 3.61
C VAL D 273 -1.16 -62.60 3.70
N TYR D 274 -0.63 -63.02 2.55
CA TYR D 274 0.79 -63.40 2.44
C TYR D 274 1.36 -63.07 1.08
N SER D 275 2.68 -62.95 1.04
CA SER D 275 3.45 -62.84 -0.19
C SER D 275 4.48 -63.96 -0.18
N ASN D 276 4.70 -64.62 -1.32
CA ASN D 276 5.75 -65.63 -1.43
C ASN D 276 6.60 -65.49 -2.68
N CYS D 277 7.76 -66.14 -2.64
CA CYS D 277 8.72 -66.16 -3.75
C CYS D 277 9.35 -67.55 -3.79
N TYR D 278 9.04 -68.32 -4.82
CA TYR D 278 9.66 -69.63 -5.03
C TYR D 278 10.91 -69.47 -5.90
N ASP D 279 12.07 -69.86 -5.37
CA ASP D 279 13.27 -70.04 -6.18
C ASP D 279 13.07 -71.37 -6.93
N LEU D 280 12.84 -71.29 -8.23
CA LEU D 280 12.51 -72.47 -9.05
C LEU D 280 13.69 -73.40 -9.28
N ASP D 281 14.89 -72.84 -9.48
CA ASP D 281 16.10 -73.65 -9.71
C ASP D 281 16.53 -74.41 -8.46
N ASN D 282 16.45 -73.76 -7.30
CA ASN D 282 16.83 -74.35 -6.02
C ASN D 282 15.66 -74.96 -5.24
N LYS D 283 14.43 -74.83 -5.78
CA LYS D 283 13.21 -75.42 -5.20
C LYS D 283 13.01 -75.05 -3.73
N THR D 284 13.05 -73.74 -3.48
CA THR D 284 12.92 -73.18 -2.14
C THR D 284 11.77 -72.19 -2.09
N LEU D 285 10.87 -72.38 -1.13
CA LEU D 285 9.78 -71.43 -0.87
C LEU D 285 10.28 -70.38 0.12
N TYR D 286 10.09 -69.11 -0.23
CA TYR D 286 10.26 -67.98 0.69
C TYR D 286 8.90 -67.31 0.84
N TYR D 287 8.54 -66.89 2.05
CA TYR D 287 7.27 -66.19 2.26
C TYR D 287 7.28 -65.18 3.41
N THR D 288 6.38 -64.21 3.31
CA THR D 288 6.07 -63.26 4.38
C THR D 288 4.56 -63.24 4.57
N THR D 289 4.11 -62.80 5.74
CA THR D 289 2.69 -62.60 6.01
C THR D 289 2.44 -61.10 6.21
N TYR D 290 1.17 -60.72 6.31
CA TYR D 290 0.80 -59.35 6.64
C TYR D 290 1.34 -58.94 8.02
N GLU D 291 1.38 -59.91 8.94
CA GLU D 291 1.74 -59.68 10.34
C GLU D 291 3.23 -59.81 10.63
N ASN D 292 3.98 -60.48 9.76
CA ASN D 292 5.42 -60.72 9.95
C ASN D 292 6.20 -60.33 8.70
N ARG D 293 7.08 -59.33 8.84
CA ARG D 293 7.91 -58.84 7.73
C ARG D 293 9.08 -59.78 7.40
N GLN D 294 9.58 -60.52 8.39
CA GLN D 294 10.73 -61.40 8.17
C GLN D 294 10.40 -62.51 7.19
N ILE D 295 11.29 -62.73 6.22
CA ILE D 295 11.13 -63.77 5.22
C ILE D 295 11.40 -65.12 5.88
N VAL D 296 10.55 -66.10 5.59
CA VAL D 296 10.70 -67.47 6.10
C VAL D 296 10.99 -68.39 4.92
N ALA D 297 12.03 -69.23 5.06
CA ALA D 297 12.48 -70.13 3.99
C ALA D 297 12.20 -71.59 4.32
N VAL D 298 11.68 -72.33 3.33
CA VAL D 298 11.50 -73.79 3.42
C VAL D 298 11.91 -74.40 2.07
N THR D 299 12.80 -75.39 2.12
CA THR D 299 13.30 -76.06 0.92
C THR D 299 12.60 -77.39 0.69
N LEU D 300 12.38 -77.73 -0.58
CA LEU D 300 11.91 -79.07 -0.96
C LEU D 300 13.12 -79.96 -1.20
N ASN D 301 13.35 -80.90 -0.28
CA ASN D 301 14.48 -81.82 -0.37
C ASN D 301 14.18 -83.04 -1.25
N LYS D 302 12.91 -83.46 -1.30
CA LYS D 302 12.47 -84.58 -2.13
C LYS D 302 13.18 -85.88 -1.73
N ASP D 303 12.73 -86.48 -0.64
CA ASP D 303 13.18 -87.80 -0.20
C ASP D 303 11.99 -88.75 -0.37
N LYS D 304 11.84 -89.24 -1.59
CA LYS D 304 10.75 -90.17 -1.95
C LYS D 304 10.75 -91.44 -1.10
N ASP D 305 9.56 -92.01 -0.93
CA ASP D 305 9.22 -93.17 -0.05
C ASP D 305 8.21 -92.77 1.03
N GLY D 306 8.26 -91.50 1.46
CA GLY D 306 7.21 -90.94 2.31
C GLY D 306 5.91 -90.78 1.53
N ASN D 307 4.79 -90.91 2.22
CA ASN D 307 3.46 -90.74 1.62
C ASN D 307 2.52 -89.91 2.50
N ARG D 308 3.10 -89.02 3.31
CA ARG D 308 2.33 -88.19 4.23
C ARG D 308 2.74 -86.73 4.10
N LEU D 309 1.75 -85.85 4.28
CA LEU D 309 1.91 -84.42 4.13
C LEU D 309 2.70 -83.87 5.31
N VAL D 310 3.73 -83.09 5.01
CA VAL D 310 4.53 -82.42 6.02
C VAL D 310 4.17 -80.94 5.91
N THR D 311 3.62 -80.38 7.01
CA THR D 311 3.10 -79.01 7.00
C THR D 311 3.69 -78.17 8.14
N TYR D 312 3.95 -76.89 7.82
CA TYR D 312 4.46 -75.91 8.78
C TYR D 312 3.51 -74.71 8.81
N PRO D 313 2.84 -74.46 9.95
CA PRO D 313 1.96 -73.28 10.01
C PRO D 313 2.68 -71.94 9.87
N PHE D 314 1.94 -70.93 9.39
CA PHE D 314 2.45 -69.58 9.23
C PHE D 314 2.50 -68.86 10.57
N GLU D 315 3.63 -68.20 10.85
CA GLU D 315 3.75 -67.30 12.00
C GLU D 315 3.06 -65.98 11.64
N ARG D 316 2.12 -65.55 12.48
CA ARG D 316 1.41 -64.28 12.31
C ARG D 316 1.72 -63.32 13.47
N LYS D 317 3.01 -63.21 13.78
CA LYS D 317 3.52 -62.27 14.78
C LYS D 317 4.75 -61.60 14.21
N GLN D 318 4.88 -60.30 14.45
CA GLN D 318 6.00 -59.52 13.94
C GLN D 318 7.28 -59.88 14.69
N ILE D 319 8.17 -60.62 14.03
CA ILE D 319 9.42 -61.06 14.64
C ILE D 319 10.46 -59.95 14.46
N ILE D 320 10.69 -59.21 15.54
CA ILE D 320 11.55 -58.03 15.54
C ILE D 320 12.90 -58.37 16.18
N ASN D 321 13.98 -57.90 15.55
CA ASN D 321 15.34 -58.03 16.09
C ASN D 321 15.61 -56.88 17.06
N LYS D 322 15.58 -57.18 18.35
CA LYS D 322 15.78 -56.18 19.40
C LYS D 322 17.24 -56.18 19.85
N LEU D 323 17.95 -55.10 19.55
CA LEU D 323 19.36 -54.93 19.93
C LEU D 323 19.51 -54.74 21.44
N THR E 3 -10.02 53.04 4.62
CA THR E 3 -8.69 53.60 4.38
C THR E 3 -8.79 54.66 3.30
N ALA E 4 -8.40 55.90 3.63
CA ALA E 4 -8.35 56.99 2.66
C ALA E 4 -6.91 57.43 2.44
N ILE E 5 -6.53 57.66 1.19
CA ILE E 5 -5.17 58.05 0.83
C ILE E 5 -5.16 59.20 -0.18
N THR E 6 -4.01 59.86 -0.29
CA THR E 6 -3.71 60.78 -1.39
C THR E 6 -2.51 60.20 -2.16
N LEU E 7 -2.33 60.67 -3.39
CA LEU E 7 -1.18 60.31 -4.19
C LEU E 7 -0.82 61.47 -5.12
N ASN E 8 0.47 61.78 -5.21
CA ASN E 8 0.97 62.85 -6.07
C ASN E 8 1.84 62.23 -7.17
N GLY E 9 1.35 62.28 -8.40
CA GLY E 9 2.04 61.70 -9.56
C GLY E 9 2.06 62.66 -10.74
N ASN E 10 1.66 62.15 -11.91
CA ASN E 10 1.51 62.97 -13.12
C ASN E 10 0.32 63.93 -12.98
N SER E 11 -0.76 63.43 -12.38
CA SER E 11 -1.82 64.27 -11.83
C SER E 11 -1.82 64.06 -10.31
N ASN E 12 -2.84 64.57 -9.62
CA ASN E 12 -2.95 64.45 -8.15
C ASN E 12 -4.26 63.80 -7.78
N TYR E 13 -4.19 62.85 -6.84
CA TYR E 13 -5.29 61.93 -6.57
C TYR E 13 -5.68 61.88 -5.09
N PHE E 14 -6.88 61.36 -4.86
CA PHE E 14 -7.48 61.28 -3.54
C PHE E 14 -8.57 60.23 -3.65
N GLY E 15 -8.66 59.36 -2.66
CA GLY E 15 -9.59 58.23 -2.75
C GLY E 15 -9.64 57.43 -1.46
N ARG E 16 -10.49 56.42 -1.44
CA ARG E 16 -10.70 55.62 -0.24
C ARG E 16 -11.31 54.26 -0.50
N ASN E 17 -11.00 53.31 0.40
CA ASN E 17 -11.79 52.10 0.57
C ASN E 17 -12.90 52.40 1.57
N LEU E 18 -14.13 51.99 1.25
CA LEU E 18 -15.21 51.98 2.23
C LEU E 18 -15.38 50.56 2.74
N ASP E 19 -15.08 50.35 4.01
CA ASP E 19 -15.17 49.04 4.66
C ASP E 19 -16.38 49.00 5.59
N LEU E 20 -17.36 48.18 5.24
CA LEU E 20 -18.58 48.01 6.03
C LEU E 20 -19.07 46.56 5.96
N ASP E 21 -19.97 46.22 6.86
CA ASP E 21 -20.64 44.91 6.86
C ASP E 21 -21.68 44.76 5.75
N PHE E 22 -22.21 45.89 5.27
CA PHE E 22 -23.15 45.92 4.16
C PHE E 22 -22.90 47.14 3.28
N SER E 23 -23.33 47.04 2.01
CA SER E 23 -23.49 48.23 1.17
C SER E 23 -24.72 48.99 1.67
N TYR E 24 -24.77 50.29 1.40
CA TYR E 24 -25.95 51.11 1.75
C TYR E 24 -26.71 51.57 0.49
N GLY E 25 -26.49 50.88 -0.63
CA GLY E 25 -27.07 51.28 -1.92
C GLY E 25 -26.51 52.59 -2.44
N GLU E 26 -25.25 52.85 -2.12
CA GLU E 26 -24.54 54.06 -2.58
C GLU E 26 -24.42 54.12 -4.10
N GLU E 27 -24.24 55.34 -4.60
CA GLU E 27 -24.17 55.62 -6.03
C GLU E 27 -23.35 56.88 -6.25
N VAL E 28 -23.07 57.17 -7.52
CA VAL E 28 -22.43 58.43 -7.89
C VAL E 28 -23.50 59.50 -7.77
N ILE E 29 -23.19 60.60 -7.08
CA ILE E 29 -24.08 61.76 -6.96
C ILE E 29 -23.30 63.00 -7.36
N ILE E 30 -23.79 63.70 -8.37
CA ILE E 30 -23.29 65.02 -8.72
C ILE E 30 -24.27 66.05 -8.17
N THR E 31 -23.75 66.99 -7.37
CA THR E 31 -24.51 68.13 -6.91
C THR E 31 -24.08 69.34 -7.74
N PRO E 32 -24.99 69.88 -8.58
CA PRO E 32 -24.61 71.01 -9.43
C PRO E 32 -24.53 72.32 -8.65
N ALA E 33 -23.96 73.35 -9.29
CA ALA E 33 -23.70 74.65 -8.66
C ALA E 33 -24.93 75.31 -8.04
N GLU E 34 -26.10 75.12 -8.65
CA GLU E 34 -27.35 75.75 -8.19
C GLU E 34 -28.34 74.83 -7.46
N TYR E 35 -27.91 73.63 -7.06
CA TYR E 35 -28.68 72.85 -6.08
C TYR E 35 -28.58 73.59 -4.75
N GLU E 36 -29.72 73.97 -4.19
CA GLU E 36 -29.76 74.75 -2.95
C GLU E 36 -29.46 73.85 -1.75
N PHE E 37 -28.35 74.11 -1.07
CA PHE E 37 -28.01 73.41 0.16
C PHE E 37 -28.72 74.06 1.34
N LYS E 38 -29.58 73.28 2.01
CA LYS E 38 -30.28 73.72 3.21
C LYS E 38 -29.63 73.10 4.45
N PHE E 39 -29.49 73.92 5.49
CA PHE E 39 -28.84 73.52 6.73
C PHE E 39 -29.85 73.67 7.87
N ARG E 40 -29.70 72.83 8.89
CA ARG E 40 -30.63 72.82 10.02
C ARG E 40 -30.55 74.11 10.84
N LYS E 41 -29.33 74.67 10.96
CA LYS E 41 -29.09 75.83 11.83
C LYS E 41 -28.28 76.97 11.19
N GLU E 42 -28.19 77.00 9.86
CA GLU E 42 -27.53 78.10 9.14
C GLU E 42 -28.35 78.43 7.89
N LYS E 43 -28.07 79.60 7.31
CA LYS E 43 -28.78 80.04 6.11
C LYS E 43 -28.45 79.15 4.91
N ALA E 44 -29.43 78.98 4.03
CA ALA E 44 -29.26 78.16 2.83
C ALA E 44 -28.24 78.77 1.86
N ILE E 45 -27.59 77.91 1.10
CA ILE E 45 -26.61 78.32 0.09
C ILE E 45 -27.16 77.90 -1.28
N LYS E 46 -27.55 78.90 -2.07
CA LYS E 46 -28.21 78.69 -3.37
C LYS E 46 -27.21 78.61 -4.53
N ASN E 47 -26.02 79.20 -4.35
CA ASN E 47 -24.93 79.11 -5.32
C ASN E 47 -23.65 78.68 -4.62
N HIS E 48 -22.98 77.68 -5.19
CA HIS E 48 -21.78 77.09 -4.60
C HIS E 48 -20.99 76.33 -5.66
N LYS E 49 -19.85 75.77 -5.25
CA LYS E 49 -19.08 74.88 -6.11
C LYS E 49 -19.80 73.55 -6.28
N SER E 50 -19.75 73.00 -7.50
CA SER E 50 -20.42 71.74 -7.81
C SER E 50 -19.58 70.56 -7.34
N LEU E 51 -20.25 69.54 -6.82
CA LEU E 51 -19.59 68.36 -6.25
C LEU E 51 -19.82 67.13 -7.14
N ILE E 52 -18.85 66.22 -7.12
CA ILE E 52 -19.05 64.84 -7.57
C ILE E 52 -18.53 63.93 -6.45
N GLY E 53 -19.29 62.90 -6.12
CA GLY E 53 -18.89 61.97 -5.08
C GLY E 53 -19.77 60.73 -5.01
N VAL E 54 -19.54 59.95 -3.95
CA VAL E 54 -20.26 58.71 -3.72
C VAL E 54 -21.08 58.83 -2.43
N GLY E 55 -22.31 58.34 -2.47
CA GLY E 55 -23.19 58.33 -1.31
C GLY E 55 -24.60 57.93 -1.66
N ILE E 56 -25.53 58.24 -0.78
CA ILE E 56 -26.96 57.99 -1.00
C ILE E 56 -27.73 59.31 -1.03
N VAL E 57 -28.90 59.27 -1.69
CA VAL E 57 -29.82 60.39 -1.72
C VAL E 57 -31.01 60.06 -0.84
N ALA E 58 -31.30 60.93 0.12
CA ALA E 58 -32.47 60.80 1.00
C ALA E 58 -33.21 62.14 1.03
N ASN E 59 -34.51 62.11 0.72
CA ASN E 59 -35.35 63.33 0.69
C ASN E 59 -34.74 64.47 -0.16
N ASP E 60 -34.26 64.10 -1.36
CA ASP E 60 -33.63 65.03 -2.29
C ASP E 60 -32.39 65.74 -1.69
N TYR E 61 -31.66 65.05 -0.81
CA TYR E 61 -30.45 65.59 -0.18
C TYR E 61 -29.28 64.64 -0.38
N PRO E 62 -28.13 65.14 -0.87
CA PRO E 62 -26.98 64.27 -1.11
C PRO E 62 -26.21 63.97 0.18
N LEU E 63 -26.30 62.73 0.64
CA LEU E 63 -25.59 62.28 1.85
C LEU E 63 -24.29 61.58 1.45
N TYR E 64 -23.23 62.38 1.32
CA TYR E 64 -21.95 61.90 0.80
C TYR E 64 -21.15 61.10 1.81
N PHE E 65 -20.52 60.03 1.32
CA PHE E 65 -19.48 59.32 2.07
C PHE E 65 -18.15 60.02 1.79
N ASP E 66 -17.94 60.37 0.52
CA ASP E 66 -16.79 61.16 0.08
C ASP E 66 -17.14 61.87 -1.22
N ALA E 67 -16.39 62.94 -1.51
CA ALA E 67 -16.64 63.75 -2.70
C ALA E 67 -15.46 64.68 -2.99
N ILE E 68 -15.44 65.23 -4.20
CA ILE E 68 -14.58 66.37 -4.54
C ILE E 68 -15.45 67.47 -5.12
N ASN E 69 -14.90 68.68 -5.18
CA ASN E 69 -15.60 69.82 -5.81
C ASN E 69 -14.93 70.19 -7.14
N GLU E 70 -15.47 71.22 -7.79
CA GLU E 70 -14.95 71.71 -9.08
C GLU E 70 -13.50 72.22 -9.07
N ASP E 71 -12.96 72.56 -7.88
CA ASP E 71 -11.58 73.02 -7.73
C ASP E 71 -10.57 71.94 -7.38
N GLY E 72 -11.00 70.68 -7.32
CA GLY E 72 -10.11 69.57 -6.97
C GLY E 72 -9.80 69.46 -5.49
N LEU E 73 -10.71 69.94 -4.63
CA LEU E 73 -10.63 69.74 -3.19
C LEU E 73 -11.51 68.55 -2.83
N GLY E 74 -10.96 67.61 -2.08
CA GLY E 74 -11.66 66.39 -1.68
C GLY E 74 -11.91 66.31 -0.19
N MET E 75 -12.88 65.48 0.20
CA MET E 75 -13.22 65.27 1.61
C MET E 75 -13.92 63.92 1.78
N ALA E 76 -13.48 63.15 2.77
CA ALA E 76 -14.02 61.80 3.04
C ALA E 76 -14.27 61.60 4.52
N GLY E 77 -15.47 61.16 4.88
CA GLY E 77 -15.82 60.78 6.25
C GLY E 77 -15.51 59.31 6.49
N LEU E 78 -14.63 59.05 7.46
CA LEU E 78 -14.24 57.68 7.83
C LEU E 78 -14.74 57.36 9.23
N ASN E 79 -14.94 56.07 9.51
CA ASN E 79 -15.45 55.63 10.81
C ASN E 79 -14.51 56.00 11.95
N PHE E 80 -15.09 56.50 13.03
CA PHE E 80 -14.35 56.99 14.19
C PHE E 80 -15.19 56.71 15.44
N PRO E 81 -15.53 55.42 15.66
CA PRO E 81 -16.51 55.05 16.71
C PRO E 81 -16.03 55.39 18.12
N GLY E 82 -16.89 56.05 18.90
CA GLY E 82 -16.60 56.42 20.29
C GLY E 82 -15.88 57.75 20.44
N ASN E 83 -14.82 57.96 19.67
CA ASN E 83 -13.98 59.16 19.79
C ASN E 83 -14.62 60.44 19.24
N ALA E 84 -15.49 60.31 18.22
CA ALA E 84 -16.20 61.47 17.69
C ALA E 84 -17.20 62.00 18.72
N TYR E 85 -17.19 63.32 18.92
CA TYR E 85 -18.14 63.99 19.82
C TYR E 85 -18.85 65.09 19.04
N TYR E 86 -20.18 65.07 19.09
CA TYR E 86 -21.00 66.11 18.48
C TYR E 86 -21.72 66.88 19.59
N SER E 87 -21.76 68.19 19.47
CA SER E 87 -22.25 69.07 20.54
C SER E 87 -23.78 69.15 20.55
N ASP E 88 -24.36 69.10 21.75
CA ASP E 88 -25.80 69.32 21.94
C ASP E 88 -26.14 70.81 22.09
N ALA E 89 -25.13 71.68 22.12
CA ALA E 89 -25.31 73.12 22.28
C ALA E 89 -24.90 73.87 21.02
N LEU E 90 -25.68 74.89 20.69
CA LEU E 90 -25.36 75.80 19.59
C LEU E 90 -24.48 76.92 20.14
N GLU E 91 -23.62 77.46 19.29
CA GLU E 91 -22.65 78.49 19.68
C GLU E 91 -22.75 79.67 18.73
N ASN E 92 -22.83 80.88 19.29
CA ASN E 92 -23.10 82.10 18.53
C ASN E 92 -21.90 82.57 17.71
N ASP E 93 -20.70 82.32 18.21
CA ASP E 93 -19.45 82.64 17.49
C ASP E 93 -18.97 81.51 16.56
N LYS E 94 -19.80 80.50 16.31
CA LYS E 94 -19.46 79.35 15.45
C LYS E 94 -20.57 79.04 14.46
N ASP E 95 -20.17 78.57 13.27
CA ASP E 95 -21.11 78.02 12.30
C ASP E 95 -21.55 76.65 12.79
N ASN E 96 -22.85 76.52 13.10
CA ASN E 96 -23.41 75.27 13.64
C ASN E 96 -23.86 74.36 12.51
N ILE E 97 -23.06 73.33 12.24
CA ILE E 97 -23.23 72.45 11.09
C ILE E 97 -23.32 71.00 11.57
N THR E 98 -24.21 70.22 10.95
CA THR E 98 -24.38 68.81 11.32
C THR E 98 -23.29 67.98 10.63
N PRO E 99 -22.98 66.77 11.15
CA PRO E 99 -22.00 65.92 10.48
C PRO E 99 -22.34 65.55 9.02
N PHE E 100 -23.62 65.36 8.71
CA PHE E 100 -24.05 65.11 7.32
C PHE E 100 -23.95 66.36 6.41
N GLU E 101 -24.08 67.54 6.99
CA GLU E 101 -23.88 68.81 6.26
C GLU E 101 -22.41 69.21 6.09
N PHE E 102 -21.50 68.53 6.79
CA PHE E 102 -20.09 68.93 6.84
C PHE E 102 -19.40 68.93 5.48
N ILE E 103 -19.65 67.90 4.68
CA ILE E 103 -19.06 67.79 3.33
C ILE E 103 -19.59 68.88 2.37
N PRO E 104 -20.92 69.08 2.30
CA PRO E 104 -21.45 70.24 1.57
C PRO E 104 -20.95 71.60 2.04
N TRP E 105 -20.86 71.80 3.36
CA TRP E 105 -20.40 73.06 3.95
C TRP E 105 -18.97 73.43 3.52
N ILE E 106 -18.07 72.46 3.53
CA ILE E 106 -16.66 72.69 3.16
C ILE E 106 -16.46 72.75 1.65
N LEU E 107 -16.83 71.67 0.96
CA LEU E 107 -16.57 71.54 -0.49
C LEU E 107 -17.38 72.51 -1.35
N GLY E 108 -18.54 72.95 -0.85
CA GLY E 108 -19.34 73.95 -1.53
C GLY E 108 -18.68 75.33 -1.60
N GLN E 109 -17.91 75.68 -0.57
CA GLN E 109 -17.38 77.04 -0.40
C GLN E 109 -15.86 77.19 -0.50
N CYS E 110 -15.11 76.10 -0.27
CA CYS E 110 -13.64 76.16 -0.19
C CYS E 110 -12.98 75.58 -1.44
N SER E 111 -11.94 76.27 -1.92
CA SER E 111 -11.20 75.88 -3.12
C SER E 111 -9.92 75.08 -2.84
N ASP E 112 -9.36 75.21 -1.63
CA ASP E 112 -8.14 74.51 -1.23
C ASP E 112 -8.18 74.16 0.27
N VAL E 113 -7.13 73.48 0.74
CA VAL E 113 -7.03 73.05 2.14
C VAL E 113 -6.92 74.23 3.12
N ASN E 114 -6.19 75.27 2.74
CA ASN E 114 -6.06 76.47 3.58
C ASN E 114 -7.41 77.13 3.87
N GLU E 115 -8.26 77.22 2.85
CA GLU E 115 -9.64 77.70 3.01
C GLU E 115 -10.50 76.72 3.82
N ALA E 116 -10.31 75.42 3.59
CA ALA E 116 -11.00 74.38 4.37
C ALA E 116 -10.64 74.46 5.85
N ARG E 117 -9.33 74.60 6.14
CA ARG E 117 -8.85 74.76 7.53
C ARG E 117 -9.46 75.99 8.19
N ASN E 118 -9.42 77.13 7.50
CA ASN E 118 -9.99 78.39 8.02
C ASN E 118 -11.47 78.27 8.36
N LEU E 119 -12.23 77.57 7.52
CA LEU E 119 -13.66 77.34 7.75
C LEU E 119 -13.92 76.35 8.88
N VAL E 120 -13.11 75.29 8.97
CA VAL E 120 -13.21 74.30 10.05
C VAL E 120 -12.89 74.91 11.42
N GLU E 121 -11.96 75.88 11.46
CA GLU E 121 -11.62 76.59 12.70
C GLU E 121 -12.80 77.35 13.34
N LYS E 122 -13.81 77.70 12.54
CA LYS E 122 -15.02 78.36 13.02
C LYS E 122 -16.22 77.43 13.20
N ILE E 123 -16.03 76.12 13.08
CA ILE E 123 -17.17 75.20 13.05
C ILE E 123 -17.53 74.67 14.45
N ASN E 124 -18.82 74.33 14.59
CA ASN E 124 -19.34 73.61 15.75
C ASN E 124 -20.19 72.46 15.19
N LEU E 125 -19.68 71.24 15.28
CA LEU E 125 -20.42 70.07 14.78
C LEU E 125 -21.49 69.67 15.80
N ILE E 126 -22.75 69.83 15.40
CA ILE E 126 -23.88 69.67 16.32
C ILE E 126 -24.54 68.30 16.21
N ASN E 127 -25.10 67.82 17.33
CA ASN E 127 -25.58 66.45 17.46
C ASN E 127 -27.04 66.32 17.00
N LEU E 128 -27.25 66.53 15.70
CA LEU E 128 -28.59 66.44 15.09
C LEU E 128 -28.54 65.44 13.93
N SER E 129 -29.35 64.39 14.02
CA SER E 129 -29.43 63.35 12.99
C SER E 129 -30.22 63.83 11.78
N PHE E 130 -29.93 63.24 10.62
CA PHE E 130 -30.66 63.53 9.39
C PHE E 130 -32.13 63.13 9.53
N SER E 131 -32.36 61.95 10.10
CA SER E 131 -33.72 61.45 10.35
C SER E 131 -33.69 60.37 11.43
N GLU E 132 -34.86 59.85 11.79
CA GLU E 132 -34.97 58.69 12.68
C GLU E 132 -34.36 57.44 12.05
N GLN E 133 -34.60 57.25 10.76
CA GLN E 133 -34.09 56.10 10.02
C GLN E 133 -32.58 56.14 9.78
N LEU E 134 -31.99 57.34 9.82
CA LEU E 134 -30.56 57.54 9.57
C LEU E 134 -29.91 58.31 10.72
N PRO E 135 -29.61 57.60 11.84
CA PRO E 135 -28.97 58.26 12.98
C PRO E 135 -27.49 58.56 12.75
N LEU E 136 -26.93 59.42 13.60
CA LEU E 136 -25.53 59.83 13.47
C LEU E 136 -24.56 58.72 13.86
N ALA E 137 -23.47 58.64 13.11
CA ALA E 137 -22.34 57.76 13.41
C ALA E 137 -21.10 58.61 13.67
N GLY E 138 -20.19 58.07 14.47
CA GLY E 138 -18.94 58.75 14.78
C GLY E 138 -17.99 58.74 13.60
N LEU E 139 -17.60 59.92 13.12
CA LEU E 139 -16.71 60.06 11.98
C LEU E 139 -15.53 61.01 12.25
N HIS E 140 -14.50 60.84 11.44
CA HIS E 140 -13.41 61.82 11.29
C HIS E 140 -13.08 61.95 9.80
N TRP E 141 -12.42 63.05 9.42
CA TRP E 141 -12.34 63.44 8.02
C TRP E 141 -10.93 63.67 7.53
N LEU E 142 -10.66 63.22 6.29
CA LEU E 142 -9.49 63.63 5.53
C LEU E 142 -9.95 64.65 4.50
N ILE E 143 -9.27 65.80 4.45
CA ILE E 143 -9.52 66.84 3.47
C ILE E 143 -8.22 67.03 2.69
N ALA E 144 -8.28 66.90 1.37
CA ALA E 144 -7.09 66.93 0.52
C ALA E 144 -7.32 67.74 -0.76
N ASP E 145 -6.32 68.53 -1.15
CA ASP E 145 -6.26 69.15 -2.47
C ASP E 145 -5.06 68.54 -3.22
N ARG E 146 -4.68 69.12 -4.36
CA ARG E 146 -3.54 68.61 -5.14
C ARG E 146 -2.17 68.72 -4.45
N GLU E 147 -2.06 69.57 -3.44
CA GLU E 147 -0.81 69.85 -2.74
C GLU E 147 -0.62 69.02 -1.46
N LYS E 148 -1.61 69.10 -0.57
CA LYS E 148 -1.48 68.59 0.80
C LYS E 148 -2.83 68.11 1.34
N SER E 149 -2.83 67.56 2.54
CA SER E 149 -4.06 67.11 3.20
C SER E 149 -4.04 67.39 4.70
N ILE E 150 -5.24 67.51 5.27
CA ILE E 150 -5.42 67.66 6.73
C ILE E 150 -6.41 66.63 7.26
N VAL E 151 -6.27 66.31 8.55
CA VAL E 151 -7.19 65.44 9.25
C VAL E 151 -8.00 66.28 10.23
N VAL E 152 -9.33 66.12 10.22
CA VAL E 152 -10.22 66.79 11.16
C VAL E 152 -10.79 65.74 12.12
N GLU E 153 -10.53 65.93 13.41
CA GLU E 153 -11.03 65.03 14.46
C GLU E 153 -11.68 65.84 15.59
N VAL E 154 -13.00 65.78 15.65
CA VAL E 154 -13.78 66.50 16.66
C VAL E 154 -14.10 65.54 17.80
N THR E 155 -13.49 65.78 18.95
CA THR E 155 -13.58 64.90 20.11
C THR E 155 -14.14 65.70 21.29
N LYS E 156 -14.24 65.05 22.46
CA LYS E 156 -14.71 65.74 23.66
C LYS E 156 -13.79 66.92 24.08
N SER E 157 -12.50 66.83 23.73
CA SER E 157 -11.55 67.92 23.98
C SER E 157 -11.60 69.07 22.95
N GLY E 158 -12.36 68.91 21.86
CA GLY E 158 -12.62 69.99 20.90
C GLY E 158 -12.30 69.62 19.45
N VAL E 159 -12.27 70.65 18.60
CA VAL E 159 -12.01 70.49 17.17
C VAL E 159 -10.50 70.45 16.92
N HIS E 160 -10.00 69.28 16.52
CA HIS E 160 -8.57 69.10 16.23
C HIS E 160 -8.34 69.02 14.73
N ILE E 161 -7.34 69.77 14.26
CA ILE E 161 -6.94 69.81 12.86
C ILE E 161 -5.45 69.45 12.82
N TYR E 162 -5.11 68.45 12.01
CA TYR E 162 -3.73 67.97 11.88
C TYR E 162 -3.27 68.09 10.44
N ASP E 163 -2.06 68.62 10.24
CA ASP E 163 -1.36 68.45 8.97
C ASP E 163 -1.06 66.96 8.83
N ASN E 164 -1.42 66.39 7.68
CA ASN E 164 -1.18 64.98 7.39
C ASN E 164 0.04 64.89 6.48
N PRO E 165 1.23 64.59 7.06
CA PRO E 165 2.46 64.55 6.24
C PRO E 165 2.57 63.37 5.27
N ILE E 166 1.71 62.36 5.42
CA ILE E 166 1.75 61.16 4.58
C ILE E 166 0.49 60.92 3.73
N GLY E 167 -0.58 61.68 3.96
CA GLY E 167 -1.85 61.49 3.23
C GLY E 167 -2.43 60.11 3.42
N ILE E 168 -2.58 59.70 4.68
CA ILE E 168 -3.15 58.39 5.06
C ILE E 168 -4.11 58.61 6.24
N LEU E 169 -5.25 57.95 6.19
CA LEU E 169 -6.18 57.92 7.32
C LEU E 169 -7.01 56.65 7.30
N THR E 170 -7.14 56.00 8.46
CA THR E 170 -8.02 54.85 8.63
C THR E 170 -9.09 55.18 9.67
N ASN E 171 -9.10 54.49 10.81
CA ASN E 171 -10.13 54.65 11.83
C ASN E 171 -9.46 54.97 13.18
N ASN E 172 -9.96 54.42 14.29
CA ASN E 172 -9.34 54.60 15.60
C ASN E 172 -7.97 53.93 15.67
N PRO E 173 -7.06 54.43 16.53
CA PRO E 173 -7.19 55.55 17.48
C PRO E 173 -7.05 56.91 16.80
N GLU E 174 -6.98 57.96 17.62
CA GLU E 174 -6.78 59.34 17.16
C GLU E 174 -5.47 59.48 16.37
N PHE E 175 -5.36 60.56 15.60
CA PHE E 175 -4.32 60.68 14.56
C PHE E 175 -2.89 60.69 15.10
N ASN E 176 -2.67 61.35 16.25
CA ASN E 176 -1.35 61.36 16.90
C ASN E 176 -0.88 59.98 17.36
N TYR E 177 -1.83 59.12 17.72
CA TYR E 177 -1.53 57.71 18.06
C TYR E 177 -1.20 56.90 16.80
N GLN E 178 -1.93 57.15 15.72
CA GLN E 178 -1.67 56.50 14.42
C GLN E 178 -0.28 56.86 13.89
N MET E 179 0.09 58.14 14.01
CA MET E 179 1.39 58.63 13.56
C MET E 179 2.54 58.14 14.44
N TYR E 180 2.33 58.10 15.76
CA TYR E 180 3.35 57.55 16.67
C TYR E 180 3.56 56.05 16.43
N ASN E 181 2.48 55.32 16.13
CA ASN E 181 2.55 53.88 15.87
C ASN E 181 3.46 53.49 14.69
N LEU E 182 3.62 54.39 13.71
CA LEU E 182 4.56 54.18 12.60
C LEU E 182 6.02 54.04 13.03
N ASN E 183 6.40 54.69 14.13
CA ASN E 183 7.80 54.78 14.58
C ASN E 183 8.48 53.44 14.84
N LYS E 184 7.73 52.45 15.32
CA LYS E 184 8.29 51.10 15.58
C LYS E 184 8.62 50.30 14.31
N TYR E 185 8.16 50.74 13.14
CA TYR E 185 8.41 50.06 11.87
C TYR E 185 9.51 50.70 11.00
N ARG E 186 10.37 51.54 11.60
CA ARG E 186 11.46 52.20 10.87
C ARG E 186 12.43 51.23 10.16
N ASN E 187 12.60 50.04 10.73
CA ASN E 187 13.55 49.04 10.20
C ASN E 187 13.09 48.33 8.92
N LEU E 188 11.80 48.42 8.59
CA LEU E 188 11.26 47.78 7.37
C LEU E 188 11.90 48.36 6.12
N SER E 189 11.97 47.55 5.07
CA SER E 189 12.62 47.93 3.83
C SER E 189 11.98 47.22 2.64
N ILE E 190 12.17 47.80 1.46
CA ILE E 190 11.74 47.18 0.20
C ILE E 190 12.80 46.23 -0.38
N SER E 191 14.00 46.26 0.18
CA SER E 191 15.13 45.46 -0.30
C SER E 191 15.58 44.45 0.75
N THR E 192 16.26 43.40 0.30
CA THR E 192 16.82 42.37 1.19
C THR E 192 17.77 43.03 2.19
N PRO E 193 17.49 42.90 3.50
CA PRO E 193 18.41 43.52 4.47
C PRO E 193 19.71 42.74 4.61
N GLN E 194 20.76 43.44 5.06
CA GLN E 194 21.99 42.79 5.46
C GLN E 194 21.77 42.08 6.79
N ASN E 195 22.57 41.06 7.06
CA ASN E 195 22.50 40.32 8.31
C ASN E 195 23.10 41.16 9.44
N THR E 196 22.24 41.91 10.12
CA THR E 196 22.61 42.65 11.33
C THR E 196 22.29 41.87 12.61
N PHE E 197 21.54 40.76 12.49
CA PHE E 197 21.23 39.86 13.60
C PHE E 197 22.52 39.44 14.30
N SER E 198 23.44 38.89 13.51
CA SER E 198 24.79 38.51 13.95
C SER E 198 25.54 37.91 12.77
N ASP E 199 26.73 38.44 12.47
CA ASP E 199 27.60 37.84 11.43
C ASP E 199 28.37 36.60 11.91
N SER E 200 28.19 36.21 13.18
CA SER E 200 28.68 34.92 13.69
C SER E 200 27.84 33.71 13.21
N VAL E 201 26.66 33.96 12.66
CA VAL E 201 25.81 32.91 12.06
C VAL E 201 25.50 33.26 10.60
N ASP E 202 25.58 32.26 9.73
CA ASP E 202 25.39 32.43 8.29
C ASP E 202 23.90 32.33 7.95
N LEU E 203 23.18 33.43 8.12
CA LEU E 203 21.75 33.49 7.78
C LEU E 203 21.60 33.63 6.28
N LYS E 204 20.76 32.75 5.68
N LYS E 204 20.73 32.77 5.70
CA LYS E 204 20.57 32.67 4.23
CA LYS E 204 20.56 32.68 4.26
C LYS E 204 19.21 33.20 3.80
C LYS E 204 19.20 33.20 3.80
N VAL E 205 19.19 33.82 2.62
CA VAL E 205 17.99 34.40 2.03
C VAL E 205 17.61 33.54 0.84
N ASP E 206 16.46 32.85 0.93
CA ASP E 206 16.00 31.92 -0.11
C ASP E 206 14.82 32.46 -0.93
N GLY E 207 14.51 33.74 -0.80
CA GLY E 207 13.46 34.38 -1.56
C GLY E 207 13.51 35.90 -1.42
N THR E 208 12.80 36.59 -2.30
CA THR E 208 12.72 38.06 -2.24
C THR E 208 11.68 38.50 -1.21
N GLY E 209 11.66 39.78 -0.89
CA GLY E 209 10.68 40.36 0.03
C GLY E 209 10.98 40.26 1.53
N PHE E 210 12.23 39.91 1.88
CA PHE E 210 12.62 39.77 3.30
C PHE E 210 12.68 41.09 4.04
N GLY E 211 12.95 42.19 3.32
CA GLY E 211 12.98 43.53 3.92
C GLY E 211 11.70 43.91 4.63
N GLY E 212 10.56 43.48 4.07
CA GLY E 212 9.25 43.78 4.63
C GLY E 212 8.85 43.04 5.90
N ILE E 213 9.60 41.99 6.27
CA ILE E 213 9.26 41.15 7.43
C ILE E 213 9.13 42.02 8.69
N GLY E 214 7.97 41.91 9.34
CA GLY E 214 7.58 42.83 10.42
C GLY E 214 6.37 43.68 10.07
N LEU E 215 6.11 43.85 8.77
CA LEU E 215 4.92 44.59 8.31
C LEU E 215 3.66 43.80 8.68
N PRO E 216 2.68 44.44 9.35
CA PRO E 216 1.46 43.74 9.75
C PRO E 216 0.50 43.52 8.58
N GLY E 217 -0.13 42.34 8.54
CA GLY E 217 -1.01 41.93 7.44
C GLY E 217 -2.50 41.83 7.74
N ASP E 218 -2.89 42.05 8.99
CA ASP E 218 -4.30 41.99 9.40
C ASP E 218 -5.05 43.27 8.98
N VAL E 219 -6.35 43.29 9.24
CA VAL E 219 -7.22 44.40 8.82
C VAL E 219 -7.76 45.23 9.99
N SER E 220 -7.04 45.26 11.11
CA SER E 220 -7.32 46.22 12.18
C SER E 220 -6.93 47.61 11.67
N PRO E 221 -7.57 48.68 12.20
CA PRO E 221 -7.29 50.02 11.66
C PRO E 221 -5.82 50.47 11.75
N GLU E 222 -5.14 50.12 12.84
CA GLU E 222 -3.71 50.45 12.99
C GLU E 222 -2.84 49.71 11.97
N SER E 223 -3.10 48.42 11.78
CA SER E 223 -2.36 47.61 10.81
C SER E 223 -2.56 48.07 9.36
N ARG E 224 -3.78 48.47 9.03
CA ARG E 224 -4.08 49.05 7.71
C ARG E 224 -3.44 50.42 7.52
N PHE E 225 -3.37 51.22 8.60
CA PHE E 225 -2.69 52.52 8.57
C PHE E 225 -1.20 52.36 8.25
N VAL E 226 -0.56 51.39 8.90
CA VAL E 226 0.87 51.10 8.70
C VAL E 226 1.10 50.51 7.30
N ARG E 227 0.29 49.54 6.91
CA ARG E 227 0.44 48.87 5.60
C ARG E 227 0.13 49.78 4.41
N ALA E 228 -0.91 50.62 4.54
CA ALA E 228 -1.25 51.61 3.52
C ALA E 228 -0.13 52.64 3.33
N THR E 229 0.45 53.09 4.46
CA THR E 229 1.57 54.02 4.44
C THR E 229 2.79 53.41 3.75
N PHE E 230 3.15 52.19 4.13
CA PHE E 230 4.30 51.49 3.54
C PHE E 230 4.12 51.26 2.04
N SER E 231 2.93 50.80 1.65
CA SER E 231 2.63 50.54 0.24
C SER E 231 2.63 51.81 -0.60
N LYS E 232 1.99 52.86 -0.09
CA LYS E 232 1.86 54.14 -0.80
C LYS E 232 3.20 54.84 -0.96
N LEU E 233 3.92 55.04 0.15
CA LEU E 233 5.19 55.78 0.14
C LEU E 233 6.28 55.10 -0.69
N ASN E 234 6.24 53.78 -0.80
CA ASN E 234 7.22 53.02 -1.59
C ASN E 234 6.76 52.65 -3.00
N SER E 235 5.52 52.96 -3.37
CA SER E 235 4.98 52.61 -4.69
C SER E 235 5.72 53.36 -5.80
N SER E 236 6.03 52.65 -6.87
CA SER E 236 6.76 53.22 -8.01
C SER E 236 5.95 54.30 -8.71
N LYS E 237 6.64 55.32 -9.21
CA LYS E 237 5.98 56.40 -9.94
C LYS E 237 5.51 55.91 -11.31
N GLY E 238 4.28 56.28 -11.66
CA GLY E 238 3.72 55.98 -12.96
C GLY E 238 4.19 56.98 -13.99
N MET E 239 4.33 56.52 -15.23
CA MET E 239 4.76 57.37 -16.35
C MET E 239 3.60 58.22 -16.91
N THR E 240 2.38 57.70 -16.83
CA THR E 240 1.18 58.39 -17.30
C THR E 240 0.13 58.46 -16.20
N VAL E 241 -0.91 59.25 -16.45
CA VAL E 241 -2.08 59.35 -15.56
C VAL E 241 -2.77 57.99 -15.37
N GLU E 242 -2.84 57.22 -16.46
CA GLU E 242 -3.39 55.85 -16.41
C GLU E 242 -2.62 54.97 -15.42
N GLU E 243 -1.29 54.98 -15.54
CA GLU E 243 -0.43 54.17 -14.67
C GLU E 243 -0.49 54.62 -13.20
N ASP E 244 -0.73 55.91 -12.97
CA ASP E 244 -1.00 56.42 -11.63
C ASP E 244 -2.31 55.85 -11.06
N ILE E 245 -3.36 55.86 -11.88
CA ILE E 245 -4.67 55.32 -11.49
C ILE E 245 -4.58 53.83 -11.20
N THR E 246 -3.95 53.09 -12.11
CA THR E 246 -3.68 51.66 -11.92
C THR E 246 -2.94 51.41 -10.60
N GLN E 247 -1.88 52.18 -10.37
CA GLN E 247 -1.09 52.08 -9.14
C GLN E 247 -1.91 52.45 -7.89
N PHE E 248 -2.76 53.47 -8.01
CA PHE E 248 -3.65 53.90 -6.91
C PHE E 248 -4.56 52.77 -6.41
N PHE E 249 -5.16 52.03 -7.35
CA PHE E 249 -6.03 50.89 -7.02
C PHE E 249 -5.26 49.70 -6.47
N HIS E 250 -4.03 49.48 -6.96
CA HIS E 250 -3.13 48.49 -6.37
C HIS E 250 -2.77 48.82 -4.92
N ILE E 251 -2.58 50.11 -4.62
CA ILE E 251 -2.27 50.57 -3.26
C ILE E 251 -3.43 50.32 -2.30
N LEU E 252 -4.65 50.69 -2.72
CA LEU E 252 -5.86 50.42 -1.92
C LEU E 252 -6.13 48.92 -1.74
N GLY E 253 -5.76 48.13 -2.75
CA GLY E 253 -5.87 46.67 -2.68
C GLY E 253 -5.02 45.98 -1.63
N THR E 254 -3.90 46.60 -1.25
CA THR E 254 -3.02 46.05 -0.20
C THR E 254 -3.65 46.11 1.20
N VAL E 255 -4.63 47.00 1.39
CA VAL E 255 -5.36 47.13 2.67
C VAL E 255 -6.87 46.89 2.50
N GLU E 256 -7.24 46.18 1.43
CA GLU E 256 -8.63 45.79 1.19
C GLU E 256 -9.03 44.70 2.16
N GLN E 257 -10.31 44.72 2.57
CA GLN E 257 -10.87 43.68 3.42
C GLN E 257 -11.72 42.75 2.56
N ILE E 258 -11.29 41.50 2.43
CA ILE E 258 -12.07 40.49 1.70
C ILE E 258 -13.12 39.90 2.63
N LYS E 259 -14.15 39.30 2.03
CA LYS E 259 -15.25 38.72 2.80
C LYS E 259 -14.79 37.43 3.51
N GLY E 260 -14.81 37.46 4.84
CA GLY E 260 -14.53 36.28 5.66
C GLY E 260 -13.48 36.47 6.74
N VAL E 261 -12.55 37.38 6.53
CA VAL E 261 -11.42 37.60 7.47
C VAL E 261 -11.73 38.52 8.66
N ASN E 262 -12.81 39.31 8.56
CA ASN E 262 -13.20 40.24 9.63
C ASN E 262 -14.70 40.08 9.90
N LYS E 263 -15.02 39.24 10.88
CA LYS E 263 -16.40 38.93 11.24
C LYS E 263 -16.88 39.83 12.39
N THR E 264 -17.93 40.60 12.13
CA THR E 264 -18.45 41.59 13.10
C THR E 264 -19.36 40.91 14.13
N GLU E 265 -19.86 41.70 15.09
CA GLU E 265 -20.74 41.20 16.16
C GLU E 265 -22.04 40.56 15.64
N SER E 266 -22.60 41.11 14.56
CA SER E 266 -23.83 40.57 13.96
C SER E 266 -23.63 39.22 13.24
N GLY E 267 -22.38 38.78 13.07
CA GLY E 267 -22.06 37.59 12.29
C GLY E 267 -21.80 37.91 10.83
N LYS E 268 -22.06 39.15 10.42
CA LYS E 268 -21.80 39.59 9.06
C LYS E 268 -20.32 39.98 8.95
N GLU E 269 -19.74 39.70 7.79
CA GLU E 269 -18.34 40.02 7.52
C GLU E 269 -18.20 41.47 7.11
N GLU E 270 -17.16 42.14 7.62
CA GLU E 270 -16.78 43.48 7.16
C GLU E 270 -15.92 43.31 5.92
N TYR E 271 -16.28 44.03 4.86
CA TYR E 271 -15.57 43.94 3.57
C TYR E 271 -15.50 45.29 2.87
N THR E 272 -14.56 45.41 1.94
CA THR E 272 -14.38 46.63 1.16
C THR E 272 -15.52 46.73 0.14
N VAL E 273 -16.53 47.53 0.47
CA VAL E 273 -17.73 47.68 -0.36
C VAL E 273 -17.37 48.30 -1.71
N TYR E 274 -16.60 49.38 -1.68
CA TYR E 274 -16.05 49.99 -2.90
C TYR E 274 -14.70 50.64 -2.65
N SER E 275 -13.93 50.79 -3.72
CA SER E 275 -12.71 51.59 -3.73
C SER E 275 -12.91 52.66 -4.80
N ASN E 276 -12.38 53.86 -4.56
CA ASN E 276 -12.40 54.91 -5.57
C ASN E 276 -11.11 55.73 -5.62
N CYS E 277 -10.98 56.50 -6.69
CA CYS E 277 -9.81 57.34 -6.95
C CYS E 277 -10.25 58.57 -7.72
N TYR E 278 -10.27 59.72 -7.05
CA TYR E 278 -10.56 61.00 -7.69
C TYR E 278 -9.28 61.57 -8.30
N ASP E 279 -9.28 61.79 -9.61
CA ASP E 279 -8.27 62.63 -10.26
C ASP E 279 -8.66 64.07 -9.98
N LEU E 280 -7.88 64.74 -9.12
CA LEU E 280 -8.22 66.09 -8.66
C LEU E 280 -7.97 67.19 -9.70
N ASP E 281 -6.93 67.01 -10.53
CA ASP E 281 -6.64 67.97 -11.60
C ASP E 281 -7.60 67.87 -12.79
N ASN E 282 -8.16 66.68 -13.02
CA ASN E 282 -9.14 66.46 -14.09
C ASN E 282 -10.58 66.26 -13.58
N LYS E 283 -10.79 66.40 -12.27
CA LYS E 283 -12.10 66.26 -11.61
C LYS E 283 -12.87 64.99 -12.06
N THR E 284 -12.17 63.86 -12.08
CA THR E 284 -12.73 62.59 -12.56
C THR E 284 -12.76 61.56 -11.44
N LEU E 285 -13.93 60.97 -11.22
CA LEU E 285 -14.11 59.91 -10.23
C LEU E 285 -13.95 58.54 -10.90
N TYR E 286 -12.97 57.77 -10.45
CA TYR E 286 -12.80 56.38 -10.85
C TYR E 286 -13.17 55.51 -9.66
N TYR E 287 -13.89 54.40 -9.89
CA TYR E 287 -14.27 53.50 -8.80
C TYR E 287 -14.41 52.03 -9.21
N THR E 288 -14.23 51.17 -8.21
CA THR E 288 -14.53 49.74 -8.31
C THR E 288 -15.39 49.36 -7.12
N THR E 289 -16.11 48.24 -7.25
CA THR E 289 -16.89 47.67 -6.15
C THR E 289 -16.33 46.30 -5.81
N TYR E 290 -16.83 45.69 -4.75
CA TYR E 290 -16.47 44.30 -4.41
C TYR E 290 -16.92 43.34 -5.52
N GLU E 291 -18.07 43.64 -6.13
CA GLU E 291 -18.68 42.78 -7.14
C GLU E 291 -18.08 42.96 -8.54
N ASN E 292 -17.54 44.14 -8.83
CA ASN E 292 -17.07 44.49 -10.16
C ASN E 292 -15.63 45.02 -10.12
N ARG E 293 -14.72 44.33 -10.80
CA ARG E 293 -13.30 44.69 -10.85
C ARG E 293 -12.99 45.81 -11.86
N GLN E 294 -13.78 45.89 -12.93
CA GLN E 294 -13.56 46.91 -13.96
C GLN E 294 -13.77 48.30 -13.38
N ILE E 295 -12.82 49.19 -13.63
CA ILE E 295 -12.90 50.57 -13.15
C ILE E 295 -13.95 51.30 -13.97
N VAL E 296 -14.84 52.02 -13.27
CA VAL E 296 -15.84 52.88 -13.90
C VAL E 296 -15.42 54.34 -13.68
N ALA E 297 -15.52 55.16 -14.73
CA ALA E 297 -15.15 56.57 -14.66
C ALA E 297 -16.35 57.49 -14.90
N VAL E 298 -16.50 58.50 -14.03
CA VAL E 298 -17.50 59.56 -14.22
C VAL E 298 -16.80 60.91 -14.03
N THR E 299 -17.03 61.83 -14.96
CA THR E 299 -16.43 63.17 -14.92
C THR E 299 -17.42 64.20 -14.41
N LEU E 300 -16.91 65.17 -13.65
CA LEU E 300 -17.67 66.37 -13.27
C LEU E 300 -17.47 67.44 -14.34
N ASN E 301 -18.43 67.55 -15.25
CA ASN E 301 -18.48 68.62 -16.26
C ASN E 301 -19.80 68.65 -17.04
N LYS E 302 -20.25 67.47 -17.47
CA LYS E 302 -21.52 67.29 -18.17
C LYS E 302 -22.68 67.69 -17.26
N ASP E 303 -22.59 67.28 -16.00
CA ASP E 303 -23.52 67.70 -14.96
C ASP E 303 -22.71 68.52 -13.96
N LYS E 304 -22.87 69.83 -14.03
CA LYS E 304 -22.30 70.75 -13.04
C LYS E 304 -23.15 72.02 -12.81
N ASP E 305 -23.87 72.46 -13.84
CA ASP E 305 -24.85 73.54 -13.73
C ASP E 305 -26.26 72.94 -13.78
N GLY E 306 -27.18 73.58 -13.07
CA GLY E 306 -28.53 73.04 -12.83
C GLY E 306 -28.83 73.11 -11.35
N ASN E 307 -30.06 72.77 -10.97
CA ASN E 307 -30.49 72.81 -9.57
C ASN E 307 -30.93 71.45 -9.01
N ARG E 308 -30.76 70.38 -9.79
CA ARG E 308 -31.20 69.05 -9.38
C ARG E 308 -30.04 68.06 -9.38
N LEU E 309 -30.03 67.20 -8.37
CA LEU E 309 -29.04 66.14 -8.21
C LEU E 309 -29.10 65.15 -9.38
N VAL E 310 -27.93 64.85 -9.94
CA VAL E 310 -27.79 63.87 -11.02
C VAL E 310 -27.06 62.66 -10.43
N THR E 311 -27.62 61.48 -10.63
CA THR E 311 -27.11 60.24 -10.04
C THR E 311 -26.82 59.16 -11.08
N TYR E 312 -25.81 58.34 -10.80
CA TYR E 312 -25.47 57.18 -11.63
C TYR E 312 -25.33 55.95 -10.73
N PRO E 313 -26.26 54.98 -10.84
CA PRO E 313 -26.15 53.76 -10.01
C PRO E 313 -24.88 52.94 -10.24
N PHE E 314 -24.42 52.28 -9.18
CA PHE E 314 -23.27 51.37 -9.24
C PHE E 314 -23.68 50.07 -9.92
N GLU E 315 -22.93 49.69 -10.96
CA GLU E 315 -23.05 48.37 -11.56
C GLU E 315 -22.37 47.37 -10.63
N ARG E 316 -23.18 46.58 -9.92
CA ARG E 316 -22.67 45.54 -9.01
C ARG E 316 -22.82 44.14 -9.62
N LYS E 317 -22.33 44.02 -10.85
CA LYS E 317 -22.18 42.75 -11.56
C LYS E 317 -20.73 42.73 -12.05
N GLN E 318 -20.11 41.55 -12.00
CA GLN E 318 -18.75 41.37 -12.51
C GLN E 318 -18.75 41.44 -14.04
N ILE E 319 -18.20 42.54 -14.58
CA ILE E 319 -18.15 42.76 -16.02
C ILE E 319 -16.89 42.10 -16.58
N ILE E 320 -17.10 40.96 -17.25
CA ILE E 320 -16.02 40.12 -17.77
C ILE E 320 -15.92 40.26 -19.29
N ASN E 321 -14.70 40.43 -19.79
CA ASN E 321 -14.44 40.47 -21.23
C ASN E 321 -14.31 39.04 -21.74
N LYS E 322 -15.39 38.51 -22.31
CA LYS E 322 -15.46 37.12 -22.76
C LYS E 322 -15.02 36.98 -24.22
N LEU E 323 -13.99 36.17 -24.45
CA LEU E 323 -13.50 35.87 -25.81
C LEU E 323 -14.02 34.52 -26.26
N THR F 3 2.10 32.91 -5.94
CA THR F 3 1.17 32.21 -5.05
C THR F 3 0.17 31.47 -5.91
N ALA F 4 0.02 30.16 -5.68
CA ALA F 4 -1.02 29.36 -6.30
C ALA F 4 -1.98 28.86 -5.24
N ILE F 5 -3.28 28.95 -5.52
CA ILE F 5 -4.32 28.46 -4.60
C ILE F 5 -5.34 27.60 -5.33
N THR F 6 -6.15 26.90 -4.56
CA THR F 6 -7.39 26.28 -5.05
C THR F 6 -8.54 26.84 -4.23
N LEU F 7 -9.76 26.61 -4.71
CA LEU F 7 -10.97 27.01 -3.98
C LEU F 7 -12.12 26.07 -4.36
N ASN F 8 -12.90 25.68 -3.37
CA ASN F 8 -14.09 24.85 -3.58
C ASN F 8 -15.33 25.68 -3.23
N GLY F 9 -16.24 25.79 -4.19
CA GLY F 9 -17.48 26.56 -4.00
C GLY F 9 -18.62 25.94 -4.78
N ASN F 10 -19.28 26.74 -5.61
CA ASN F 10 -20.36 26.27 -6.48
C ASN F 10 -19.77 25.42 -7.61
N SER F 11 -18.70 25.92 -8.22
CA SER F 11 -17.80 25.09 -9.03
C SER F 11 -16.49 24.91 -8.23
N ASN F 12 -15.43 24.45 -8.88
CA ASN F 12 -14.14 24.21 -8.22
C ASN F 12 -13.03 24.85 -9.03
N TYR F 13 -12.10 25.50 -8.33
CA TYR F 13 -11.18 26.47 -8.95
C TYR F 13 -9.72 26.22 -8.60
N PHE F 14 -8.86 26.84 -9.39
CA PHE F 14 -7.41 26.67 -9.28
C PHE F 14 -6.77 27.82 -10.05
N GLY F 15 -5.70 28.40 -9.53
CA GLY F 15 -5.06 29.53 -10.18
C GLY F 15 -3.86 30.04 -9.41
N ARG F 16 -3.28 31.13 -9.90
CA ARG F 16 -2.06 31.68 -9.33
C ARG F 16 -1.78 33.14 -9.66
N ASN F 17 -0.97 33.78 -8.82
CA ASN F 17 -0.27 35.01 -9.16
C ASN F 17 1.09 34.66 -9.74
N LEU F 18 1.48 35.30 -10.84
CA LEU F 18 2.85 35.26 -11.31
C LEU F 18 3.56 36.53 -10.85
N ASP F 19 4.56 36.38 -9.98
CA ASP F 19 5.29 37.52 -9.44
C ASP F 19 6.70 37.56 -10.04
N LEU F 20 7.01 38.67 -10.69
CA LEU F 20 8.27 38.83 -11.44
C LEU F 20 8.52 40.30 -11.77
N ASP F 21 9.78 40.63 -12.06
CA ASP F 21 10.19 42.01 -12.36
C ASP F 21 10.01 42.47 -13.82
N PHE F 22 9.47 41.59 -14.67
CA PHE F 22 9.20 41.92 -16.07
C PHE F 22 8.17 40.93 -16.63
N SER F 23 7.65 41.25 -17.81
CA SER F 23 6.73 40.36 -18.53
C SER F 23 7.48 39.60 -19.62
N TYR F 24 7.14 38.32 -19.76
CA TYR F 24 7.70 37.45 -20.83
C TYR F 24 6.97 37.62 -22.19
N GLY F 25 5.89 38.39 -22.23
CA GLY F 25 5.00 38.44 -23.38
C GLY F 25 4.05 37.25 -23.37
N GLU F 26 3.68 36.81 -22.17
CA GLU F 26 2.83 35.64 -21.97
C GLU F 26 1.41 35.85 -22.47
N GLU F 27 0.78 34.74 -22.87
CA GLU F 27 -0.52 34.75 -23.53
C GLU F 27 -1.29 33.48 -23.20
N VAL F 28 -2.58 33.47 -23.49
CA VAL F 28 -3.38 32.26 -23.39
C VAL F 28 -2.92 31.31 -24.51
N ILE F 29 -2.69 30.05 -24.17
CA ILE F 29 -2.32 29.04 -25.16
C ILE F 29 -3.25 27.85 -25.00
N ILE F 30 -4.01 27.56 -26.06
CA ILE F 30 -4.78 26.32 -26.15
C ILE F 30 -3.97 25.35 -27.00
N THR F 31 -3.67 24.18 -26.44
CA THR F 31 -3.07 23.08 -27.19
C THR F 31 -4.18 22.08 -27.51
N PRO F 32 -4.50 21.87 -28.80
CA PRO F 32 -5.56 20.91 -29.12
C PRO F 32 -5.10 19.46 -28.96
N ALA F 33 -6.06 18.53 -28.98
CA ALA F 33 -5.80 17.12 -28.74
C ALA F 33 -4.72 16.50 -29.63
N GLU F 34 -4.71 16.91 -30.90
CA GLU F 34 -3.79 16.33 -31.90
C GLU F 34 -2.59 17.21 -32.26
N TYR F 35 -2.30 18.24 -31.45
CA TYR F 35 -0.99 18.90 -31.51
C TYR F 35 0.02 17.89 -30.96
N GLU F 36 1.01 17.52 -31.77
CA GLU F 36 1.99 16.49 -31.39
C GLU F 36 2.97 17.02 -30.36
N PHE F 37 2.93 16.44 -29.16
CA PHE F 37 3.94 16.72 -28.12
C PHE F 37 5.18 15.89 -28.36
N LYS F 38 6.29 16.55 -28.65
CA LYS F 38 7.60 15.89 -28.75
C LYS F 38 8.36 16.05 -27.44
N PHE F 39 9.13 15.03 -27.09
CA PHE F 39 9.93 15.02 -25.88
C PHE F 39 11.38 14.71 -26.26
N ARG F 40 12.33 15.32 -25.54
CA ARG F 40 13.75 15.20 -25.87
C ARG F 40 14.29 13.79 -25.65
N LYS F 41 13.71 13.06 -24.70
CA LYS F 41 14.17 11.71 -24.35
C LYS F 41 13.06 10.65 -24.20
N GLU F 42 11.85 10.96 -24.70
CA GLU F 42 10.74 10.00 -24.69
C GLU F 42 9.98 10.08 -26.00
N LYS F 43 9.14 9.07 -26.26
CA LYS F 43 8.35 9.00 -27.48
C LYS F 43 7.30 10.11 -27.52
N ALA F 44 7.17 10.75 -28.69
CA ALA F 44 6.11 11.73 -28.96
C ALA F 44 4.70 11.21 -28.63
N ILE F 45 3.83 12.14 -28.24
CA ILE F 45 2.43 11.84 -27.94
C ILE F 45 1.58 12.58 -28.97
N LYS F 46 1.05 11.83 -29.94
CA LYS F 46 0.31 12.40 -31.06
C LYS F 46 -1.15 12.72 -30.73
N ASN F 47 -1.75 11.94 -29.83
CA ASN F 47 -3.13 12.15 -29.39
C ASN F 47 -3.15 12.19 -27.86
N HIS F 48 -3.76 13.23 -27.31
CA HIS F 48 -3.74 13.48 -25.87
C HIS F 48 -4.89 14.41 -25.46
N LYS F 49 -4.95 14.76 -24.18
CA LYS F 49 -5.94 15.71 -23.68
C LYS F 49 -5.55 17.14 -24.10
N SER F 50 -6.55 17.91 -24.50
CA SER F 50 -6.34 19.30 -24.90
C SER F 50 -6.14 20.17 -23.66
N LEU F 51 -5.27 21.16 -23.79
CA LEU F 51 -4.90 22.04 -22.68
C LEU F 51 -5.34 23.46 -22.97
N ILE F 52 -5.65 24.22 -21.91
CA ILE F 52 -5.72 25.68 -21.96
C ILE F 52 -4.89 26.19 -20.78
N GLY F 53 -4.05 27.19 -21.04
CA GLY F 53 -3.22 27.77 -19.99
C GLY F 53 -2.52 29.03 -20.41
N VAL F 54 -1.64 29.53 -19.54
CA VAL F 54 -0.88 30.75 -19.78
C VAL F 54 0.60 30.41 -19.95
N GLY F 55 1.25 31.08 -20.90
CA GLY F 55 2.67 30.91 -21.13
C GLY F 55 3.13 31.59 -22.42
N ILE F 56 4.29 31.18 -22.91
CA ILE F 56 4.82 31.67 -24.19
C ILE F 56 4.99 30.52 -25.17
N VAL F 57 4.92 30.85 -26.47
CA VAL F 57 5.19 29.89 -27.54
C VAL F 57 6.57 30.21 -28.13
N ALA F 58 7.46 29.22 -28.08
CA ALA F 58 8.78 29.32 -28.69
C ALA F 58 8.97 28.11 -29.61
N ASN F 59 9.31 28.36 -30.87
CA ASN F 59 9.53 27.32 -31.88
C ASN F 59 8.31 26.39 -32.05
N ASP F 60 7.11 26.98 -32.03
CA ASP F 60 5.84 26.25 -32.10
C ASP F 60 5.69 25.20 -30.97
N TYR F 61 6.23 25.50 -29.79
CA TYR F 61 6.08 24.64 -28.60
C TYR F 61 5.51 25.47 -27.45
N PRO F 62 4.41 24.98 -26.82
CA PRO F 62 3.78 25.76 -25.75
C PRO F 62 4.51 25.60 -24.41
N LEU F 63 5.22 26.65 -24.00
CA LEU F 63 5.90 26.67 -22.71
C LEU F 63 4.97 27.25 -21.64
N TYR F 64 4.25 26.36 -20.96
CA TYR F 64 3.21 26.76 -20.01
C TYR F 64 3.79 27.18 -18.65
N PHE F 65 3.32 28.31 -18.15
CA PHE F 65 3.59 28.75 -16.78
C PHE F 65 2.64 27.95 -15.88
N ASP F 66 1.39 27.84 -16.34
CA ASP F 66 0.36 27.04 -15.68
C ASP F 66 -0.74 26.73 -16.70
N ALA F 67 -1.46 25.64 -16.47
CA ALA F 67 -2.54 25.22 -17.38
C ALA F 67 -3.48 24.25 -16.71
N ILE F 68 -4.63 24.04 -17.35
CA ILE F 68 -5.52 22.92 -17.04
C ILE F 68 -5.75 22.12 -18.31
N ASN F 69 -6.27 20.91 -18.16
CA ASN F 69 -6.67 20.09 -19.31
C ASN F 69 -8.20 20.00 -19.41
N GLU F 70 -8.68 19.32 -20.45
CA GLU F 70 -10.12 19.11 -20.69
C GLU F 70 -10.88 18.27 -19.66
N ASP F 71 -10.17 17.62 -18.73
CA ASP F 71 -10.78 16.91 -17.59
C ASP F 71 -10.83 17.73 -16.29
N GLY F 72 -10.31 18.94 -16.30
CA GLY F 72 -10.25 19.79 -15.12
C GLY F 72 -9.09 19.50 -14.17
N LEU F 73 -8.02 18.89 -14.69
CA LEU F 73 -6.78 18.72 -13.94
C LEU F 73 -5.88 19.91 -14.23
N GLY F 74 -5.43 20.59 -13.18
CA GLY F 74 -4.57 21.77 -13.30
C GLY F 74 -3.15 21.51 -12.84
N MET F 75 -2.23 22.34 -13.31
CA MET F 75 -0.82 22.26 -12.91
C MET F 75 -0.13 23.60 -13.12
N ALA F 76 0.60 24.07 -12.10
CA ALA F 76 1.30 25.36 -12.14
C ALA F 76 2.72 25.22 -11.63
N GLY F 77 3.69 25.79 -12.36
CA GLY F 77 5.10 25.79 -11.97
C GLY F 77 5.47 27.12 -11.33
N LEU F 78 5.84 27.07 -10.04
CA LEU F 78 6.20 28.26 -9.27
C LEU F 78 7.70 28.24 -8.98
N ASN F 79 8.28 29.43 -8.77
CA ASN F 79 9.73 29.55 -8.49
C ASN F 79 10.14 28.75 -7.27
N PHE F 80 11.30 28.13 -7.34
CA PHE F 80 11.82 27.27 -6.29
C PHE F 80 13.35 27.31 -6.35
N PRO F 81 13.93 28.51 -6.23
CA PRO F 81 15.36 28.70 -6.55
C PRO F 81 16.28 28.08 -5.51
N GLY F 82 17.29 27.35 -5.98
CA GLY F 82 18.24 26.65 -5.11
C GLY F 82 17.82 25.25 -4.73
N ASN F 83 16.56 25.08 -4.34
CA ASN F 83 16.04 23.79 -3.87
C ASN F 83 15.73 22.80 -5.01
N ALA F 84 15.25 23.30 -6.15
CA ALA F 84 14.94 22.45 -7.30
C ALA F 84 16.21 21.83 -7.87
N TYR F 85 16.22 20.51 -8.01
CA TYR F 85 17.36 19.77 -8.55
C TYR F 85 16.92 18.94 -9.75
N TYR F 86 17.53 19.21 -10.90
CA TYR F 86 17.27 18.44 -12.12
C TYR F 86 18.46 17.52 -12.38
N SER F 87 18.15 16.26 -12.69
CA SER F 87 19.15 15.20 -12.71
C SER F 87 20.04 15.27 -13.94
N ASP F 88 21.32 14.96 -13.74
CA ASP F 88 22.30 14.81 -14.83
C ASP F 88 22.44 13.35 -15.27
N ALA F 89 21.52 12.48 -14.82
CA ALA F 89 21.50 11.07 -15.20
C ALA F 89 20.14 10.68 -15.78
N LEU F 90 20.16 9.78 -16.76
CA LEU F 90 18.95 9.10 -17.23
C LEU F 90 18.73 7.84 -16.41
N GLU F 91 17.47 7.56 -16.08
CA GLU F 91 17.08 6.35 -15.36
C GLU F 91 16.23 5.48 -16.28
N ASN F 92 16.62 4.22 -16.44
CA ASN F 92 15.95 3.30 -17.37
C ASN F 92 14.58 2.80 -16.88
N ASP F 93 14.40 2.77 -15.56
CA ASP F 93 13.10 2.41 -14.95
C ASP F 93 12.18 3.63 -14.69
N LYS F 94 12.53 4.80 -15.21
CA LYS F 94 11.74 6.01 -15.07
C LYS F 94 11.56 6.71 -16.42
N ASP F 95 10.60 7.63 -16.48
CA ASP F 95 10.38 8.47 -17.65
C ASP F 95 11.24 9.72 -17.53
N ASN F 96 12.15 9.92 -18.49
CA ASN F 96 13.12 11.01 -18.44
C ASN F 96 12.55 12.24 -19.15
N ILE F 97 12.08 13.20 -18.34
CA ILE F 97 11.27 14.33 -18.80
C ILE F 97 11.94 15.63 -18.37
N THR F 98 11.95 16.63 -19.26
CA THR F 98 12.53 17.95 -18.92
C THR F 98 11.51 18.72 -18.07
N PRO F 99 11.98 19.69 -17.25
CA PRO F 99 11.03 20.53 -16.49
C PRO F 99 10.00 21.30 -17.35
N PHE F 100 10.41 21.77 -18.53
CA PHE F 100 9.48 22.41 -19.47
C PHE F 100 8.49 21.46 -20.16
N GLU F 101 8.83 20.18 -20.22
CA GLU F 101 7.93 19.11 -20.70
C GLU F 101 6.99 18.57 -19.62
N PHE F 102 7.17 18.98 -18.37
CA PHE F 102 6.48 18.36 -17.24
C PHE F 102 4.97 18.58 -17.27
N ILE F 103 4.54 19.80 -17.60
CA ILE F 103 3.10 20.12 -17.68
C ILE F 103 2.40 19.37 -18.83
N PRO F 104 2.96 19.39 -20.06
CA PRO F 104 2.41 18.53 -21.12
C PRO F 104 2.40 17.03 -20.81
N TRP F 105 3.45 16.54 -20.16
CA TRP F 105 3.57 15.13 -19.79
C TRP F 105 2.44 14.67 -18.85
N ILE F 106 2.16 15.48 -17.83
CA ILE F 106 1.13 15.16 -16.83
C ILE F 106 -0.27 15.46 -17.37
N LEU F 107 -0.52 16.73 -17.74
CA LEU F 107 -1.87 17.17 -18.15
C LEU F 107 -2.34 16.58 -19.47
N GLY F 108 -1.41 16.19 -20.35
CA GLY F 108 -1.74 15.47 -21.57
C GLY F 108 -2.30 14.08 -21.35
N GLN F 109 -1.85 13.42 -20.27
CA GLN F 109 -2.13 11.99 -20.04
C GLN F 109 -2.97 11.64 -18.80
N CYS F 110 -3.15 12.58 -17.87
CA CYS F 110 -3.84 12.31 -16.60
C CYS F 110 -5.15 13.08 -16.49
N SER F 111 -6.18 12.42 -15.96
CA SER F 111 -7.49 13.04 -15.76
C SER F 111 -7.70 13.54 -14.33
N ASP F 112 -7.02 12.96 -13.34
CA ASP F 112 -7.13 13.40 -11.94
C ASP F 112 -5.78 13.42 -11.21
N VAL F 113 -5.79 13.92 -9.99
CA VAL F 113 -4.58 14.05 -9.15
C VAL F 113 -3.92 12.69 -8.84
N ASN F 114 -4.73 11.66 -8.60
CA ASN F 114 -4.21 10.30 -8.34
C ASN F 114 -3.37 9.77 -9.51
N GLU F 115 -3.86 9.99 -10.73
CA GLU F 115 -3.14 9.61 -11.94
C GLU F 115 -1.86 10.43 -12.18
N ALA F 116 -1.92 11.72 -11.82
CA ALA F 116 -0.73 12.58 -11.86
C ALA F 116 0.34 12.04 -10.91
N ARG F 117 -0.07 11.68 -9.69
CA ARG F 117 0.84 11.06 -8.72
C ARG F 117 1.49 9.77 -9.25
N ASN F 118 0.72 8.92 -9.92
CA ASN F 118 1.24 7.68 -10.53
C ASN F 118 2.42 7.96 -11.46
N LEU F 119 2.26 8.98 -12.31
CA LEU F 119 3.31 9.41 -13.25
C LEU F 119 4.51 10.08 -12.58
N VAL F 120 4.25 10.90 -11.55
CA VAL F 120 5.32 11.60 -10.83
C VAL F 120 6.17 10.60 -10.02
N GLU F 121 5.53 9.56 -9.49
CA GLU F 121 6.25 8.45 -8.84
C GLU F 121 7.25 7.73 -9.77
N LYS F 122 6.97 7.74 -11.07
CA LYS F 122 7.84 7.11 -12.08
C LYS F 122 8.60 8.12 -12.97
N ILE F 123 8.77 9.36 -12.49
CA ILE F 123 9.44 10.39 -13.30
C ILE F 123 10.88 10.65 -12.87
N ASN F 124 11.66 11.16 -13.81
CA ASN F 124 13.01 11.66 -13.57
C ASN F 124 13.15 12.98 -14.33
N LEU F 125 13.10 14.10 -13.59
CA LEU F 125 13.24 15.42 -14.21
C LEU F 125 14.70 15.68 -14.58
N ILE F 126 14.96 15.75 -15.89
CA ILE F 126 16.34 15.79 -16.41
C ILE F 126 16.83 17.21 -16.68
N ASN F 127 18.12 17.43 -16.48
CA ASN F 127 18.74 18.75 -16.62
C ASN F 127 19.03 19.01 -18.11
N LEU F 128 17.98 19.38 -18.85
CA LEU F 128 18.07 19.72 -20.26
C LEU F 128 17.24 20.98 -20.49
N SER F 129 17.90 22.05 -20.97
CA SER F 129 17.24 23.33 -21.23
C SER F 129 16.47 23.31 -22.54
N PHE F 130 15.49 24.20 -22.65
CA PHE F 130 14.72 24.37 -23.89
C PHE F 130 15.62 24.87 -25.02
N SER F 131 16.36 25.94 -24.73
CA SER F 131 17.30 26.53 -25.67
C SER F 131 18.33 27.38 -24.93
N GLU F 132 19.27 27.95 -25.67
CA GLU F 132 20.25 28.89 -25.12
C GLU F 132 19.58 30.13 -24.55
N GLN F 133 18.52 30.59 -25.22
CA GLN F 133 17.81 31.82 -24.87
C GLN F 133 16.90 31.65 -23.66
N LEU F 134 16.44 30.43 -23.40
CA LEU F 134 15.53 30.11 -22.30
C LEU F 134 16.11 28.98 -21.45
N PRO F 135 17.07 29.31 -20.55
CA PRO F 135 17.67 28.28 -19.70
C PRO F 135 16.74 27.84 -18.57
N LEU F 136 17.04 26.68 -17.99
CA LEU F 136 16.24 26.13 -16.89
C LEU F 136 16.37 26.98 -15.62
N ALA F 137 15.25 27.12 -14.92
CA ALA F 137 15.21 27.72 -13.59
C ALA F 137 14.51 26.77 -12.65
N GLY F 138 14.82 26.90 -11.36
CA GLY F 138 14.27 26.01 -10.34
C GLY F 138 12.79 26.24 -10.11
N LEU F 139 12.01 25.15 -10.18
CA LEU F 139 10.57 25.20 -9.99
C LEU F 139 10.07 24.08 -9.07
N HIS F 140 8.93 24.34 -8.44
CA HIS F 140 8.11 23.30 -7.83
C HIS F 140 6.66 23.49 -8.29
N TRP F 141 5.85 22.44 -8.17
CA TRP F 141 4.55 22.41 -8.83
C TRP F 141 3.39 22.12 -7.89
N LEU F 142 2.28 22.83 -8.11
CA LEU F 142 0.98 22.49 -7.52
C LEU F 142 0.15 21.82 -8.61
N ILE F 143 -0.26 20.58 -8.36
CA ILE F 143 -1.17 19.84 -9.24
C ILE F 143 -2.49 19.70 -8.48
N ALA F 144 -3.59 20.09 -9.13
CA ALA F 144 -4.89 20.17 -8.47
C ALA F 144 -6.03 19.75 -9.40
N ASP F 145 -7.00 19.03 -8.84
CA ASP F 145 -8.30 18.81 -9.50
C ASP F 145 -9.40 19.39 -8.59
N ARG F 146 -10.67 19.13 -8.93
CA ARG F 146 -11.80 19.63 -8.14
C ARG F 146 -11.84 19.15 -6.68
N GLU F 147 -11.28 17.96 -6.41
CA GLU F 147 -11.33 17.34 -5.09
C GLU F 147 -10.17 17.74 -4.17
N LYS F 148 -8.95 17.68 -4.69
CA LYS F 148 -7.74 17.83 -3.86
C LYS F 148 -6.56 18.35 -4.68
N SER F 149 -5.41 18.49 -4.02
CA SER F 149 -4.17 18.89 -4.69
C SER F 149 -2.94 18.28 -4.02
N ILE F 150 -1.86 18.21 -4.80
CA ILE F 150 -0.56 17.72 -4.33
C ILE F 150 0.53 18.72 -4.72
N VAL F 151 1.64 18.68 -3.98
CA VAL F 151 2.81 19.50 -4.26
C VAL F 151 3.93 18.56 -4.70
N VAL F 152 4.58 18.88 -5.83
CA VAL F 152 5.73 18.12 -6.32
C VAL F 152 6.97 18.98 -6.15
N GLU F 153 7.92 18.49 -5.35
CA GLU F 153 9.21 19.14 -5.15
C GLU F 153 10.32 18.13 -5.38
N VAL F 154 11.03 18.29 -6.50
CA VAL F 154 12.15 17.42 -6.86
C VAL F 154 13.43 18.11 -6.40
N THR F 155 14.08 17.52 -5.40
CA THR F 155 15.23 18.11 -4.74
C THR F 155 16.42 17.16 -4.84
N LYS F 156 17.55 17.54 -4.24
CA LYS F 156 18.74 16.69 -4.20
C LYS F 156 18.53 15.36 -3.45
N SER F 157 17.50 15.29 -2.59
CA SER F 157 17.12 14.06 -1.88
C SER F 157 16.06 13.20 -2.62
N GLY F 158 15.64 13.60 -3.82
CA GLY F 158 14.72 12.81 -4.65
C GLY F 158 13.45 13.55 -5.05
N VAL F 159 12.48 12.78 -5.55
CA VAL F 159 11.18 13.30 -6.00
C VAL F 159 10.19 13.20 -4.84
N HIS F 160 9.81 14.34 -4.28
CA HIS F 160 8.88 14.40 -3.14
C HIS F 160 7.49 14.81 -3.59
N ILE F 161 6.48 14.08 -3.11
CA ILE F 161 5.07 14.36 -3.39
C ILE F 161 4.38 14.55 -2.04
N TYR F 162 3.79 15.72 -1.82
CA TYR F 162 3.04 16.02 -0.60
C TYR F 162 1.58 16.21 -0.90
N ASP F 163 0.70 15.56 -0.13
CA ASP F 163 -0.71 15.91 -0.09
C ASP F 163 -0.78 17.34 0.43
N ASN F 164 -1.49 18.20 -0.29
CA ASN F 164 -1.67 19.60 0.10
C ASN F 164 -3.06 19.72 0.75
N PRO F 165 -3.12 19.76 2.10
CA PRO F 165 -4.42 19.80 2.78
C PRO F 165 -5.15 21.15 2.69
N ILE F 166 -4.43 22.21 2.34
CA ILE F 166 -4.99 23.58 2.30
C ILE F 166 -5.09 24.19 0.89
N GLY F 167 -4.46 23.55 -0.11
CA GLY F 167 -4.46 24.05 -1.48
C GLY F 167 -3.80 25.41 -1.61
N ILE F 168 -2.61 25.55 -1.02
CA ILE F 168 -1.82 26.77 -1.08
C ILE F 168 -0.38 26.39 -1.43
N LEU F 169 0.26 27.20 -2.26
CA LEU F 169 1.70 27.07 -2.52
C LEU F 169 2.28 28.42 -2.93
N THR F 170 3.49 28.71 -2.44
CA THR F 170 4.23 29.90 -2.88
C THR F 170 5.61 29.47 -3.43
N ASN F 171 6.70 29.83 -2.74
CA ASN F 171 8.06 29.57 -3.21
C ASN F 171 8.83 28.82 -2.11
N ASN F 172 10.10 29.16 -1.88
CA ASN F 172 10.87 28.60 -0.76
C ASN F 172 10.30 29.07 0.59
N PRO F 173 10.48 28.27 1.66
CA PRO F 173 11.19 26.99 1.74
C PRO F 173 10.36 25.81 1.25
N GLU F 174 10.90 24.60 1.43
CA GLU F 174 10.21 23.35 1.10
C GLU F 174 8.87 23.23 1.81
N PHE F 175 8.00 22.36 1.29
CA PHE F 175 6.59 22.36 1.66
C PHE F 175 6.32 22.00 3.12
N ASN F 176 7.08 21.05 3.66
CA ASN F 176 6.97 20.69 5.08
C ASN F 176 7.40 21.83 6.02
N TYR F 177 8.30 22.69 5.56
CA TYR F 177 8.66 23.91 6.31
C TYR F 177 7.51 24.92 6.26
N GLN F 178 6.91 25.10 5.08
CA GLN F 178 5.76 26.00 4.90
C GLN F 178 4.56 25.61 5.76
N MET F 179 4.26 24.31 5.77
CA MET F 179 3.14 23.77 6.57
C MET F 179 3.40 23.87 8.07
N TYR F 180 4.63 23.56 8.50
CA TYR F 180 4.99 23.69 9.91
C TYR F 180 4.93 25.15 10.40
N ASN F 181 5.30 26.09 9.52
CA ASN F 181 5.26 27.53 9.85
C ASN F 181 3.87 28.06 10.26
N LEU F 182 2.82 27.43 9.72
CA LEU F 182 1.44 27.78 10.08
C LEU F 182 1.07 27.53 11.54
N ASN F 183 1.73 26.56 12.18
CA ASN F 183 1.38 26.10 13.54
C ASN F 183 1.42 27.20 14.60
N LYS F 184 2.38 28.11 14.49
CA LYS F 184 2.52 29.21 15.45
C LYS F 184 1.46 30.33 15.31
N TYR F 185 0.64 30.27 14.26
CA TYR F 185 -0.46 31.23 14.04
C TYR F 185 -1.84 30.70 14.47
N ARG F 186 -1.89 29.59 15.21
CA ARG F 186 -3.18 29.01 15.66
C ARG F 186 -4.08 29.98 16.43
N ASN F 187 -3.46 30.95 17.11
CA ASN F 187 -4.18 31.94 17.93
C ASN F 187 -4.89 33.05 17.14
N LEU F 188 -4.59 33.21 15.84
CA LEU F 188 -5.26 34.22 15.01
C LEU F 188 -6.75 33.88 14.87
N SER F 189 -7.55 34.92 14.66
CA SER F 189 -9.00 34.81 14.67
C SER F 189 -9.64 35.80 13.69
N ILE F 190 -10.81 35.43 13.18
CA ILE F 190 -11.60 36.33 12.32
C ILE F 190 -12.45 37.32 13.13
N SER F 191 -12.64 37.04 14.42
CA SER F 191 -13.45 37.87 15.32
C SER F 191 -12.60 38.46 16.44
N THR F 192 -13.17 39.44 17.13
CA THR F 192 -12.54 40.08 18.28
C THR F 192 -12.33 39.05 19.41
N PRO F 193 -11.07 38.76 19.77
CA PRO F 193 -10.82 37.78 20.83
C PRO F 193 -11.08 38.33 22.22
N GLN F 194 -11.27 37.43 23.17
CA GLN F 194 -11.43 37.79 24.58
C GLN F 194 -10.07 38.14 25.17
N ASN F 195 -10.08 38.97 26.21
CA ASN F 195 -8.87 39.34 26.93
C ASN F 195 -8.38 38.14 27.73
N THR F 196 -7.47 37.37 27.14
CA THR F 196 -6.75 36.30 27.82
C THR F 196 -5.39 36.76 28.36
N PHE F 197 -4.98 37.99 28.02
CA PHE F 197 -3.73 38.60 28.50
C PHE F 197 -3.69 38.60 30.03
N SER F 198 -4.72 39.20 30.62
CA SER F 198 -4.93 39.18 32.08
C SER F 198 -6.29 39.78 32.45
N ASP F 199 -6.95 39.20 33.45
CA ASP F 199 -8.15 39.79 34.05
C ASP F 199 -7.85 41.11 34.79
N SER F 200 -6.63 41.24 35.31
CA SER F 200 -6.24 42.38 36.15
C SER F 200 -6.03 43.72 35.42
N VAL F 201 -6.15 43.74 34.08
CA VAL F 201 -6.12 44.98 33.31
C VAL F 201 -7.29 45.02 32.33
N ASP F 202 -7.92 46.19 32.21
CA ASP F 202 -9.10 46.37 31.37
C ASP F 202 -8.66 46.84 29.98
N LEU F 203 -8.29 45.88 29.13
CA LEU F 203 -7.88 46.16 27.76
C LEU F 203 -9.12 46.41 26.90
N LYS F 204 -9.10 47.50 26.14
CA LYS F 204 -10.25 47.90 25.31
C LYS F 204 -10.02 47.61 23.83
N VAL F 205 -11.13 47.55 23.09
CA VAL F 205 -11.12 47.33 21.65
C VAL F 205 -11.84 48.53 21.02
N ASP F 206 -11.11 49.32 20.21
CA ASP F 206 -11.66 50.51 19.56
C ASP F 206 -11.89 50.36 18.03
N GLY F 207 -11.77 49.13 17.53
CA GLY F 207 -11.96 48.86 16.11
C GLY F 207 -12.12 47.37 15.85
N THR F 208 -12.63 47.02 14.67
CA THR F 208 -12.79 45.62 14.27
C THR F 208 -11.47 45.06 13.72
N GLY F 209 -11.41 43.75 13.56
CA GLY F 209 -10.23 43.08 12.99
C GLY F 209 -9.06 42.87 13.94
N PHE F 210 -9.29 42.98 15.25
CA PHE F 210 -8.24 42.75 16.26
C PHE F 210 -7.78 41.28 16.33
N GLY F 211 -8.68 40.36 15.98
CA GLY F 211 -8.35 38.93 15.94
C GLY F 211 -7.22 38.56 15.02
N GLY F 212 -7.09 39.27 13.90
CA GLY F 212 -6.03 39.02 12.92
C GLY F 212 -4.63 39.44 13.34
N ILE F 213 -4.51 40.25 14.40
CA ILE F 213 -3.22 40.85 14.81
C ILE F 213 -2.17 39.76 15.01
N GLY F 214 -1.04 39.90 14.30
CA GLY F 214 -0.01 38.87 14.22
C GLY F 214 0.16 38.28 12.83
N LEU F 215 -0.87 38.41 11.99
CA LEU F 215 -0.80 37.95 10.60
C LEU F 215 0.23 38.78 9.83
N PRO F 216 1.21 38.13 9.18
CA PRO F 216 2.27 38.87 8.47
C PRO F 216 1.76 39.50 7.16
N GLY F 217 2.17 40.74 6.90
CA GLY F 217 1.69 41.53 5.76
C GLY F 217 2.65 41.76 4.61
N ASP F 218 3.91 41.33 4.78
CA ASP F 218 4.94 41.50 3.74
C ASP F 218 4.77 40.48 2.60
N VAL F 219 5.62 40.60 1.57
CA VAL F 219 5.53 39.73 0.39
C VAL F 219 6.69 38.71 0.28
N SER F 220 7.30 38.37 1.42
CA SER F 220 8.21 37.23 1.46
C SER F 220 7.40 35.94 1.26
N PRO F 221 7.97 34.90 0.63
CA PRO F 221 7.18 33.71 0.31
C PRO F 221 6.46 33.04 1.50
N GLU F 222 7.10 33.00 2.67
CA GLU F 222 6.48 32.44 3.87
C GLU F 222 5.31 33.28 4.39
N SER F 223 5.49 34.61 4.40
CA SER F 223 4.42 35.53 4.80
C SER F 223 3.22 35.47 3.86
N ARG F 224 3.47 35.35 2.57
CA ARG F 224 2.40 35.15 1.57
C ARG F 224 1.71 33.80 1.70
N PHE F 225 2.47 32.76 2.05
CA PHE F 225 1.91 31.44 2.31
C PHE F 225 0.92 31.48 3.48
N VAL F 226 1.33 32.14 4.57
CA VAL F 226 0.49 32.29 5.77
C VAL F 226 -0.75 33.14 5.49
N ARG F 227 -0.56 34.29 4.84
CA ARG F 227 -1.64 35.23 4.56
C ARG F 227 -2.66 34.68 3.56
N ALA F 228 -2.19 33.99 2.53
CA ALA F 228 -3.08 33.34 1.55
C ALA F 228 -3.88 32.19 2.17
N THR F 229 -3.23 31.41 3.03
CA THR F 229 -3.89 30.33 3.78
C THR F 229 -5.01 30.88 4.66
N PHE F 230 -4.71 31.90 5.45
CA PHE F 230 -5.68 32.55 6.33
C PHE F 230 -6.84 33.17 5.56
N SER F 231 -6.53 33.85 4.46
CA SER F 231 -7.53 34.50 3.62
C SER F 231 -8.42 33.49 2.87
N LYS F 232 -7.81 32.43 2.33
CA LYS F 232 -8.55 31.40 1.57
C LYS F 232 -9.40 30.50 2.46
N LEU F 233 -8.85 30.05 3.59
CA LEU F 233 -9.57 29.13 4.48
C LEU F 233 -10.78 29.77 5.17
N ASN F 234 -10.69 31.07 5.48
CA ASN F 234 -11.80 31.81 6.09
C ASN F 234 -12.69 32.55 5.08
N SER F 235 -12.38 32.46 3.78
CA SER F 235 -13.14 33.13 2.72
C SER F 235 -14.62 32.74 2.76
N SER F 236 -15.50 33.74 2.68
CA SER F 236 -16.95 33.51 2.72
C SER F 236 -17.41 32.79 1.47
N LYS F 237 -18.37 31.88 1.66
CA LYS F 237 -18.95 31.12 0.54
C LYS F 237 -19.89 32.01 -0.27
N GLY F 238 -19.74 31.95 -1.60
CA GLY F 238 -20.62 32.66 -2.52
C GLY F 238 -21.79 31.79 -2.93
N MET F 239 -22.83 32.43 -3.48
CA MET F 239 -24.04 31.72 -3.92
C MET F 239 -24.04 31.35 -5.42
N THR F 240 -23.20 32.02 -6.22
CA THR F 240 -23.06 31.72 -7.65
C THR F 240 -21.61 31.46 -8.03
N VAL F 241 -21.40 30.96 -9.24
CA VAL F 241 -20.06 30.75 -9.79
C VAL F 241 -19.35 32.09 -10.01
N GLU F 242 -20.10 33.12 -10.44
CA GLU F 242 -19.55 34.47 -10.59
C GLU F 242 -18.98 35.00 -9.27
N GLU F 243 -19.75 34.85 -8.20
CA GLU F 243 -19.31 35.26 -6.86
C GLU F 243 -18.06 34.53 -6.37
N ASP F 244 -17.95 33.24 -6.72
CA ASP F 244 -16.74 32.46 -6.41
C ASP F 244 -15.52 33.01 -7.14
N ILE F 245 -15.68 33.32 -8.43
CA ILE F 245 -14.60 33.86 -9.26
C ILE F 245 -14.17 35.25 -8.75
N THR F 246 -15.16 36.10 -8.50
CA THR F 246 -14.94 37.40 -7.84
C THR F 246 -14.13 37.23 -6.57
N GLN F 247 -14.60 36.34 -5.68
CA GLN F 247 -13.93 36.05 -4.41
C GLN F 247 -12.51 35.49 -4.60
N PHE F 248 -12.31 34.68 -5.63
CA PHE F 248 -11.00 34.10 -5.95
C PHE F 248 -9.93 35.18 -6.21
N PHE F 249 -10.29 36.18 -7.01
CA PHE F 249 -9.39 37.30 -7.31
C PHE F 249 -9.12 38.21 -6.11
N HIS F 250 -10.09 38.30 -5.19
CA HIS F 250 -9.88 38.99 -3.91
C HIS F 250 -8.87 38.26 -3.02
N ILE F 251 -8.93 36.93 -3.00
CA ILE F 251 -7.99 36.11 -2.20
C ILE F 251 -6.57 36.26 -2.75
N LEU F 252 -6.42 36.16 -4.07
CA LEU F 252 -5.12 36.40 -4.72
C LEU F 252 -4.63 37.84 -4.53
N GLY F 253 -5.56 38.79 -4.45
CA GLY F 253 -5.26 40.18 -4.14
C GLY F 253 -4.66 40.44 -2.75
N THR F 254 -4.92 39.55 -1.79
CA THR F 254 -4.35 39.67 -0.44
C THR F 254 -2.82 39.48 -0.43
N VAL F 255 -2.31 38.72 -1.40
CA VAL F 255 -0.87 38.42 -1.51
C VAL F 255 -0.24 38.93 -2.82
N GLU F 256 -0.91 39.88 -3.48
CA GLU F 256 -0.40 40.52 -4.68
C GLU F 256 0.80 41.41 -4.31
N GLN F 257 1.76 41.49 -5.22
CA GLN F 257 2.93 42.35 -5.06
C GLN F 257 2.74 43.58 -5.95
N ILE F 258 2.70 44.76 -5.33
CA ILE F 258 2.60 46.02 -6.08
C ILE F 258 4.02 46.47 -6.45
N LYS F 259 4.12 47.23 -7.54
CA LYS F 259 5.40 47.78 -7.99
C LYS F 259 5.94 48.77 -6.98
N GLY F 260 7.13 48.50 -6.44
CA GLY F 260 7.79 49.41 -5.50
C GLY F 260 8.17 48.83 -4.16
N VAL F 261 7.40 47.82 -3.69
CA VAL F 261 7.58 47.28 -2.33
C VAL F 261 8.56 46.10 -2.22
N ASN F 262 8.92 45.50 -3.36
CA ASN F 262 9.86 44.38 -3.37
C ASN F 262 10.88 44.56 -4.49
N LYS F 263 12.09 44.97 -4.12
CA LYS F 263 13.20 45.11 -5.05
C LYS F 263 14.04 43.85 -5.05
N THR F 264 14.43 43.40 -6.25
CA THR F 264 15.34 42.28 -6.40
C THR F 264 16.77 42.75 -6.09
N GLU F 265 17.72 41.83 -6.20
CA GLU F 265 19.14 42.13 -5.94
C GLU F 265 19.68 43.12 -6.98
N SER F 266 19.22 42.95 -8.22
CA SER F 266 19.62 43.81 -9.34
C SER F 266 19.00 45.22 -9.33
N GLY F 267 18.02 45.46 -8.46
CA GLY F 267 17.35 46.77 -8.35
C GLY F 267 16.05 46.87 -9.10
N LYS F 268 15.54 45.73 -9.60
CA LYS F 268 14.27 45.69 -10.33
C LYS F 268 13.13 45.42 -9.35
N GLU F 269 11.96 45.95 -9.68
N GLU F 269 11.95 45.87 -9.73
CA GLU F 269 10.78 45.87 -8.81
CA GLU F 269 10.78 45.87 -8.84
C GLU F 269 9.93 44.65 -9.15
C GLU F 269 9.90 44.65 -9.15
N GLU F 270 9.80 43.74 -8.19
CA GLU F 270 8.97 42.53 -8.36
C GLU F 270 7.50 42.90 -8.18
N TYR F 271 6.68 42.53 -9.17
CA TYR F 271 5.23 42.78 -9.14
C TYR F 271 4.44 41.61 -9.68
N THR F 272 3.17 41.52 -9.29
CA THR F 272 2.26 40.48 -9.76
C THR F 272 1.89 40.77 -11.23
N VAL F 273 2.56 40.07 -12.15
CA VAL F 273 2.42 40.31 -13.59
C VAL F 273 1.00 39.98 -14.06
N TYR F 274 0.50 38.83 -13.62
CA TYR F 274 -0.89 38.45 -13.85
C TYR F 274 -1.42 37.57 -12.73
N SER F 275 -2.75 37.53 -12.63
CA SER F 275 -3.45 36.62 -11.72
C SER F 275 -4.47 35.88 -12.56
N ASN F 276 -4.65 34.59 -12.31
CA ASN F 276 -5.69 33.82 -13.00
C ASN F 276 -6.51 32.92 -12.09
N CYS F 277 -7.66 32.49 -12.61
CA CYS F 277 -8.59 31.61 -11.93
C CYS F 277 -9.18 30.66 -12.97
N TYR F 278 -8.84 29.38 -12.89
CA TYR F 278 -9.41 28.36 -13.78
C TYR F 278 -10.64 27.76 -13.12
N ASP F 279 -11.79 27.85 -13.77
CA ASP F 279 -12.97 27.08 -13.39
C ASP F 279 -12.75 25.66 -13.91
N LEU F 280 -12.52 24.72 -12.99
CA LEU F 280 -12.14 23.35 -13.35
C LEU F 280 -13.30 22.51 -13.90
N ASP F 281 -14.50 22.72 -13.37
CA ASP F 281 -15.69 21.99 -13.84
C ASP F 281 -16.16 22.47 -15.22
N ASN F 282 -15.98 23.77 -15.50
CA ASN F 282 -16.41 24.37 -16.78
C ASN F 282 -15.28 24.63 -17.78
N LYS F 283 -14.04 24.29 -17.42
CA LYS F 283 -12.87 24.38 -18.32
C LYS F 283 -12.64 25.80 -18.86
N THR F 284 -12.81 26.79 -18.00
CA THR F 284 -12.70 28.20 -18.37
C THR F 284 -11.55 28.86 -17.61
N LEU F 285 -10.74 29.63 -18.33
CA LEU F 285 -9.66 30.43 -17.76
C LEU F 285 -10.15 31.87 -17.61
N TYR F 286 -10.01 32.41 -16.40
CA TYR F 286 -10.21 33.83 -16.14
C TYR F 286 -8.86 34.41 -15.73
N TYR F 287 -8.53 35.61 -16.21
CA TYR F 287 -7.29 36.28 -15.80
C TYR F 287 -7.39 37.80 -15.77
N THR F 288 -6.51 38.39 -14.97
CA THR F 288 -6.26 39.83 -14.96
C THR F 288 -4.76 40.03 -15.08
N THR F 289 -4.36 41.24 -15.46
CA THR F 289 -2.95 41.63 -15.50
C THR F 289 -2.73 42.76 -14.51
N TYR F 290 -1.45 43.09 -14.27
CA TYR F 290 -1.11 44.25 -13.42
C TYR F 290 -1.67 45.55 -14.00
N GLU F 291 -1.68 45.64 -15.32
CA GLU F 291 -2.07 46.87 -16.03
C GLU F 291 -3.58 46.96 -16.34
N ASN F 292 -4.29 45.83 -16.29
CA ASN F 292 -5.73 45.77 -16.60
C ASN F 292 -6.48 45.01 -15.51
N ARG F 293 -7.36 45.73 -14.80
CA ARG F 293 -8.17 45.14 -13.74
C ARG F 293 -9.32 44.28 -14.24
N GLN F 294 -9.84 44.57 -15.44
CA GLN F 294 -10.98 43.82 -15.97
C GLN F 294 -10.60 42.36 -16.21
N ILE F 295 -11.44 41.47 -15.73
CA ILE F 295 -11.24 40.03 -15.89
C ILE F 295 -11.53 39.65 -17.35
N VAL F 296 -10.61 38.88 -17.94
CA VAL F 296 -10.76 38.34 -19.29
C VAL F 296 -10.98 36.84 -19.20
N ALA F 297 -11.96 36.33 -19.94
CA ALA F 297 -12.35 34.91 -19.89
C ALA F 297 -12.16 34.23 -21.25
N VAL F 298 -11.59 33.01 -21.21
CA VAL F 298 -11.48 32.14 -22.40
C VAL F 298 -11.80 30.71 -21.99
N THR F 299 -12.73 30.08 -22.71
CA THR F 299 -13.15 28.71 -22.46
C THR F 299 -12.44 27.75 -23.41
N LEU F 300 -12.00 26.61 -22.88
CA LEU F 300 -11.48 25.52 -23.70
C LEU F 300 -12.64 24.81 -24.38
N ASN F 301 -12.85 25.09 -25.66
CA ASN F 301 -13.88 24.41 -26.45
C ASN F 301 -13.36 23.06 -26.89
N LYS F 302 -14.09 21.99 -26.57
CA LYS F 302 -13.73 20.66 -27.06
C LYS F 302 -14.29 20.42 -28.45
N ASP F 303 -13.53 20.89 -29.44
CA ASP F 303 -13.81 20.68 -30.85
C ASP F 303 -12.54 20.10 -31.47
N LYS F 304 -12.67 18.92 -32.06
CA LYS F 304 -11.52 18.05 -32.35
C LYS F 304 -10.83 18.35 -33.69
N ASP F 305 -9.83 17.53 -34.02
CA ASP F 305 -9.11 17.51 -35.32
C ASP F 305 -7.99 18.55 -35.47
N GLY F 306 -7.99 19.61 -34.66
CA GLY F 306 -6.95 20.62 -34.71
C GLY F 306 -5.61 20.10 -34.22
N ASN F 307 -4.53 20.53 -34.88
CA ASN F 307 -3.16 20.18 -34.49
C ASN F 307 -2.25 21.41 -34.33
N ARG F 308 -2.84 22.60 -34.28
CA ARG F 308 -2.12 23.86 -34.17
C ARG F 308 -2.48 24.57 -32.88
N LEU F 309 -1.48 25.23 -32.30
CA LEU F 309 -1.65 26.01 -31.08
C LEU F 309 -2.47 27.26 -31.40
N VAL F 310 -3.51 27.51 -30.59
CA VAL F 310 -4.32 28.72 -30.70
C VAL F 310 -3.97 29.61 -29.52
N THR F 311 -3.70 30.88 -29.81
CA THR F 311 -3.24 31.83 -28.79
C THR F 311 -4.06 33.13 -28.77
N TYR F 312 -4.17 33.73 -27.58
CA TYR F 312 -4.81 35.02 -27.37
C TYR F 312 -3.89 35.88 -26.50
N PRO F 313 -3.41 37.03 -27.02
CA PRO F 313 -2.45 37.83 -26.25
C PRO F 313 -3.07 38.58 -25.08
N PHE F 314 -2.26 38.85 -24.05
CA PHE F 314 -2.70 39.58 -22.87
C PHE F 314 -2.77 41.08 -23.15
N GLU F 315 -3.88 41.70 -22.76
CA GLU F 315 -4.04 43.15 -22.80
C GLU F 315 -3.36 43.74 -21.56
N ARG F 316 -2.40 44.65 -21.79
CA ARG F 316 -1.68 45.34 -20.71
C ARG F 316 -2.00 46.84 -20.77
N LYS F 317 -3.30 47.13 -20.73
CA LYS F 317 -3.84 48.49 -20.79
C LYS F 317 -5.11 48.49 -19.95
N GLN F 318 -5.27 49.52 -19.11
CA GLN F 318 -6.41 49.62 -18.21
C GLN F 318 -7.72 49.89 -18.97
N ILE F 319 -8.56 48.88 -19.10
CA ILE F 319 -9.83 48.99 -19.83
C ILE F 319 -10.91 49.52 -18.87
N ILE F 320 -11.12 50.84 -18.95
CA ILE F 320 -12.01 51.57 -18.05
C ILE F 320 -13.37 51.79 -18.72
N ASN F 321 -14.45 51.52 -17.99
CA ASN F 321 -15.82 51.77 -18.46
C ASN F 321 -16.15 53.24 -18.26
N LYS F 322 -16.09 54.02 -19.34
CA LYS F 322 -16.32 55.47 -19.29
C LYS F 322 -17.76 55.83 -19.62
N LEU F 323 -18.52 56.23 -18.61
CA LEU F 323 -19.93 56.56 -18.75
C LEU F 323 -20.11 57.89 -19.48
N THR G 3 13.07 49.74 34.12
CA THR G 3 11.74 49.20 34.40
C THR G 3 11.50 49.26 35.89
N ALA G 4 10.43 49.92 36.32
CA ALA G 4 10.00 49.94 37.72
C ALA G 4 8.63 49.30 37.83
N ILE G 5 8.46 48.46 38.86
CA ILE G 5 7.22 47.72 39.07
C ILE G 5 6.80 47.78 40.55
N THR G 6 5.55 47.43 40.81
CA THR G 6 5.08 47.13 42.16
C THR G 6 4.55 45.70 42.18
N LEU G 7 4.37 45.17 43.38
CA LEU G 7 3.80 43.84 43.57
C LEU G 7 3.12 43.77 44.93
N ASN G 8 1.88 43.26 44.94
CA ASN G 8 1.10 43.10 46.16
C ASN G 8 0.93 41.62 46.45
N GLY G 9 1.64 41.13 47.47
CA GLY G 9 1.64 39.72 47.85
C GLY G 9 1.38 39.54 49.33
N ASN G 10 2.27 38.83 50.01
CA ASN G 10 2.18 38.65 51.47
C ASN G 10 2.57 39.95 52.17
N SER G 11 3.64 40.58 51.70
CA SER G 11 3.92 41.99 51.98
C SER G 11 3.68 42.77 50.68
N ASN G 12 4.16 44.01 50.62
CA ASN G 12 3.97 44.86 49.43
C ASN G 12 5.31 45.45 49.00
N TYR G 13 5.53 45.47 47.68
CA TYR G 13 6.87 45.70 47.12
C TYR G 13 6.91 46.76 46.05
N PHE G 14 8.12 47.25 45.82
CA PHE G 14 8.40 48.32 44.88
C PHE G 14 9.87 48.20 44.53
N GLY G 15 10.22 48.41 43.27
CA GLY G 15 11.58 48.22 42.83
C GLY G 15 11.78 48.48 41.36
N ARG G 16 13.02 48.37 40.90
CA ARG G 16 13.36 48.71 39.52
C ARG G 16 14.66 48.09 39.03
N ASN G 17 14.75 47.93 37.71
CA ASN G 17 16.02 47.75 37.02
C ASN G 17 16.54 49.13 36.64
N LEU G 18 17.83 49.39 36.90
CA LEU G 18 18.49 50.57 36.34
C LEU G 18 19.29 50.11 35.11
N ASP G 19 18.89 50.59 33.93
CA ASP G 19 19.52 50.23 32.66
C ASP G 19 20.32 51.41 32.14
N LEU G 20 21.63 51.24 32.01
CA LEU G 20 22.55 52.31 31.66
C LEU G 20 23.80 51.71 31.03
N ASP G 21 24.51 52.50 30.22
CA ASP G 21 25.71 52.04 29.51
C ASP G 21 27.03 52.23 30.29
N PHE G 22 26.92 52.66 31.54
CA PHE G 22 28.04 52.67 32.49
C PHE G 22 27.46 52.71 33.91
N SER G 23 28.35 52.67 34.90
CA SER G 23 27.97 52.75 36.32
C SER G 23 28.53 54.03 36.94
N TYR G 24 27.69 54.72 37.72
CA TYR G 24 28.09 55.92 38.47
C TYR G 24 28.86 55.64 39.77
N GLY G 25 28.96 54.36 40.16
CA GLY G 25 29.51 54.00 41.48
C GLY G 25 28.37 54.04 42.49
N GLU G 26 27.30 53.31 42.17
CA GLU G 26 26.07 53.31 42.97
C GLU G 26 26.29 52.62 44.31
N GLU G 27 25.48 53.02 45.29
CA GLU G 27 25.58 52.49 46.65
C GLU G 27 24.26 52.68 47.38
N VAL G 28 24.06 51.89 48.44
CA VAL G 28 22.92 52.09 49.35
C VAL G 28 23.23 53.37 50.13
N ILE G 29 22.25 54.26 50.22
CA ILE G 29 22.37 55.49 51.03
C ILE G 29 21.18 55.53 51.99
N ILE G 30 21.48 55.66 53.28
CA ILE G 30 20.47 55.90 54.30
C ILE G 30 20.61 57.35 54.77
N THR G 31 19.55 58.13 54.54
CA THR G 31 19.48 59.49 55.05
C THR G 31 18.72 59.42 56.39
N PRO G 32 19.41 59.73 57.51
CA PRO G 32 18.71 59.69 58.79
C PRO G 32 17.75 60.87 58.95
N ALA G 33 16.84 60.76 59.92
CA ALA G 33 15.80 61.78 60.14
C ALA G 33 16.35 63.19 60.34
N GLU G 34 17.53 63.32 60.95
CA GLU G 34 18.13 64.62 61.28
C GLU G 34 19.19 65.14 60.29
N TYR G 35 19.49 64.40 59.22
CA TYR G 35 20.31 64.94 58.13
C TYR G 35 19.53 66.10 57.50
N GLU G 36 20.12 67.28 57.47
CA GLU G 36 19.42 68.47 56.97
C GLU G 36 19.39 68.47 55.44
N PHE G 37 18.19 68.33 54.87
CA PHE G 37 17.99 68.53 53.45
C PHE G 37 18.05 70.02 53.13
N LYS G 38 18.88 70.39 52.17
CA LYS G 38 18.95 71.75 51.66
C LYS G 38 18.43 71.80 50.22
N PHE G 39 17.67 72.85 49.92
CA PHE G 39 17.10 73.06 48.59
C PHE G 39 17.62 74.38 48.04
N ARG G 40 17.70 74.48 46.71
CA ARG G 40 18.21 75.68 46.05
C ARG G 40 17.28 76.87 46.25
N LYS G 41 15.97 76.62 46.16
CA LYS G 41 14.95 77.68 46.18
C LYS G 41 13.83 77.52 47.21
N GLU G 42 14.00 76.60 48.17
CA GLU G 42 13.04 76.43 49.25
C GLU G 42 13.78 76.26 50.58
N LYS G 43 13.05 76.41 51.68
CA LYS G 43 13.65 76.34 53.02
C LYS G 43 14.10 74.92 53.36
N ALA G 44 15.17 74.85 54.16
CA ALA G 44 15.77 73.57 54.55
C ALA G 44 14.85 72.81 55.50
N ILE G 45 14.99 71.48 55.50
CA ILE G 45 14.21 70.60 56.37
C ILE G 45 15.20 69.80 57.21
N LYS G 46 15.22 70.08 58.51
CA LYS G 46 16.19 69.47 59.44
C LYS G 46 15.66 68.14 59.98
N ASN G 47 14.39 68.12 60.39
CA ASN G 47 13.75 66.92 60.95
C ASN G 47 12.67 66.42 59.99
N HIS G 48 12.82 65.19 59.53
CA HIS G 48 11.97 64.63 58.47
C HIS G 48 11.97 63.10 58.55
N LYS G 49 11.27 62.46 57.62
CA LYS G 49 11.27 61.00 57.51
C LYS G 49 12.61 60.48 56.99
N SER G 50 13.09 59.39 57.60
CA SER G 50 14.34 58.77 57.18
C SER G 50 14.13 57.99 55.88
N LEU G 51 15.13 58.03 55.00
CA LEU G 51 15.09 57.34 53.71
C LEU G 51 16.17 56.25 53.65
N ILE G 52 15.86 55.19 52.90
CA ILE G 52 16.87 54.27 52.39
C ILE G 52 16.64 54.11 50.89
N GLY G 53 17.73 54.11 50.13
CA GLY G 53 17.64 53.98 48.68
C GLY G 53 18.98 53.75 48.02
N VAL G 54 18.97 53.76 46.68
CA VAL G 54 20.17 53.55 45.88
C VAL G 54 20.49 54.83 45.11
N GLY G 55 21.77 55.16 45.05
CA GLY G 55 22.22 56.36 44.34
C GLY G 55 23.70 56.62 44.55
N ILE G 56 24.09 57.89 44.40
CA ILE G 56 25.45 58.33 44.69
C ILE G 56 25.40 59.50 45.67
N VAL G 57 26.47 59.66 46.44
CA VAL G 57 26.65 60.82 47.31
C VAL G 57 27.66 61.75 46.64
N ALA G 58 27.22 62.98 46.38
CA ALA G 58 28.07 64.03 45.82
C ALA G 58 27.92 65.28 46.69
N ASN G 59 29.06 65.84 47.11
CA ASN G 59 29.09 67.03 47.98
C ASN G 59 28.26 66.86 49.26
N ASP G 60 28.30 65.64 49.82
CA ASP G 60 27.50 65.25 51.00
C ASP G 60 25.98 65.37 50.77
N TYR G 61 25.53 65.17 49.53
CA TYR G 61 24.11 65.22 49.18
C TYR G 61 23.69 63.88 48.57
N PRO G 62 22.59 63.28 49.09
CA PRO G 62 22.15 61.99 48.56
C PRO G 62 21.39 62.12 47.23
N LEU G 63 22.06 61.78 46.13
CA LEU G 63 21.45 61.80 44.80
C LEU G 63 20.81 60.45 44.49
N TYR G 64 19.56 60.30 44.92
CA TYR G 64 18.84 59.04 44.81
C TYR G 64 18.34 58.75 43.40
N PHE G 65 18.55 57.52 42.95
CA PHE G 65 17.96 57.00 41.71
C PHE G 65 16.54 56.55 42.05
N ASP G 66 16.44 55.82 43.16
CA ASP G 66 15.17 55.41 43.74
C ASP G 66 15.35 55.24 45.25
N ALA G 67 14.25 55.37 45.99
CA ALA G 67 14.28 55.27 47.45
C ALA G 67 12.91 55.00 48.03
N ILE G 68 12.90 54.58 49.29
CA ILE G 68 11.68 54.53 50.11
C ILE G 68 11.94 55.28 51.41
N ASN G 69 10.87 55.58 52.14
CA ASN G 69 10.98 56.23 53.44
C ASN G 69 10.56 55.28 54.57
N GLU G 70 10.65 55.76 55.81
CA GLU G 70 10.25 54.99 57.00
C GLU G 70 8.79 54.53 57.04
N ASP G 71 7.90 55.23 56.34
CA ASP G 71 6.48 54.85 56.23
C ASP G 71 6.16 53.88 55.08
N GLY G 72 7.17 53.51 54.29
CA GLY G 72 6.97 52.60 53.16
C GLY G 72 6.39 53.24 51.91
N LEU G 73 6.67 54.52 51.70
CA LEU G 73 6.37 55.20 50.44
C LEU G 73 7.63 55.19 49.60
N GLY G 74 7.52 54.66 48.37
CA GLY G 74 8.63 54.59 47.44
C GLY G 74 8.52 55.59 46.32
N MET G 75 9.66 55.91 45.71
CA MET G 75 9.72 56.80 44.55
C MET G 75 10.98 56.49 43.73
N ALA G 76 10.79 56.29 42.42
CA ALA G 76 11.89 55.99 41.50
C ALA G 76 11.87 56.94 40.31
N GLY G 77 13.04 57.49 39.97
CA GLY G 77 13.22 58.30 38.77
C GLY G 77 13.73 57.44 37.62
N LEU G 78 13.00 57.48 36.50
CA LEU G 78 13.32 56.68 35.31
C LEU G 78 13.56 57.62 34.14
N ASN G 79 14.37 57.16 33.17
CA ASN G 79 14.72 58.00 32.01
C ASN G 79 13.47 58.36 31.20
N PHE G 80 13.44 59.60 30.73
CA PHE G 80 12.29 60.15 30.03
C PHE G 80 12.79 61.23 29.05
N PRO G 81 13.67 60.83 28.11
CA PRO G 81 14.44 61.81 27.33
C PRO G 81 13.58 62.58 26.32
N GLY G 82 13.73 63.91 26.33
CA GLY G 82 13.01 64.79 25.39
C GLY G 82 11.64 65.27 25.87
N ASN G 83 10.93 64.42 26.61
CA ASN G 83 9.56 64.72 27.04
C ASN G 83 9.46 65.45 28.38
N ALA G 84 10.47 65.31 29.23
CA ALA G 84 10.50 66.05 30.51
C ALA G 84 10.71 67.54 30.26
N TYR G 85 10.03 68.36 31.07
CA TYR G 85 10.16 69.81 30.99
C TYR G 85 10.46 70.36 32.37
N TYR G 86 11.62 71.02 32.49
CA TYR G 86 12.00 71.73 33.71
C TYR G 86 12.01 73.22 33.39
N SER G 87 11.35 74.00 34.24
CA SER G 87 11.11 75.41 33.95
C SER G 87 12.32 76.28 34.30
N ASP G 88 12.53 77.33 33.49
CA ASP G 88 13.56 78.34 33.75
C ASP G 88 13.00 79.52 34.56
N ALA G 89 12.02 79.27 35.44
CA ALA G 89 11.39 80.35 36.18
C ALA G 89 10.71 79.89 37.46
N LEU G 90 10.81 80.73 38.49
CA LEU G 90 10.13 80.49 39.77
C LEU G 90 8.66 80.88 39.68
N GLU G 91 7.83 80.16 40.43
CA GLU G 91 6.42 80.48 40.63
C GLU G 91 6.22 80.72 42.12
N ASN G 92 5.60 81.85 42.47
CA ASN G 92 5.37 82.21 43.88
C ASN G 92 4.28 81.38 44.58
N ASP G 93 3.36 80.80 43.80
CA ASP G 93 2.30 79.92 44.32
C ASP G 93 2.58 78.42 44.12
N LYS G 94 3.85 78.07 43.85
CA LYS G 94 4.29 76.69 43.71
C LYS G 94 5.54 76.45 44.55
N ASP G 95 5.78 75.18 44.90
CA ASP G 95 7.02 74.76 45.53
C ASP G 95 8.07 74.55 44.44
N ASN G 96 9.10 75.40 44.43
CA ASN G 96 10.12 75.39 43.38
C ASN G 96 11.26 74.44 43.72
N ILE G 97 11.25 73.27 43.08
CA ILE G 97 12.10 72.13 43.45
C ILE G 97 12.85 71.65 42.22
N THR G 98 14.13 71.34 42.39
CA THR G 98 14.95 70.81 41.28
C THR G 98 14.62 69.32 41.11
N PRO G 99 14.84 68.75 39.90
CA PRO G 99 14.59 67.31 39.71
C PRO G 99 15.38 66.38 40.65
N PHE G 100 16.61 66.74 41.00
CA PHE G 100 17.41 65.97 41.96
C PHE G 100 16.93 66.11 43.42
N GLU G 101 16.26 67.22 43.73
CA GLU G 101 15.60 67.42 45.04
C GLU G 101 14.23 66.75 45.16
N PHE G 102 13.68 66.22 44.06
CA PHE G 102 12.30 65.78 44.02
C PHE G 102 12.01 64.58 44.94
N ILE G 103 12.91 63.60 44.94
CA ILE G 103 12.76 62.41 45.79
C ILE G 103 12.82 62.76 47.30
N PRO G 104 13.84 63.53 47.73
CA PRO G 104 13.84 64.03 49.11
C PRO G 104 12.62 64.88 49.49
N TRP G 105 12.17 65.72 48.57
CA TRP G 105 11.01 66.60 48.78
C TRP G 105 9.73 65.81 49.06
N ILE G 106 9.47 64.77 48.27
CA ILE G 106 8.28 63.93 48.42
C ILE G 106 8.44 62.96 49.60
N LEU G 107 9.47 62.13 49.55
CA LEU G 107 9.67 61.07 50.55
C LEU G 107 10.02 61.58 51.95
N GLY G 108 10.56 62.79 52.05
CA GLY G 108 10.88 63.40 53.34
C GLY G 108 9.67 63.75 54.21
N GLN G 109 8.56 64.12 53.58
CA GLN G 109 7.36 64.59 54.29
C GLN G 109 6.06 63.79 54.07
N CYS G 110 6.01 62.95 53.03
CA CYS G 110 4.78 62.21 52.69
C CYS G 110 4.81 60.77 53.20
N SER G 111 3.67 60.29 53.67
CA SER G 111 3.53 58.91 54.17
C SER G 111 2.80 57.96 53.21
N ASP G 112 2.07 58.50 52.23
CA ASP G 112 1.34 57.67 51.26
C ASP G 112 1.19 58.37 49.89
N VAL G 113 0.59 57.67 48.94
CA VAL G 113 0.42 58.17 47.57
C VAL G 113 -0.52 59.38 47.49
N ASN G 114 -1.60 59.38 48.27
CA ASN G 114 -2.53 60.51 48.31
C ASN G 114 -1.86 61.82 48.72
N GLU G 115 -1.02 61.75 49.75
CA GLU G 115 -0.23 62.91 50.19
C GLU G 115 0.79 63.34 49.14
N ALA G 116 1.40 62.38 48.46
CA ALA G 116 2.36 62.66 47.38
C ALA G 116 1.69 63.36 46.21
N ARG G 117 0.53 62.86 45.78
CA ARG G 117 -0.24 63.49 44.69
C ARG G 117 -0.60 64.94 44.99
N ASN G 118 -1.08 65.20 46.21
CA ASN G 118 -1.43 66.56 46.65
C ASN G 118 -0.21 67.47 46.65
N LEU G 119 0.95 66.95 47.04
CA LEU G 119 2.19 67.71 47.04
C LEU G 119 2.75 67.93 45.64
N VAL G 120 2.68 66.90 44.79
CA VAL G 120 3.08 67.01 43.37
C VAL G 120 2.18 67.98 42.59
N GLU G 121 0.91 68.08 42.98
CA GLU G 121 -0.02 69.07 42.39
C GLU G 121 0.47 70.52 42.53
N LYS G 122 1.19 70.83 43.60
CA LYS G 122 1.72 72.18 43.85
C LYS G 122 3.16 72.39 43.37
N ILE G 123 3.77 71.39 42.74
CA ILE G 123 5.20 71.49 42.42
C ILE G 123 5.44 72.26 41.12
N ASN G 124 6.60 72.90 41.07
CA ASN G 124 7.12 73.52 39.87
C ASN G 124 8.57 73.08 39.73
N LEU G 125 8.81 72.05 38.90
CA LEU G 125 10.16 71.52 38.71
C LEU G 125 11.02 72.51 37.93
N ILE G 126 12.08 73.02 38.57
CA ILE G 126 12.92 74.08 38.01
C ILE G 126 14.20 73.52 37.37
N ASN G 127 14.71 74.23 36.38
CA ASN G 127 15.83 73.78 35.57
C ASN G 127 17.16 74.25 36.16
N LEU G 128 17.53 73.67 37.30
CA LEU G 128 18.83 73.89 37.93
C LEU G 128 19.55 72.56 38.06
N SER G 129 20.74 72.47 37.47
CA SER G 129 21.58 71.27 37.58
C SER G 129 22.23 71.21 38.96
N PHE G 130 22.55 69.99 39.39
CA PHE G 130 23.28 69.77 40.63
C PHE G 130 24.68 70.37 40.56
N SER G 131 25.34 70.16 39.43
CA SER G 131 26.70 70.62 39.19
C SER G 131 27.00 70.59 37.68
N GLU G 132 28.17 71.07 37.31
CA GLU G 132 28.61 71.08 35.91
C GLU G 132 28.78 69.65 35.39
N GLN G 133 29.48 68.82 36.17
CA GLN G 133 29.76 67.43 35.80
C GLN G 133 28.57 66.47 35.88
N LEU G 134 27.50 66.86 36.58
CA LEU G 134 26.26 66.08 36.65
C LEU G 134 25.07 66.91 36.15
N PRO G 135 24.94 67.06 34.81
CA PRO G 135 23.84 67.85 34.25
C PRO G 135 22.49 67.15 34.37
N LEU G 136 21.41 67.93 34.30
CA LEU G 136 20.05 67.39 34.38
C LEU G 136 19.72 66.54 33.16
N ALA G 137 19.09 65.39 33.41
CA ALA G 137 18.54 64.53 32.38
C ALA G 137 17.03 64.45 32.56
N GLY G 138 16.32 64.22 31.46
CA GLY G 138 14.86 64.10 31.49
C GLY G 138 14.43 62.85 32.23
N LEU G 139 13.54 63.02 33.21
CA LEU G 139 13.03 61.91 34.01
C LEU G 139 11.52 61.95 34.17
N HIS G 140 10.94 60.78 34.45
CA HIS G 140 9.57 60.64 34.93
C HIS G 140 9.57 59.64 36.08
N TRP G 141 8.56 59.72 36.95
CA TRP G 141 8.61 59.05 38.24
C TRP G 141 7.45 58.09 38.49
N LEU G 142 7.76 56.99 39.17
CA LEU G 142 6.77 56.10 39.76
C LEU G 142 6.81 56.32 41.27
N ILE G 143 5.67 56.71 41.85
CA ILE G 143 5.53 56.85 43.30
C ILE G 143 4.55 55.77 43.76
N ALA G 144 4.97 54.96 44.75
CA ALA G 144 4.20 53.79 45.17
C ALA G 144 4.22 53.62 46.69
N ASP G 145 3.07 53.26 47.27
CA ASP G 145 2.98 52.80 48.65
C ASP G 145 2.50 51.34 48.63
N ARG G 146 2.08 50.81 49.78
CA ARG G 146 1.59 49.44 49.89
C ARG G 146 0.29 49.14 49.11
N GLU G 147 -0.51 50.17 48.85
CA GLU G 147 -1.84 50.01 48.22
C GLU G 147 -1.83 50.22 46.70
N LYS G 148 -1.26 51.35 46.27
CA LYS G 148 -1.36 51.78 44.86
C LYS G 148 -0.11 52.54 44.42
N SER G 149 -0.09 52.94 43.16
CA SER G 149 1.00 53.74 42.61
C SER G 149 0.50 54.78 41.61
N ILE G 150 1.25 55.87 41.48
CA ILE G 150 0.98 56.93 40.49
C ILE G 150 2.20 57.18 39.64
N VAL G 151 1.95 57.62 38.40
CA VAL G 151 3.01 58.04 37.47
C VAL G 151 3.00 59.56 37.40
N VAL G 152 4.17 60.17 37.59
CA VAL G 152 4.33 61.62 37.47
C VAL G 152 5.16 61.91 36.21
N GLU G 153 4.55 62.60 35.26
CA GLU G 153 5.22 63.06 34.04
C GLU G 153 5.03 64.56 33.86
N VAL G 154 6.06 65.33 34.20
CA VAL G 154 6.05 66.78 34.02
C VAL G 154 6.57 67.08 32.62
N THR G 155 5.67 67.53 31.75
CA THR G 155 5.96 67.80 30.35
C THR G 155 5.63 69.27 30.04
N LYS G 156 5.82 69.68 28.79
CA LYS G 156 5.56 71.06 28.36
C LYS G 156 4.09 71.47 28.50
N SER G 157 3.18 70.53 28.27
CA SER G 157 1.73 70.73 28.49
C SER G 157 1.24 70.70 29.96
N GLY G 158 2.11 70.36 30.92
CA GLY G 158 1.77 70.45 32.35
C GLY G 158 2.27 69.31 33.22
N VAL G 159 1.92 69.37 34.50
CA VAL G 159 2.25 68.33 35.48
C VAL G 159 1.17 67.27 35.43
N HIS G 160 1.50 66.11 34.85
CA HIS G 160 0.53 65.02 34.67
C HIS G 160 0.74 63.93 35.70
N ILE G 161 -0.32 63.66 36.46
CA ILE G 161 -0.33 62.59 37.45
C ILE G 161 -1.38 61.56 37.02
N TYR G 162 -0.92 60.34 36.74
CA TYR G 162 -1.80 59.24 36.35
C TYR G 162 -1.86 58.21 37.48
N ASP G 163 -3.05 57.70 37.76
CA ASP G 163 -3.20 56.48 38.53
C ASP G 163 -2.65 55.34 37.67
N ASN G 164 -1.77 54.53 38.25
CA ASN G 164 -1.16 53.39 37.55
C ASN G 164 -1.97 52.13 37.91
N PRO G 165 -2.84 51.67 36.98
CA PRO G 165 -3.67 50.49 37.31
C PRO G 165 -2.94 49.14 37.31
N ILE G 166 -1.70 49.09 36.82
CA ILE G 166 -0.93 47.85 36.71
C ILE G 166 0.41 47.82 37.48
N GLY G 167 0.85 48.95 38.01
CA GLY G 167 2.13 49.04 38.72
C GLY G 167 3.32 48.72 37.83
N ILE G 168 3.38 49.37 36.68
CA ILE G 168 4.45 49.19 35.69
C ILE G 168 4.85 50.55 35.14
N LEU G 169 6.16 50.75 34.95
CA LEU G 169 6.67 51.92 34.24
C LEU G 169 8.03 51.62 33.62
N THR G 170 8.27 52.16 32.43
CA THR G 170 9.58 52.09 31.78
C THR G 170 10.03 53.50 31.38
N ASN G 171 10.14 53.78 30.08
CA ASN G 171 10.65 55.07 29.60
C ASN G 171 9.60 55.67 28.64
N ASN G 172 10.03 56.28 27.52
CA ASN G 172 9.11 56.80 26.52
C ASN G 172 8.35 55.67 25.80
N PRO G 173 7.15 55.97 25.25
CA PRO G 173 6.44 57.26 25.24
C PRO G 173 5.72 57.54 26.56
N GLU G 174 4.94 58.61 26.57
CA GLU G 174 4.15 59.00 27.75
C GLU G 174 3.14 57.91 28.15
N PHE G 175 2.61 58.02 29.37
CA PHE G 175 1.93 56.89 30.02
C PHE G 175 0.64 56.45 29.33
N ASN G 176 -0.15 57.41 28.81
CA ASN G 176 -1.35 57.08 28.02
C ASN G 176 -1.04 56.26 26.78
N TYR G 177 0.10 56.55 26.13
CA TYR G 177 0.57 55.80 24.96
C TYR G 177 1.01 54.39 25.35
N GLN G 178 1.74 54.27 26.47
CA GLN G 178 2.17 52.97 27.01
C GLN G 178 0.98 52.08 27.37
N MET G 179 -0.02 52.68 28.01
CA MET G 179 -1.25 51.96 28.39
C MET G 179 -2.11 51.59 27.19
N TYR G 180 -2.22 52.48 26.21
CA TYR G 180 -2.94 52.18 24.97
C TYR G 180 -2.27 51.05 24.18
N ASN G 181 -0.94 51.04 24.16
CA ASN G 181 -0.16 50.00 23.44
C ASN G 181 -0.44 48.57 23.91
N LEU G 182 -0.86 48.40 25.16
CA LEU G 182 -1.27 47.09 25.70
C LEU G 182 -2.48 46.48 24.98
N ASN G 183 -3.36 47.32 24.43
CA ASN G 183 -4.63 46.86 23.84
C ASN G 183 -4.48 45.87 22.69
N LYS G 184 -3.43 46.01 21.88
CA LYS G 184 -3.19 45.08 20.76
C LYS G 184 -2.72 43.68 21.18
N TYR G 185 -2.38 43.49 22.47
CA TYR G 185 -1.93 42.20 23.00
C TYR G 185 -2.99 41.45 23.82
N ARG G 186 -4.26 41.81 23.69
CA ARG G 186 -5.35 41.14 24.44
C ARG G 186 -5.43 39.62 24.18
N ASN G 187 -5.00 39.19 22.99
CA ASN G 187 -5.10 37.79 22.56
C ASN G 187 -4.05 36.85 23.20
N LEU G 188 -3.00 37.38 23.82
CA LEU G 188 -1.95 36.56 24.43
C LEU G 188 -2.51 35.79 25.63
N SER G 189 -1.93 34.62 25.89
CA SER G 189 -2.42 33.70 26.92
C SER G 189 -1.27 32.98 27.62
N ILE G 190 -1.53 32.55 28.84
CA ILE G 190 -0.60 31.69 29.58
C ILE G 190 -0.76 30.20 29.22
N SER G 191 -1.85 29.86 28.52
CA SER G 191 -2.16 28.48 28.13
C SER G 191 -2.18 28.31 26.62
N THR G 192 -2.06 27.07 26.17
CA THR G 192 -2.15 26.73 24.75
C THR G 192 -3.53 27.14 24.21
N PRO G 193 -3.57 28.06 23.22
CA PRO G 193 -4.88 28.47 22.72
C PRO G 193 -5.54 27.43 21.81
N GLN G 194 -6.82 27.67 21.51
CA GLN G 194 -7.55 26.84 20.56
C GLN G 194 -7.14 27.26 19.17
N ASN G 195 -7.35 26.37 18.19
CA ASN G 195 -7.14 26.72 16.78
C ASN G 195 -8.34 27.53 16.29
N THR G 196 -8.23 28.85 16.42
CA THR G 196 -9.20 29.79 15.85
C THR G 196 -8.76 30.33 14.48
N PHE G 197 -7.52 30.02 14.08
CA PHE G 197 -6.99 30.35 12.74
C PHE G 197 -7.94 29.82 11.66
N SER G 198 -8.18 28.51 11.73
CA SER G 198 -9.16 27.84 10.87
C SER G 198 -9.29 26.38 11.30
N ASP G 199 -10.53 25.90 11.47
CA ASP G 199 -10.77 24.47 11.71
C ASP G 199 -10.64 23.60 10.45
N SER G 200 -10.44 24.23 9.28
CA SER G 200 -10.18 23.51 8.02
C SER G 200 -8.73 23.03 7.83
N VAL G 201 -7.83 23.39 8.76
CA VAL G 201 -6.45 22.89 8.78
C VAL G 201 -6.12 22.40 10.18
N ASP G 202 -5.42 21.27 10.25
CA ASP G 202 -5.07 20.63 11.52
C ASP G 202 -3.72 21.20 11.95
N LEU G 203 -3.76 22.27 12.74
CA LEU G 203 -2.54 22.90 13.27
C LEU G 203 -2.09 22.19 14.54
N LYS G 204 -0.82 21.78 14.56
CA LYS G 204 -0.26 20.98 15.66
C LYS G 204 0.48 21.84 16.69
N VAL G 205 0.46 21.37 17.94
CA VAL G 205 1.18 21.99 19.05
C VAL G 205 2.23 20.98 19.52
N ASP G 206 3.50 21.28 19.29
CA ASP G 206 4.61 20.36 19.63
C ASP G 206 5.46 20.82 20.84
N GLY G 207 4.95 21.79 21.59
CA GLY G 207 5.64 22.30 22.78
C GLY G 207 4.74 23.18 23.62
N THR G 208 5.21 23.51 24.82
CA THR G 208 4.46 24.38 25.73
C THR G 208 4.75 25.85 25.43
N GLY G 209 3.91 26.74 25.96
CA GLY G 209 4.12 28.18 25.83
C GLY G 209 3.72 28.83 24.52
N PHE G 210 2.85 28.18 23.75
CA PHE G 210 2.33 28.74 22.49
C PHE G 210 1.40 29.94 22.69
N GLY G 211 0.75 30.01 23.86
CA GLY G 211 -0.15 31.10 24.18
C GLY G 211 0.48 32.48 24.17
N GLY G 212 1.76 32.55 24.55
CA GLY G 212 2.49 33.81 24.59
C GLY G 212 2.93 34.37 23.26
N ILE G 213 2.81 33.59 22.18
CA ILE G 213 3.36 33.98 20.85
C ILE G 213 2.72 35.29 20.41
N GLY G 214 3.57 36.26 20.08
CA GLY G 214 3.17 37.65 19.88
C GLY G 214 3.74 38.59 20.93
N LEU G 215 4.17 38.04 22.07
CA LEU G 215 4.82 38.84 23.12
C LEU G 215 6.18 39.31 22.63
N PRO G 216 6.46 40.64 22.69
CA PRO G 216 7.73 41.16 22.19
C PRO G 216 8.89 40.87 23.14
N GLY G 217 10.03 40.45 22.58
CA GLY G 217 11.19 40.02 23.37
C GLY G 217 12.36 40.98 23.44
N ASP G 218 12.27 42.09 22.73
CA ASP G 218 13.36 43.08 22.67
C ASP G 218 13.37 43.99 23.90
N VAL G 219 14.41 44.82 24.00
CA VAL G 219 14.60 45.71 25.16
C VAL G 219 14.31 47.18 24.86
N SER G 220 13.45 47.46 23.88
CA SER G 220 12.91 48.81 23.69
C SER G 220 11.93 49.10 24.82
N PRO G 221 11.74 50.38 25.19
CA PRO G 221 10.88 50.70 26.33
C PRO G 221 9.43 50.21 26.24
N GLU G 222 8.81 50.26 25.06
CA GLU G 222 7.44 49.75 24.87
C GLU G 222 7.38 48.23 24.98
N SER G 223 8.35 47.54 24.40
CA SER G 223 8.44 46.07 24.49
C SER G 223 8.67 45.59 25.92
N ARG G 224 9.51 46.29 26.67
CA ARG G 224 9.73 46.00 28.09
C ARG G 224 8.51 46.33 28.95
N PHE G 225 7.78 47.39 28.58
CA PHE G 225 6.52 47.74 29.25
C PHE G 225 5.48 46.63 29.10
N VAL G 226 5.32 46.13 27.88
CA VAL G 226 4.37 45.03 27.60
C VAL G 226 4.81 43.73 28.26
N ARG G 227 6.09 43.39 28.13
CA ARG G 227 6.63 42.13 28.67
C ARG G 227 6.65 42.10 30.20
N ALA G 228 6.98 43.23 30.83
CA ALA G 228 6.92 43.36 32.29
C ALA G 228 5.49 43.24 32.82
N THR G 229 4.54 43.79 32.08
CA THR G 229 3.11 43.74 32.46
C THR G 229 2.57 42.30 32.40
N PHE G 230 2.80 41.62 31.28
CA PHE G 230 2.36 40.23 31.09
C PHE G 230 2.99 39.29 32.12
N SER G 231 4.29 39.47 32.38
CA SER G 231 5.01 38.66 33.36
C SER G 231 4.54 38.91 34.80
N LYS G 232 4.35 40.18 35.16
CA LYS G 232 3.95 40.55 36.52
C LYS G 232 2.51 40.14 36.85
N LEU G 233 1.57 40.51 36.00
CA LEU G 233 0.14 40.23 36.25
C LEU G 233 -0.19 38.74 36.29
N ASN G 234 0.54 37.93 35.53
CA ASN G 234 0.33 36.48 35.47
C ASN G 234 1.21 35.66 36.42
N SER G 235 2.21 36.29 37.06
CA SER G 235 3.13 35.57 37.96
C SER G 235 2.37 34.94 39.12
N SER G 236 2.75 33.71 39.47
CA SER G 236 2.06 32.95 40.51
C SER G 236 2.25 33.61 41.88
N LYS G 237 1.19 33.55 42.70
CA LYS G 237 1.24 34.08 44.07
C LYS G 237 2.19 33.25 44.93
N GLY G 238 3.08 33.96 45.64
CA GLY G 238 3.97 33.33 46.61
C GLY G 238 3.25 33.12 47.94
N MET G 239 3.70 32.12 48.69
CA MET G 239 3.11 31.80 50.01
C MET G 239 3.83 32.47 51.17
N THR G 240 5.08 32.88 50.98
CA THR G 240 5.83 33.64 51.99
C THR G 240 6.42 34.91 51.37
N VAL G 241 6.93 35.78 52.23
CA VAL G 241 7.61 37.02 51.81
C VAL G 241 8.87 36.71 51.00
N GLU G 242 9.60 35.67 51.40
CA GLU G 242 10.78 35.21 50.66
C GLU G 242 10.43 34.84 49.22
N GLU G 243 9.36 34.06 49.05
CA GLU G 243 8.90 33.64 47.72
C GLU G 243 8.40 34.80 46.87
N ASP G 244 7.84 35.83 47.51
CA ASP G 244 7.49 37.08 46.81
C ASP G 244 8.74 37.79 46.28
N ILE G 245 9.76 37.90 47.12
CA ILE G 245 11.02 38.57 46.75
C ILE G 245 11.72 37.81 45.61
N THR G 246 11.79 36.47 45.75
CA THR G 246 12.31 35.60 44.70
C THR G 246 11.58 35.85 43.38
N GLN G 247 10.25 35.85 43.43
CA GLN G 247 9.40 36.12 42.26
C GLN G 247 9.61 37.53 41.70
N PHE G 248 9.78 38.51 42.59
CA PHE G 248 10.01 39.91 42.18
C PHE G 248 11.24 40.06 41.28
N PHE G 249 12.35 39.43 41.68
CA PHE G 249 13.58 39.45 40.87
C PHE G 249 13.47 38.63 39.58
N HIS G 250 12.63 37.59 39.59
CA HIS G 250 12.31 36.85 38.36
C HIS G 250 11.52 37.71 37.35
N ILE G 251 10.59 38.53 37.84
CA ILE G 251 9.80 39.41 36.99
C ILE G 251 10.67 40.51 36.37
N LEU G 252 11.54 41.11 37.17
CA LEU G 252 12.53 42.08 36.67
C LEU G 252 13.52 41.43 35.70
N GLY G 253 13.86 40.16 35.93
CA GLY G 253 14.71 39.37 35.04
C GLY G 253 14.17 39.15 33.63
N THR G 254 12.84 39.16 33.48
CA THR G 254 12.21 39.03 32.15
C THR G 254 12.46 40.25 31.24
N VAL G 255 12.75 41.41 31.85
CA VAL G 255 12.99 42.66 31.10
C VAL G 255 14.39 43.26 31.36
N GLU G 256 15.32 42.42 31.82
CA GLU G 256 16.70 42.84 32.06
C GLU G 256 17.44 42.95 30.72
N GLN G 257 18.40 43.87 30.66
CA GLN G 257 19.24 44.07 29.50
C GLN G 257 20.63 43.50 29.77
N ILE G 258 21.04 42.52 28.98
CA ILE G 258 22.37 41.92 29.11
C ILE G 258 23.35 42.72 28.24
N LYS G 259 24.63 42.69 28.59
CA LYS G 259 25.66 43.44 27.87
C LYS G 259 25.84 42.88 26.47
N GLY G 260 25.54 43.68 25.44
CA GLY G 260 25.78 43.31 24.05
C GLY G 260 24.59 43.43 23.11
N VAL G 261 23.37 43.39 23.65
CA VAL G 261 22.13 43.41 22.84
C VAL G 261 21.54 44.81 22.60
N ASN G 262 22.00 45.81 23.36
CA ASN G 262 21.53 47.19 23.22
C ASN G 262 22.74 48.13 23.21
N LYS G 263 23.19 48.49 22.01
CA LYS G 263 24.39 49.28 21.81
C LYS G 263 23.99 50.72 21.51
N THR G 264 24.43 51.66 22.36
CA THR G 264 24.07 53.07 22.22
C THR G 264 24.86 53.77 21.11
N GLU G 265 24.45 55.01 20.83
CA GLU G 265 25.16 55.96 19.95
C GLU G 265 26.67 55.98 20.16
N SER G 266 27.08 56.09 21.42
CA SER G 266 28.50 56.12 21.81
C SER G 266 29.27 54.82 21.56
N GLY G 267 28.57 53.76 21.15
CA GLY G 267 29.17 52.44 20.97
C GLY G 267 29.22 51.62 22.25
N LYS G 268 28.71 52.17 23.35
CA LYS G 268 28.70 51.51 24.64
C LYS G 268 27.42 50.71 24.83
N GLU G 269 27.52 49.63 25.58
CA GLU G 269 26.43 48.67 25.74
C GLU G 269 25.56 49.06 26.94
N GLU G 270 24.27 49.25 26.70
CA GLU G 270 23.31 49.47 27.78
C GLU G 270 23.01 48.14 28.46
N TYR G 271 23.13 48.10 29.79
CA TYR G 271 22.88 46.89 30.56
C TYR G 271 22.23 47.22 31.91
N THR G 272 21.58 46.21 32.49
CA THR G 272 20.93 46.36 33.79
C THR G 272 21.99 46.44 34.90
N VAL G 273 22.32 47.67 35.29
CA VAL G 273 23.40 47.95 36.26
C VAL G 273 23.06 47.31 37.61
N TYR G 274 21.82 47.51 38.05
CA TYR G 274 21.30 46.82 39.23
C TYR G 274 19.79 46.61 39.13
N SER G 275 19.30 45.67 39.95
CA SER G 275 17.88 45.45 40.14
C SER G 275 17.64 45.49 41.65
N ASN G 276 16.52 46.06 42.08
CA ASN G 276 16.17 46.05 43.50
C ASN G 276 14.69 45.75 43.78
N CYS G 277 14.42 45.42 45.04
CA CYS G 277 13.10 45.11 45.53
C CYS G 277 13.00 45.63 46.96
N TYR G 278 12.18 46.65 47.18
CA TYR G 278 11.94 47.19 48.52
C TYR G 278 10.72 46.50 49.12
N ASP G 279 10.89 45.91 50.31
CA ASP G 279 9.75 45.46 51.11
C ASP G 279 9.21 46.70 51.83
N LEU G 280 8.08 47.21 51.35
CA LEU G 280 7.52 48.47 51.86
C LEU G 280 6.97 48.37 53.29
N ASP G 281 6.40 47.22 53.66
CA ASP G 281 5.87 47.03 55.01
C ASP G 281 6.98 46.89 56.06
N ASN G 282 8.04 46.15 55.71
CA ASN G 282 9.18 45.93 56.61
C ASN G 282 10.35 46.91 56.39
N LYS G 283 10.20 47.84 55.43
CA LYS G 283 11.21 48.86 55.12
C LYS G 283 12.61 48.28 54.93
N THR G 284 12.69 47.28 54.05
CA THR G 284 13.93 46.56 53.76
C THR G 284 14.22 46.61 52.27
N LEU G 285 15.44 47.04 51.93
CA LEU G 285 15.91 47.07 50.55
C LEU G 285 16.63 45.76 50.23
N TYR G 286 16.21 45.11 49.14
CA TYR G 286 16.92 43.96 48.57
C TYR G 286 17.41 44.38 47.19
N TYR G 287 18.64 43.99 46.83
CA TYR G 287 19.18 44.32 45.50
C TYR G 287 20.18 43.31 44.97
N THR G 288 20.29 43.30 43.64
CA THR G 288 21.35 42.58 42.92
C THR G 288 22.00 43.55 41.95
N THR G 289 23.24 43.24 41.55
CA THR G 289 23.95 44.00 40.52
C THR G 289 24.16 43.09 39.31
N TYR G 290 24.66 43.67 38.22
CA TYR G 290 25.00 42.90 37.02
C TYR G 290 26.11 41.89 37.30
N GLU G 291 27.04 42.25 38.19
CA GLU G 291 28.24 41.47 38.46
C GLU G 291 28.08 40.47 39.62
N ASN G 292 27.02 40.62 40.42
CA ASN G 292 26.77 39.75 41.57
C ASN G 292 25.31 39.33 41.62
N ARG G 293 25.06 38.03 41.48
CA ARG G 293 23.70 37.49 41.47
C ARG G 293 23.09 37.35 42.88
N GLN G 294 23.93 37.18 43.90
CA GLN G 294 23.43 37.05 45.28
C GLN G 294 22.68 38.31 45.69
N ILE G 295 21.49 38.12 46.25
CA ILE G 295 20.68 39.22 46.75
C ILE G 295 21.32 39.74 48.03
N VAL G 296 21.46 41.04 48.15
CA VAL G 296 22.02 41.71 49.30
C VAL G 296 20.87 42.47 49.96
N ALA G 297 20.83 42.48 51.27
CA ALA G 297 19.77 43.14 52.00
C ALA G 297 20.22 44.16 53.02
N VAL G 298 19.56 45.31 53.02
CA VAL G 298 19.79 46.37 53.98
C VAL G 298 18.45 46.86 54.56
N THR G 299 18.33 46.94 55.87
CA THR G 299 17.07 47.38 56.49
C THR G 299 17.19 48.78 57.04
N LEU G 300 16.19 49.62 56.82
CA LEU G 300 16.20 50.94 57.36
C LEU G 300 15.60 50.78 58.73
N ASN G 301 16.41 51.02 59.73
CA ASN G 301 16.03 50.85 61.12
C ASN G 301 15.37 52.04 61.74
N LYS G 302 14.42 51.72 62.57
CA LYS G 302 13.61 52.70 63.24
C LYS G 302 14.42 53.60 64.16
N ASP G 303 14.10 54.88 64.06
CA ASP G 303 14.72 55.96 64.84
C ASP G 303 16.16 56.28 64.54
N LYS G 304 17.08 55.35 64.77
CA LYS G 304 18.50 55.53 64.40
C LYS G 304 19.32 56.71 64.93
N ASP G 305 18.96 57.89 64.44
CA ASP G 305 19.54 59.18 64.73
C ASP G 305 20.86 59.43 64.03
N GLY G 306 21.41 60.59 64.31
CA GLY G 306 22.62 61.02 63.63
C GLY G 306 22.21 61.95 62.50
N ASN G 307 23.11 62.80 62.08
CA ASN G 307 22.81 63.71 61.01
C ASN G 307 23.63 63.45 59.75
N ARG G 308 24.34 62.34 59.70
CA ARG G 308 25.17 62.04 58.56
C ARG G 308 24.61 60.95 57.68
N LEU G 309 24.86 61.03 56.39
CA LEU G 309 24.47 59.98 55.50
C LEU G 309 25.32 58.74 55.82
N VAL G 310 24.69 57.60 55.73
CA VAL G 310 25.34 56.33 55.92
C VAL G 310 25.30 55.58 54.58
N THR G 311 26.44 55.07 54.13
CA THR G 311 26.56 54.39 52.85
C THR G 311 27.07 52.95 52.86
N TYR G 312 26.64 52.14 51.92
CA TYR G 312 27.11 50.76 51.76
C TYR G 312 27.42 50.54 50.28
N PRO G 313 28.72 50.45 49.91
CA PRO G 313 29.04 50.33 48.48
C PRO G 313 28.63 48.99 47.88
N PHE G 314 28.31 49.00 46.59
CA PHE G 314 27.91 47.79 45.87
C PHE G 314 29.11 46.89 45.59
N GLU G 315 28.95 45.61 45.92
CA GLU G 315 29.91 44.58 45.56
C GLU G 315 29.70 44.28 44.07
N ARG G 316 30.72 44.57 43.26
CA ARG G 316 30.70 44.26 41.83
C ARG G 316 31.66 43.09 41.54
N LYS G 317 31.48 42.03 42.34
CA LYS G 317 32.24 40.79 42.26
C LYS G 317 31.25 39.67 42.54
N GLN G 318 31.28 38.62 41.72
CA GLN G 318 30.33 37.52 41.82
C GLN G 318 30.61 36.68 43.07
N ILE G 319 29.70 36.76 44.05
CA ILE G 319 29.84 36.05 45.32
C ILE G 319 29.29 34.63 45.13
N ILE G 320 30.22 33.68 45.04
CA ILE G 320 29.92 32.28 44.70
C ILE G 320 30.07 31.41 45.94
N ASN G 321 29.11 30.50 46.15
CA ASN G 321 29.16 29.53 47.24
C ASN G 321 29.96 28.31 46.77
N LYS G 322 31.24 28.27 47.12
CA LYS G 322 32.16 27.21 46.70
C LYS G 322 32.08 26.02 47.66
N LEU G 323 31.69 24.85 47.15
CA LEU G 323 31.65 23.62 47.94
C LEU G 323 32.99 22.89 47.84
N THR H 3 16.66 25.05 27.57
CA THR H 3 17.58 25.74 26.67
C THR H 3 19.00 25.37 27.07
N ALA H 4 19.77 24.85 26.11
CA ALA H 4 21.18 24.53 26.31
C ALA H 4 22.04 25.42 25.43
N ILE H 5 23.10 25.99 26.00
CA ILE H 5 24.01 26.85 25.25
C ILE H 5 25.47 26.50 25.54
N THR H 6 26.35 26.85 24.60
CA THR H 6 27.79 26.86 24.82
C THR H 6 28.27 28.30 24.73
N LEU H 7 29.46 28.56 25.26
CA LEU H 7 30.08 29.89 25.18
C LEU H 7 31.59 29.75 25.15
N ASN H 8 32.24 30.51 24.26
CA ASN H 8 33.69 30.54 24.15
C ASN H 8 34.17 31.92 24.57
N GLY H 9 35.06 31.97 25.56
CA GLY H 9 35.61 33.23 26.07
C GLY H 9 37.05 33.07 26.52
N ASN H 10 37.32 33.41 27.78
CA ASN H 10 38.65 33.23 28.37
C ASN H 10 38.86 31.75 28.71
N SER H 11 37.82 31.12 29.24
CA SER H 11 37.68 29.66 29.24
C SER H 11 36.55 29.29 28.28
N ASN H 12 36.09 28.04 28.32
CA ASN H 12 35.04 27.55 27.42
C ASN H 12 33.95 26.85 28.21
N TYR H 13 32.69 27.14 27.86
CA TYR H 13 31.55 26.84 28.71
C TYR H 13 30.43 26.08 28.01
N PHE H 14 29.53 25.55 28.81
CA PHE H 14 28.43 24.70 28.36
C PHE H 14 27.46 24.58 29.53
N GLY H 15 26.16 24.61 29.25
CA GLY H 15 25.17 24.62 30.32
C GLY H 15 23.75 24.64 29.80
N ARG H 16 22.79 24.67 30.73
CA ARG H 16 21.37 24.65 30.35
C ARG H 16 20.43 25.15 31.43
N ASN H 17 19.27 25.62 30.99
CA ASN H 17 18.09 25.76 31.85
C ASN H 17 17.30 24.46 31.79
N LEU H 18 16.84 23.98 32.95
CA LEU H 18 15.87 22.89 32.98
C LEU H 18 14.49 23.50 33.24
N ASP H 19 13.61 23.42 32.25
CA ASP H 19 12.26 23.97 32.35
C ASP H 19 11.25 22.84 32.53
N LEU H 20 10.58 22.85 33.67
CA LEU H 20 9.66 21.78 34.06
C LEU H 20 8.72 22.29 35.13
N ASP H 21 7.54 21.69 35.20
CA ASP H 21 6.49 22.10 36.13
C ASP H 21 6.60 21.51 37.55
N PHE H 22 7.70 20.83 37.85
CA PHE H 22 8.03 20.38 39.21
C PHE H 22 9.52 20.09 39.33
N SER H 23 9.99 19.90 40.56
CA SER H 23 11.37 19.53 40.84
C SER H 23 11.49 18.04 41.11
N TYR H 24 12.46 17.39 40.47
CA TYR H 24 12.80 15.99 40.71
C TYR H 24 13.59 15.74 42.01
N GLY H 25 13.97 16.79 42.73
CA GLY H 25 14.95 16.67 43.81
C GLY H 25 16.33 16.52 43.19
N GLU H 26 16.61 17.37 42.21
CA GLU H 26 17.89 17.40 41.49
C GLU H 26 19.05 17.64 42.44
N GLU H 27 20.21 17.08 42.10
CA GLU H 27 21.41 17.23 42.92
C GLU H 27 22.68 17.09 42.08
N VAL H 28 23.79 17.57 42.63
CA VAL H 28 25.10 17.38 42.02
C VAL H 28 25.45 15.91 42.18
N ILE H 29 26.02 15.31 41.13
CA ILE H 29 26.41 13.90 41.14
C ILE H 29 27.80 13.76 40.53
N ILE H 30 28.77 13.38 41.35
CA ILE H 30 30.13 13.07 40.89
C ILE H 30 30.25 11.56 40.76
N THR H 31 30.45 11.09 39.51
CA THR H 31 30.69 9.69 39.23
C THR H 31 32.20 9.47 39.14
N PRO H 32 32.79 8.67 40.05
CA PRO H 32 34.23 8.43 39.99
C PRO H 32 34.63 7.49 38.85
N ALA H 33 35.92 7.49 38.51
CA ALA H 33 36.45 6.67 37.41
C ALA H 33 36.16 5.18 37.57
N GLU H 34 36.24 4.67 38.80
CA GLU H 34 36.06 3.24 39.07
C GLU H 34 34.62 2.78 39.35
N TYR H 35 33.65 3.71 39.43
CA TYR H 35 32.24 3.33 39.55
C TYR H 35 31.85 2.50 38.33
N GLU H 36 31.37 1.28 38.57
CA GLU H 36 31.07 0.36 37.49
C GLU H 36 29.77 0.74 36.78
N PHE H 37 29.90 1.21 35.55
CA PHE H 37 28.73 1.47 34.69
C PHE H 37 28.24 0.16 34.10
N LYS H 38 26.97 -0.16 34.33
CA LYS H 38 26.32 -1.34 33.76
C LYS H 38 25.27 -0.93 32.74
N PHE H 39 25.22 -1.69 31.64
CA PHE H 39 24.32 -1.43 30.52
C PHE H 39 23.42 -2.64 30.34
N ARG H 40 22.17 -2.38 29.94
CA ARG H 40 21.17 -3.44 29.80
C ARG H 40 21.52 -4.42 28.67
N LYS H 41 22.23 -3.94 27.64
CA LYS H 41 22.58 -4.76 26.46
C LYS H 41 24.05 -4.66 26.01
N GLU H 42 24.94 -4.18 26.87
CA GLU H 42 26.36 -4.06 26.54
C GLU H 42 27.23 -4.43 27.74
N LYS H 43 28.52 -4.61 27.48
CA LYS H 43 29.47 -5.05 28.49
C LYS H 43 29.72 -3.92 29.48
N ALA H 44 29.88 -4.27 30.76
CA ALA H 44 30.08 -3.28 31.82
C ALA H 44 31.42 -2.57 31.67
N ILE H 45 31.43 -1.29 32.05
CA ILE H 45 32.64 -0.46 32.00
C ILE H 45 33.06 -0.18 33.45
N LYS H 46 34.14 -0.82 33.87
CA LYS H 46 34.62 -0.77 35.25
C LYS H 46 35.56 0.40 35.50
N ASN H 47 36.35 0.77 34.50
CA ASN H 47 37.18 1.98 34.53
C ASN H 47 36.88 2.86 33.32
N HIS H 48 36.76 4.17 33.58
CA HIS H 48 36.32 5.14 32.58
C HIS H 48 36.62 6.56 33.06
N LYS H 49 36.23 7.55 32.27
CA LYS H 49 36.35 8.96 32.66
C LYS H 49 35.34 9.32 33.75
N SER H 50 35.82 10.06 34.77
CA SER H 50 34.96 10.53 35.85
C SER H 50 34.07 11.67 35.37
N LEU H 51 32.84 11.70 35.89
CA LEU H 51 31.83 12.68 35.48
C LEU H 51 31.42 13.55 36.66
N ILE H 52 31.05 14.80 36.35
CA ILE H 52 30.29 15.65 37.27
C ILE H 52 29.09 16.19 36.49
N GLY H 53 27.93 16.17 37.14
CA GLY H 53 26.71 16.65 36.50
C GLY H 53 25.56 16.82 37.45
N VAL H 54 24.40 17.14 36.88
CA VAL H 54 23.16 17.33 37.64
C VAL H 54 22.15 16.28 37.21
N GLY H 55 21.40 15.78 38.19
CA GLY H 55 20.36 14.78 37.93
C GLY H 55 19.86 14.16 39.22
N ILE H 56 19.49 12.88 39.15
CA ILE H 56 19.10 12.12 40.33
C ILE H 56 19.82 10.78 40.37
N VAL H 57 19.87 10.19 41.57
CA VAL H 57 20.39 8.84 41.76
C VAL H 57 19.23 7.93 42.14
N ALA H 58 18.86 7.03 41.23
CA ALA H 58 17.89 5.98 41.48
C ALA H 58 18.60 4.64 41.38
N ASN H 59 18.40 3.77 42.36
CA ASN H 59 18.96 2.42 42.39
C ASN H 59 20.50 2.40 42.28
N ASP H 60 21.16 3.38 42.91
CA ASP H 60 22.61 3.57 42.81
C ASP H 60 23.11 3.77 41.36
N TYR H 61 22.27 4.38 40.51
CA TYR H 61 22.63 4.69 39.13
C TYR H 61 22.47 6.18 38.89
N PRO H 62 23.53 6.87 38.42
CA PRO H 62 23.43 8.31 38.21
C PRO H 62 22.63 8.64 36.94
N LEU H 63 21.38 9.09 37.13
CA LEU H 63 20.52 9.50 36.03
C LEU H 63 20.74 10.97 35.74
N TYR H 64 21.73 11.24 34.88
CA TYR H 64 22.14 12.62 34.56
C TYR H 64 21.14 13.33 33.65
N PHE H 65 20.78 14.56 34.03
CA PHE H 65 20.05 15.47 33.16
C PHE H 65 21.07 16.06 32.20
N ASP H 66 22.21 16.46 32.77
CA ASP H 66 23.37 16.92 32.01
C ASP H 66 24.63 16.72 32.84
N ALA H 67 25.77 16.61 32.16
CA ALA H 67 27.05 16.39 32.83
C ALA H 67 28.22 16.74 31.92
N ILE H 68 29.39 16.86 32.53
CA ILE H 68 30.66 16.90 31.80
C ILE H 68 31.55 15.78 32.33
N ASN H 69 32.64 15.49 31.62
CA ASN H 69 33.63 14.52 32.08
C ASN H 69 34.95 15.20 32.44
N GLU H 70 35.92 14.41 32.92
CA GLU H 70 37.23 14.92 33.34
C GLU H 70 38.07 15.61 32.26
N ASP H 71 37.79 15.31 30.98
CA ASP H 71 38.45 15.97 29.84
C ASP H 71 37.74 17.23 29.32
N GLY H 72 36.60 17.59 29.94
CA GLY H 72 35.84 18.76 29.53
C GLY H 72 34.94 18.52 28.33
N LEU H 73 34.39 17.31 28.20
CA LEU H 73 33.37 17.00 27.21
C LEU H 73 32.02 17.05 27.89
N GLY H 74 31.10 17.86 27.37
CA GLY H 74 29.78 18.04 27.94
C GLY H 74 28.69 17.33 27.15
N MET H 75 27.58 17.03 27.83
CA MET H 75 26.41 16.42 27.19
C MET H 75 25.17 16.64 28.05
N ALA H 76 24.06 17.02 27.39
CA ALA H 76 22.80 17.33 28.06
C ALA H 76 21.63 16.81 27.25
N GLY H 77 20.66 16.20 27.93
CA GLY H 77 19.42 15.73 27.30
C GLY H 77 18.31 16.74 27.51
N LEU H 78 17.65 17.12 26.42
CA LEU H 78 16.58 18.13 26.44
C LEU H 78 15.29 17.49 25.93
N ASN H 79 14.14 18.03 26.34
CA ASN H 79 12.84 17.45 25.97
C ASN H 79 12.63 17.53 24.46
N PHE H 80 12.16 16.42 23.89
CA PHE H 80 11.98 16.28 22.44
C PHE H 80 10.73 15.42 22.21
N PRO H 81 9.57 15.88 22.74
CA PRO H 81 8.36 15.04 22.82
C PRO H 81 7.76 14.72 21.45
N GLY H 82 7.47 13.44 21.23
CA GLY H 82 6.90 12.97 19.96
C GLY H 82 7.92 12.63 18.90
N ASN H 83 8.95 13.47 18.74
CA ASN H 83 9.96 13.30 17.68
C ASN H 83 10.99 12.22 17.96
N ALA H 84 11.38 12.03 19.23
CA ALA H 84 12.35 11.00 19.59
C ALA H 84 11.75 9.61 19.38
N TYR H 85 12.52 8.75 18.70
CA TYR H 85 12.11 7.37 18.43
C TYR H 85 13.18 6.42 18.94
N TYR H 86 12.79 5.53 19.84
CA TYR H 86 13.69 4.52 20.38
C TYR H 86 13.35 3.15 19.79
N SER H 87 14.40 2.41 19.41
CA SER H 87 14.25 1.19 18.62
C SER H 87 13.92 -0.01 19.50
N ASP H 88 13.02 -0.86 19.03
CA ASP H 88 12.71 -2.15 19.68
C ASP H 88 13.69 -3.27 19.25
N ALA H 89 14.47 -3.02 18.20
CA ALA H 89 15.41 -4.02 17.66
C ALA H 89 16.79 -3.90 18.31
N LEU H 90 17.54 -4.99 18.22
CA LEU H 90 18.91 -5.06 18.71
C LEU H 90 19.82 -5.44 17.54
N GLU H 91 20.57 -4.45 17.04
CA GLU H 91 21.36 -4.62 15.83
C GLU H 91 22.74 -5.16 16.21
N ASN H 92 23.16 -6.23 15.52
CA ASN H 92 24.44 -6.89 15.81
C ASN H 92 25.66 -6.01 15.46
N ASP H 93 25.49 -5.12 14.48
CA ASP H 93 26.55 -4.21 14.04
C ASP H 93 26.53 -2.83 14.73
N LYS H 94 25.68 -2.65 15.74
CA LYS H 94 25.57 -1.39 16.48
C LYS H 94 25.63 -1.63 17.99
N ASP H 95 26.08 -0.61 18.71
CA ASP H 95 26.05 -0.62 20.18
C ASP H 95 24.62 -0.29 20.62
N ASN H 96 24.05 -1.17 21.42
CA ASN H 96 22.65 -1.05 21.85
C ASN H 96 22.60 -0.44 23.24
N ILE H 97 22.30 0.85 23.29
CA ILE H 97 22.37 1.66 24.51
C ILE H 97 21.01 2.32 24.74
N THR H 98 20.56 2.37 25.97
CA THR H 98 19.28 3.01 26.31
C THR H 98 19.50 4.53 26.40
N PRO H 99 18.42 5.34 26.26
CA PRO H 99 18.56 6.80 26.39
C PRO H 99 19.17 7.28 27.72
N PHE H 100 18.81 6.65 28.83
CA PHE H 100 19.40 6.97 30.14
C PHE H 100 20.87 6.55 30.30
N GLU H 101 21.29 5.55 29.53
CA GLU H 101 22.70 5.14 29.46
C GLU H 101 23.55 5.95 28.48
N PHE H 102 22.92 6.86 27.74
CA PHE H 102 23.57 7.53 26.61
C PHE H 102 24.68 8.49 27.06
N ILE H 103 24.42 9.25 28.13
CA ILE H 103 25.43 10.17 28.68
C ILE H 103 26.64 9.41 29.25
N PRO H 104 26.42 8.40 30.13
CA PRO H 104 27.55 7.58 30.58
C PRO H 104 28.32 6.85 29.47
N TRP H 105 27.60 6.38 28.45
CA TRP H 105 28.20 5.69 27.30
C TRP H 105 29.13 6.63 26.50
N ILE H 106 28.67 7.87 26.27
CA ILE H 106 29.47 8.86 25.53
C ILE H 106 30.54 9.48 26.43
N LEU H 107 30.14 10.08 27.55
CA LEU H 107 31.06 10.84 28.40
C LEU H 107 32.12 9.98 29.11
N GLY H 108 31.76 8.76 29.49
CA GLY H 108 32.71 7.81 30.07
C GLY H 108 33.84 7.41 29.14
N GLN H 109 33.56 7.33 27.84
CA GLN H 109 34.50 6.80 26.85
C GLN H 109 35.19 7.83 25.94
N CYS H 110 34.57 9.00 25.74
CA CYS H 110 35.04 9.98 24.75
C CYS H 110 35.66 11.22 25.40
N SER H 111 36.72 11.73 24.76
CA SER H 111 37.46 12.90 25.26
C SER H 111 37.02 14.23 24.62
N ASP H 112 36.51 14.16 23.38
CA ASP H 112 36.08 15.36 22.64
C ASP H 112 34.90 15.04 21.70
N VAL H 113 34.44 16.03 20.94
CA VAL H 113 33.28 15.87 20.05
C VAL H 113 33.54 14.90 18.89
N ASN H 114 34.74 14.93 18.31
CA ASN H 114 35.11 14.01 17.23
C ASN H 114 34.95 12.53 17.64
N GLU H 115 35.42 12.19 18.83
CA GLU H 115 35.27 10.84 19.38
C GLU H 115 33.81 10.51 19.74
N ALA H 116 33.08 11.52 20.23
CA ALA H 116 31.64 11.38 20.48
C ALA H 116 30.87 11.11 19.20
N ARG H 117 31.18 11.87 18.15
CA ARG H 117 30.58 11.67 16.81
C ARG H 117 30.83 10.26 16.28
N ASN H 118 32.07 9.77 16.42
CA ASN H 118 32.43 8.41 16.00
C ASN H 118 31.61 7.36 16.72
N LEU H 119 31.49 7.50 18.04
CA LEU H 119 30.72 6.56 18.86
C LEU H 119 29.21 6.65 18.62
N VAL H 120 28.69 7.85 18.40
CA VAL H 120 27.27 8.05 18.08
C VAL H 120 26.88 7.45 16.72
N GLU H 121 27.80 7.48 15.75
CA GLU H 121 27.58 6.83 14.45
C GLU H 121 27.43 5.30 14.55
N LYS H 122 27.99 4.70 15.62
CA LYS H 122 27.86 3.28 15.90
C LYS H 122 26.66 2.90 16.80
N ILE H 123 25.84 3.87 17.19
CA ILE H 123 24.82 3.62 18.22
C ILE H 123 23.44 3.33 17.62
N ASN H 124 22.63 2.61 18.40
CA ASN H 124 21.21 2.44 18.15
C ASN H 124 20.51 2.53 19.51
N LEU H 125 19.81 3.64 19.74
CA LEU H 125 19.10 3.84 21.01
C LEU H 125 17.90 2.92 21.10
N ILE H 126 17.85 2.14 22.19
CA ILE H 126 16.83 1.09 22.35
C ILE H 126 15.73 1.50 23.33
N ASN H 127 14.53 0.99 23.09
CA ASN H 127 13.33 1.38 23.83
C ASN H 127 13.15 0.50 25.08
N LEU H 128 14.06 0.68 26.04
CA LEU H 128 14.01 -0.02 27.33
C LEU H 128 14.00 1.01 28.45
N SER H 129 12.99 0.94 29.31
CA SER H 129 12.83 1.88 30.43
C SER H 129 13.79 1.56 31.57
N PHE H 130 14.12 2.59 32.36
CA PHE H 130 14.96 2.42 33.55
C PHE H 130 14.19 1.66 34.63
N SER H 131 12.98 2.14 34.93
CA SER H 131 12.11 1.50 35.93
C SER H 131 10.65 1.77 35.57
N GLU H 132 9.74 1.21 36.36
CA GLU H 132 8.30 1.38 36.13
C GLU H 132 7.83 2.81 36.46
N GLN H 133 8.43 3.40 37.49
CA GLN H 133 8.11 4.78 37.91
C GLN H 133 8.87 5.86 37.12
N LEU H 134 9.90 5.47 36.37
CA LEU H 134 10.66 6.36 35.51
C LEU H 134 10.68 5.81 34.09
N PRO H 135 9.55 5.95 33.34
CA PRO H 135 9.54 5.52 31.95
C PRO H 135 10.29 6.47 31.03
N LEU H 136 10.50 6.05 29.78
CA LEU H 136 11.23 6.86 28.81
C LEU H 136 10.37 8.01 28.27
N ALA H 137 10.97 9.20 28.22
CA ALA H 137 10.40 10.34 27.52
C ALA H 137 11.31 10.69 26.36
N GLY H 138 10.76 11.38 25.37
CA GLY H 138 11.51 11.76 24.17
C GLY H 138 12.55 12.82 24.45
N LEU H 139 13.80 12.52 24.10
CA LEU H 139 14.91 13.44 24.30
C LEU H 139 15.73 13.64 23.03
N HIS H 140 16.40 14.79 22.98
CA HIS H 140 17.50 15.04 22.04
C HIS H 140 18.65 15.70 22.80
N TRP H 141 19.85 15.60 22.25
CA TRP H 141 21.07 15.92 23.01
C TRP H 141 21.96 16.95 22.35
N LEU H 142 22.54 17.81 23.19
CA LEU H 142 23.64 18.68 22.78
C LEU H 142 24.92 18.11 23.38
N ILE H 143 25.94 17.89 22.55
CA ILE H 143 27.25 17.41 22.99
C ILE H 143 28.26 18.47 22.59
N ALA H 144 29.03 18.97 23.56
CA ALA H 144 29.97 20.07 23.34
C ALA H 144 31.30 19.86 24.06
N ASP H 145 32.39 20.25 23.41
CA ASP H 145 33.70 20.37 24.06
C ASP H 145 34.11 21.85 24.03
N ARG H 146 35.36 22.15 24.40
CA ARG H 146 35.86 23.52 24.40
C ARG H 146 35.92 24.21 23.01
N GLU H 147 35.85 23.42 21.94
CA GLU H 147 35.99 23.90 20.57
C GLU H 147 34.66 24.04 19.82
N LYS H 148 33.84 22.97 19.84
CA LYS H 148 32.63 22.91 19.02
C LYS H 148 31.55 22.06 19.68
N SER H 149 30.40 21.93 19.00
CA SER H 149 29.29 21.14 19.50
C SER H 149 28.48 20.49 18.39
N ILE H 150 27.74 19.44 18.76
CA ILE H 150 26.86 18.71 17.84
C ILE H 150 25.50 18.44 18.48
N VAL H 151 24.48 18.26 17.64
CA VAL H 151 23.13 17.92 18.07
C VAL H 151 22.82 16.50 17.61
N VAL H 152 22.41 15.65 18.56
CA VAL H 152 21.97 14.28 18.24
C VAL H 152 20.45 14.19 18.38
N GLU H 153 19.78 13.85 17.29
CA GLU H 153 18.34 13.60 17.27
C GLU H 153 18.07 12.25 16.61
N VAL H 154 17.56 11.31 17.39
CA VAL H 154 17.21 9.97 16.91
C VAL H 154 15.70 9.92 16.70
N THR H 155 15.28 9.84 15.45
CA THR H 155 13.88 9.95 15.07
C THR H 155 13.42 8.74 14.26
N LYS H 156 12.17 8.77 13.81
CA LYS H 156 11.60 7.83 12.82
C LYS H 156 12.54 7.40 11.67
N SER H 157 13.37 8.34 11.18
CA SER H 157 14.21 8.13 10.01
C SER H 157 15.66 7.75 10.36
N GLY H 158 16.01 7.79 11.65
CA GLY H 158 17.29 7.29 12.14
C GLY H 158 18.04 8.27 13.03
N VAL H 159 19.32 7.96 13.24
CA VAL H 159 20.20 8.73 14.11
C VAL H 159 20.81 9.88 13.30
N HIS H 160 20.38 11.11 13.58
CA HIS H 160 20.87 12.30 12.89
C HIS H 160 21.85 13.06 13.80
N ILE H 161 23.00 13.42 13.25
CA ILE H 161 24.01 14.21 13.96
C ILE H 161 24.23 15.49 13.16
N TYR H 162 24.07 16.64 13.81
CA TYR H 162 24.24 17.94 13.18
C TYR H 162 25.39 18.70 13.83
N ASP H 163 26.24 19.32 13.02
CA ASP H 163 27.14 20.36 13.50
C ASP H 163 26.24 21.51 13.97
N ASN H 164 26.50 21.99 15.19
CA ASN H 164 25.77 23.13 15.76
C ASN H 164 26.67 24.37 15.60
N PRO H 165 26.39 25.21 14.57
CA PRO H 165 27.26 26.37 14.33
C PRO H 165 27.11 27.53 15.32
N ILE H 166 26.08 27.48 16.18
CA ILE H 166 25.78 28.56 17.14
C ILE H 166 25.78 28.13 18.61
N GLY H 167 25.88 26.83 18.89
CA GLY H 167 25.87 26.33 20.26
C GLY H 167 24.58 26.64 21.01
N ILE H 168 23.45 26.35 20.37
CA ILE H 168 22.12 26.58 20.94
C ILE H 168 21.25 25.35 20.69
N LEU H 169 20.48 24.96 21.70
CA LEU H 169 19.44 23.94 21.53
C LEU H 169 18.31 24.17 22.53
N THR H 170 17.07 23.94 22.10
CA THR H 170 15.92 23.95 22.99
C THR H 170 15.16 22.62 22.84
N ASN H 171 13.90 22.66 22.39
CA ASN H 171 13.05 21.47 22.31
C ASN H 171 12.60 21.30 20.86
N ASN H 172 11.33 20.94 20.61
CA ASN H 172 10.80 20.87 19.25
C ASN H 172 10.72 22.26 18.62
N PRO H 173 10.81 22.34 17.28
CA PRO H 173 10.93 21.27 16.28
C PRO H 173 12.36 20.73 16.13
N GLU H 174 12.54 19.84 15.15
CA GLU H 174 13.85 19.31 14.78
C GLU H 174 14.87 20.40 14.43
N PHE H 175 16.15 20.05 14.46
CA PHE H 175 17.23 21.04 14.46
C PHE H 175 17.35 21.85 13.16
N ASN H 176 17.11 21.20 12.02
CA ASN H 176 17.07 21.91 10.73
C ASN H 176 15.95 22.94 10.65
N TYR H 177 14.83 22.65 11.31
CA TYR H 177 13.70 23.60 11.41
C TYR H 177 14.05 24.80 12.30
N GLN H 178 14.73 24.55 13.40
CA GLN H 178 15.18 25.60 14.33
C GLN H 178 16.19 26.54 13.67
N MET H 179 17.17 25.96 12.97
CA MET H 179 18.20 26.73 12.27
C MET H 179 17.63 27.53 11.09
N TYR H 180 16.71 26.92 10.34
CA TYR H 180 16.03 27.64 9.26
C TYR H 180 15.21 28.81 9.81
N ASN H 181 14.56 28.62 10.97
CA ASN H 181 13.73 29.66 11.58
C ASN H 181 14.46 30.97 11.90
N LEU H 182 15.78 30.90 12.08
CA LEU H 182 16.60 32.09 12.32
C LEU H 182 16.70 33.04 11.11
N ASN H 183 16.52 32.51 9.90
CA ASN H 183 16.71 33.27 8.65
C ASN H 183 15.84 34.51 8.52
N LYS H 184 14.59 34.42 8.97
CA LYS H 184 13.65 35.56 8.90
C LYS H 184 13.92 36.71 9.87
N TYR H 185 14.82 36.50 10.84
CA TYR H 185 15.20 37.53 11.80
C TYR H 185 16.51 38.25 11.45
N ARG H 186 17.00 38.12 10.21
CA ARG H 186 18.26 38.75 9.79
C ARG H 186 18.30 40.28 9.97
N ASN H 187 17.13 40.92 9.89
CA ASN H 187 17.02 42.38 10.00
C ASN H 187 17.10 42.92 11.44
N LEU H 188 17.03 42.04 12.45
CA LEU H 188 17.20 42.46 13.85
C LEU H 188 18.60 43.01 14.07
N SER H 189 18.73 43.92 15.03
CA SER H 189 19.97 44.65 15.27
C SER H 189 20.15 44.97 16.75
N ILE H 190 21.41 45.08 17.17
CA ILE H 190 21.73 45.49 18.55
C ILE H 190 21.70 47.02 18.73
N SER H 191 21.68 47.77 17.63
CA SER H 191 21.68 49.24 17.67
C SER H 191 20.47 49.82 16.92
N THR H 192 20.25 51.12 17.14
CA THR H 192 19.14 51.84 16.50
C THR H 192 19.30 51.81 14.98
N PRO H 193 18.34 51.17 14.26
CA PRO H 193 18.45 51.16 12.80
C PRO H 193 18.13 52.52 12.19
N GLN H 194 18.65 52.75 10.98
CA GLN H 194 18.27 53.92 10.20
C GLN H 194 16.88 53.67 9.61
N ASN H 195 16.19 54.76 9.27
CA ASN H 195 14.86 54.68 8.67
C ASN H 195 14.97 54.19 7.22
N THR H 196 14.74 52.90 7.02
CA THR H 196 14.61 52.31 5.68
C THR H 196 13.15 52.14 5.24
N PHE H 197 12.20 52.42 6.14
CA PHE H 197 10.75 52.30 5.87
C PHE H 197 10.37 53.15 4.66
N SER H 198 10.78 54.41 4.69
CA SER H 198 10.61 55.33 3.56
C SER H 198 11.47 56.57 3.77
N ASP H 199 11.99 57.11 2.67
CA ASP H 199 12.71 58.40 2.69
C ASP H 199 11.76 59.62 2.64
N SER H 200 10.46 59.39 2.77
CA SER H 200 9.43 60.44 2.68
C SER H 200 8.69 60.71 4.00
N VAL H 201 9.08 60.04 5.09
CA VAL H 201 8.43 60.24 6.40
C VAL H 201 9.48 60.26 7.52
N ASP H 202 9.33 61.22 8.44
CA ASP H 202 10.27 61.43 9.53
C ASP H 202 9.83 60.57 10.74
N LEU H 203 10.33 59.34 10.78
CA LEU H 203 10.05 58.44 11.89
C LEU H 203 11.02 58.72 13.03
N LYS H 204 10.45 58.97 14.22
N LYS H 204 10.49 58.97 14.22
CA LYS H 204 11.18 59.39 15.42
CA LYS H 204 11.28 59.39 15.36
C LYS H 204 11.56 58.21 16.31
C LYS H 204 11.54 58.26 16.34
N VAL H 205 12.74 58.27 16.93
CA VAL H 205 13.20 57.28 17.90
C VAL H 205 13.26 58.00 19.25
N ASP H 206 12.42 57.56 20.20
CA ASP H 206 12.35 58.17 21.54
C ASP H 206 12.99 57.31 22.65
N GLY H 207 13.70 56.26 22.26
CA GLY H 207 14.36 55.37 23.22
C GLY H 207 15.32 54.41 22.56
N THR H 208 16.18 53.80 23.38
CA THR H 208 17.17 52.83 22.90
C THR H 208 16.52 51.46 22.73
N GLY H 209 17.23 50.56 22.03
CA GLY H 209 16.76 49.17 21.85
C GLY H 209 15.75 48.93 20.74
N PHE H 210 15.55 49.92 19.86
CA PHE H 210 14.63 49.77 18.70
C PHE H 210 15.09 48.70 17.70
N GLY H 211 16.39 48.49 17.61
CA GLY H 211 16.96 47.46 16.73
C GLY H 211 16.41 46.06 16.93
N GLY H 212 16.13 45.71 18.19
CA GLY H 212 15.61 44.40 18.53
C GLY H 212 14.17 44.11 18.14
N ILE H 213 13.40 45.15 17.76
CA ILE H 213 11.96 45.00 17.50
C ILE H 213 11.72 43.93 16.44
N GLY H 214 10.87 42.96 16.78
CA GLY H 214 10.69 41.73 15.99
C GLY H 214 11.17 40.48 16.71
N LEU H 215 12.05 40.64 17.70
CA LEU H 215 12.54 39.52 18.51
C LEU H 215 11.39 38.95 19.36
N PRO H 216 11.15 37.62 19.28
CA PRO H 216 10.05 37.03 20.05
C PRO H 216 10.36 36.93 21.55
N GLY H 217 9.38 37.27 22.38
CA GLY H 217 9.54 37.34 23.84
C GLY H 217 8.87 36.23 24.64
N ASP H 218 8.07 35.38 23.99
CA ASP H 218 7.38 34.29 24.66
C ASP H 218 8.32 33.12 24.98
N VAL H 219 7.80 32.14 25.69
CA VAL H 219 8.59 30.99 26.15
C VAL H 219 8.28 29.68 25.41
N SER H 220 7.79 29.78 24.17
CA SER H 220 7.70 28.61 23.29
C SER H 220 9.13 28.21 22.90
N PRO H 221 9.36 26.90 22.65
CA PRO H 221 10.73 26.46 22.34
C PRO H 221 11.39 27.15 21.14
N GLU H 222 10.61 27.47 20.11
CA GLU H 222 11.15 28.21 18.94
C GLU H 222 11.53 29.64 19.28
N SER H 223 10.69 30.34 20.04
CA SER H 223 10.97 31.71 20.47
C SER H 223 12.18 31.80 21.41
N ARG H 224 12.34 30.80 22.28
CA ARG H 224 13.51 30.69 23.14
C ARG H 224 14.79 30.34 22.36
N PHE H 225 14.65 29.56 21.29
CA PHE H 225 15.77 29.25 20.40
C PHE H 225 16.29 30.52 19.70
N VAL H 226 15.37 31.33 19.18
CA VAL H 226 15.72 32.58 18.48
C VAL H 226 16.30 33.60 19.47
N ARG H 227 15.65 33.75 20.62
CA ARG H 227 16.05 34.75 21.62
C ARG H 227 17.39 34.42 22.30
N ALA H 228 17.62 33.14 22.61
CA ALA H 228 18.90 32.69 23.17
C ALA H 228 20.04 32.83 22.17
N THR H 229 19.77 32.57 20.90
CA THR H 229 20.74 32.75 19.82
C THR H 229 21.16 34.22 19.68
N PHE H 230 20.16 35.10 19.63
CA PHE H 230 20.40 36.55 19.54
C PHE H 230 21.20 37.07 20.74
N SER H 231 20.80 36.65 21.94
CA SER H 231 21.46 37.07 23.17
C SER H 231 22.88 36.54 23.31
N LYS H 232 23.08 35.26 22.97
CA LYS H 232 24.40 34.61 23.10
C LYS H 232 25.41 35.17 22.10
N LEU H 233 25.05 35.18 20.82
CA LEU H 233 25.98 35.61 19.75
C LEU H 233 26.38 37.08 19.85
N ASN H 234 25.50 37.93 20.40
CA ASN H 234 25.80 39.35 20.57
C ASN H 234 26.34 39.74 21.95
N SER H 235 26.33 38.82 22.92
CA SER H 235 26.79 39.12 24.29
C SER H 235 28.25 39.57 24.28
N SER H 236 28.54 40.60 25.09
CA SER H 236 29.88 41.18 25.16
C SER H 236 30.85 40.20 25.80
N LYS H 237 32.09 40.21 25.32
CA LYS H 237 33.13 39.30 25.81
C LYS H 237 33.64 39.74 27.18
N GLY H 238 33.87 38.76 28.06
CA GLY H 238 34.39 39.02 29.40
C GLY H 238 35.90 39.12 29.41
N MET H 239 36.43 39.93 30.32
CA MET H 239 37.88 40.07 30.51
C MET H 239 38.48 38.93 31.34
N THR H 240 37.66 38.33 32.20
CA THR H 240 38.07 37.23 33.07
C THR H 240 37.11 36.05 32.93
N VAL H 241 37.51 34.90 33.48
CA VAL H 241 36.66 33.72 33.55
C VAL H 241 35.40 33.99 34.39
N GLU H 242 35.54 34.79 35.45
CA GLU H 242 34.38 35.17 36.27
C GLU H 242 33.36 35.99 35.49
N GLU H 243 33.83 36.99 34.75
CA GLU H 243 32.95 37.82 33.90
C GLU H 243 32.24 36.98 32.82
N ASP H 244 32.90 35.93 32.34
CA ASP H 244 32.29 34.98 31.40
C ASP H 244 31.15 34.19 32.03
N ILE H 245 31.37 33.69 33.25
CA ILE H 245 30.36 32.93 33.99
C ILE H 245 29.16 33.82 34.30
N THR H 246 29.43 35.04 34.79
CA THR H 246 28.39 36.05 35.03
C THR H 246 27.55 36.27 33.76
N GLN H 247 28.21 36.47 32.64
CA GLN H 247 27.54 36.67 31.34
C GLN H 247 26.74 35.44 30.91
N PHE H 248 27.29 34.25 31.15
CA PHE H 248 26.63 32.98 30.81
C PHE H 248 25.26 32.87 31.49
N PHE H 249 25.18 33.19 32.78
CA PHE H 249 23.92 33.17 33.53
C PHE H 249 22.96 34.27 33.09
N HIS H 250 23.49 35.42 32.69
CA HIS H 250 22.67 36.49 32.09
C HIS H 250 22.02 36.04 30.77
N ILE H 251 22.75 35.25 29.96
CA ILE H 251 22.23 34.74 28.68
C ILE H 251 21.10 33.72 28.91
N LEU H 252 21.29 32.79 29.85
CA LEU H 252 20.23 31.84 30.22
C LEU H 252 19.03 32.56 30.86
N GLY H 253 19.28 33.67 31.54
CA GLY H 253 18.23 34.52 32.10
C GLY H 253 17.28 35.17 31.09
N THR H 254 17.75 35.37 29.86
CA THR H 254 16.92 35.95 28.79
C THR H 254 15.82 35.00 28.29
N VAL H 255 16.03 33.69 28.48
CA VAL H 255 15.06 32.65 28.09
C VAL H 255 14.54 31.87 29.30
N GLU H 256 14.64 32.47 30.48
CA GLU H 256 14.11 31.89 31.72
C GLU H 256 12.59 31.84 31.68
N GLN H 257 12.03 30.80 32.28
CA GLN H 257 10.59 30.67 32.44
C GLN H 257 10.24 30.92 33.90
N ILE H 258 9.49 31.99 34.15
CA ILE H 258 9.03 32.32 35.50
C ILE H 258 7.69 31.61 35.74
N LYS H 259 7.37 31.39 37.01
CA LYS H 259 6.12 30.71 37.38
C LYS H 259 4.93 31.60 37.08
N GLY H 260 3.98 31.08 36.30
CA GLY H 260 2.73 31.79 36.00
C GLY H 260 2.47 32.00 34.51
N VAL H 261 3.54 32.27 33.76
CA VAL H 261 3.43 32.62 32.33
C VAL H 261 3.23 31.44 31.36
N ASN H 262 3.49 30.22 31.83
CA ASN H 262 3.39 29.02 30.99
C ASN H 262 2.66 27.90 31.73
N LYS H 263 1.35 27.83 31.52
CA LYS H 263 0.50 26.84 32.18
C LYS H 263 0.28 25.67 31.23
N THR H 264 0.67 24.46 31.68
CA THR H 264 0.58 23.25 30.86
C THR H 264 -0.86 22.75 30.76
N GLU H 265 -1.08 21.69 29.99
CA GLU H 265 -2.40 21.06 29.87
C GLU H 265 -2.86 20.45 31.21
N SER H 266 -1.92 19.86 31.95
CA SER H 266 -2.20 19.35 33.30
C SER H 266 -2.57 20.45 34.33
N GLY H 267 -2.33 21.72 33.97
CA GLY H 267 -2.73 22.86 34.78
C GLY H 267 -1.64 23.44 35.65
N LYS H 268 -0.43 22.86 35.57
CA LYS H 268 0.69 23.28 36.41
C LYS H 268 1.58 24.29 35.67
N GLU H 269 2.31 25.08 36.44
CA GLU H 269 3.17 26.15 35.92
C GLU H 269 4.54 25.61 35.57
N GLU H 270 4.92 25.71 34.30
CA GLU H 270 6.28 25.40 33.86
C GLU H 270 7.21 26.54 34.27
N TYR H 271 8.38 26.18 34.80
CA TYR H 271 9.37 27.18 35.23
C TYR H 271 10.79 26.62 35.17
N THR H 272 11.76 27.52 35.08
CA THR H 272 13.18 27.15 35.05
C THR H 272 13.60 26.64 36.42
N VAL H 273 13.64 25.32 36.58
CA VAL H 273 13.93 24.66 37.86
C VAL H 273 15.34 25.03 38.33
N TYR H 274 16.31 24.91 37.42
CA TYR H 274 17.68 25.33 37.67
C TYR H 274 18.35 25.81 36.39
N SER H 275 19.46 26.53 36.56
CA SER H 275 20.32 26.96 35.47
C SER H 275 21.74 26.61 35.88
N ASN H 276 22.55 26.11 34.94
CA ASN H 276 23.95 25.81 35.23
C ASN H 276 24.90 26.25 34.11
N CYS H 277 26.18 26.35 34.49
CA CYS H 277 27.26 26.72 33.60
C CYS H 277 28.49 25.89 33.97
N TYR H 278 28.91 25.01 33.07
CA TYR H 278 30.11 24.21 33.26
C TYR H 278 31.30 24.92 32.65
N ASP H 279 32.33 25.18 33.45
CA ASP H 279 33.63 25.58 32.92
C ASP H 279 34.32 24.30 32.44
N LEU H 280 34.44 24.14 31.13
CA LEU H 280 34.97 22.91 30.53
C LEU H 280 36.49 22.77 30.74
N ASP H 281 37.23 23.86 30.56
CA ASP H 281 38.69 23.83 30.73
C ASP H 281 39.12 23.59 32.18
N ASN H 282 38.36 24.15 33.13
CA ASN H 282 38.65 23.99 34.56
C ASN H 282 37.78 22.91 35.24
N LYS H 283 36.88 22.28 34.49
CA LYS H 283 36.03 21.17 34.97
C LYS H 283 35.31 21.49 36.28
N THR H 284 34.57 22.59 36.26
CA THR H 284 33.79 23.06 37.43
C THR H 284 32.34 23.30 37.00
N LEU H 285 31.42 22.87 37.86
CA LEU H 285 29.99 23.08 37.66
C LEU H 285 29.52 24.25 38.52
N TYR H 286 28.97 25.28 37.86
CA TYR H 286 28.31 26.39 38.55
C TYR H 286 26.81 26.26 38.30
N TYR H 287 25.98 26.54 39.31
CA TYR H 287 24.53 26.49 39.13
C TYR H 287 23.74 27.43 40.03
N THR H 288 22.52 27.70 39.59
CA THR H 288 21.51 28.41 40.36
C THR H 288 20.20 27.64 40.26
N THR H 289 19.32 27.83 41.23
CA THR H 289 17.97 27.28 41.21
C THR H 289 16.98 28.42 41.08
N TYR H 290 15.71 28.08 40.87
CA TYR H 290 14.63 29.08 40.85
C TYR H 290 14.51 29.82 42.18
N GLU H 291 14.72 29.09 43.28
CA GLU H 291 14.50 29.59 44.64
C GLU H 291 15.71 30.31 45.24
N ASN H 292 16.89 30.08 44.68
CA ASN H 292 18.15 30.64 45.20
C ASN H 292 18.96 31.25 44.07
N ARG H 293 19.20 32.56 44.14
CA ARG H 293 19.94 33.27 43.10
C ARG H 293 21.46 33.10 43.21
N GLN H 294 21.97 32.80 44.41
CA GLN H 294 23.41 32.66 44.60
C GLN H 294 23.96 31.48 43.82
N ILE H 295 25.07 31.71 43.12
CA ILE H 295 25.73 30.69 42.32
C ILE H 295 26.48 29.73 43.25
N VAL H 296 26.25 28.43 43.06
CA VAL H 296 26.96 27.37 43.78
C VAL H 296 27.98 26.76 42.83
N ALA H 297 29.21 26.55 43.33
CA ALA H 297 30.31 25.98 42.53
C ALA H 297 30.77 24.64 43.12
N VAL H 298 30.96 23.65 42.23
CA VAL H 298 31.51 22.34 42.60
C VAL H 298 32.53 21.90 41.55
N THR H 299 33.75 21.62 41.98
CA THR H 299 34.83 21.18 41.10
C THR H 299 34.86 19.66 40.99
N LEU H 300 35.21 19.16 39.80
CA LEU H 300 35.55 17.75 39.60
C LEU H 300 37.06 17.59 39.79
N ASN H 301 37.47 17.58 41.05
CA ASN H 301 38.83 17.17 41.42
C ASN H 301 38.91 15.66 41.51
N LYS H 302 37.82 15.04 41.97
CA LYS H 302 37.85 13.66 42.44
C LYS H 302 37.56 12.71 41.26
N ASP H 303 38.52 12.64 40.34
CA ASP H 303 38.69 11.47 39.48
C ASP H 303 39.19 10.32 40.36
N LYS H 304 40.07 10.68 41.30
CA LYS H 304 40.80 9.74 42.14
C LYS H 304 39.93 9.05 43.22
N ASP H 305 38.84 9.68 43.67
CA ASP H 305 37.97 9.03 44.68
C ASP H 305 37.44 7.70 44.12
N GLY H 306 37.17 6.76 45.01
CA GLY H 306 37.01 5.34 44.67
C GLY H 306 36.01 4.97 43.59
N ASN H 307 34.87 4.42 44.00
CA ASN H 307 33.84 3.94 43.07
C ASN H 307 32.40 4.02 43.60
N ARG H 308 32.14 4.94 44.53
CA ARG H 308 30.79 5.23 44.99
C ARG H 308 30.45 6.64 44.59
N LEU H 309 29.19 6.85 44.21
CA LEU H 309 28.72 8.16 43.75
C LEU H 309 28.75 9.16 44.90
N VAL H 310 29.30 10.34 44.63
CA VAL H 310 29.38 11.43 45.60
C VAL H 310 28.30 12.44 45.23
N THR H 311 27.43 12.75 46.19
CA THR H 311 26.25 13.58 45.94
C THR H 311 26.29 14.89 46.74
N TYR H 312 25.66 15.92 46.18
CA TYR H 312 25.47 17.21 46.86
C TYR H 312 24.09 17.78 46.50
N PRO H 313 23.17 17.90 47.49
CA PRO H 313 21.81 18.30 47.17
C PRO H 313 21.66 19.80 46.91
N PHE H 314 20.61 20.15 46.15
CA PHE H 314 20.35 21.54 45.76
C PHE H 314 19.65 22.32 46.87
N GLU H 315 20.22 23.48 47.20
CA GLU H 315 19.61 24.44 48.11
C GLU H 315 18.45 25.12 47.38
N ARG H 316 17.24 24.96 47.92
CA ARG H 316 16.03 25.62 47.36
C ARG H 316 15.47 26.61 48.38
N LYS H 317 16.33 27.55 48.78
CA LYS H 317 15.96 28.66 49.66
C LYS H 317 16.87 29.84 49.32
N GLN H 318 16.31 31.03 49.32
CA GLN H 318 17.02 32.24 48.90
C GLN H 318 18.10 32.62 49.91
N ILE H 319 19.37 32.44 49.52
CA ILE H 319 20.51 32.74 50.38
C ILE H 319 20.89 34.20 50.19
N ILE H 320 20.38 35.04 51.09
CA ILE H 320 20.53 36.50 51.02
C ILE H 320 21.64 36.93 51.99
N ASN H 321 22.47 37.89 51.55
CA ASN H 321 23.50 38.49 52.39
C ASN H 321 22.91 39.70 53.11
N LYS H 322 22.63 39.53 54.40
CA LYS H 322 22.06 40.59 55.22
C LYS H 322 23.20 41.44 55.78
N LEU H 323 23.32 42.68 55.27
CA LEU H 323 24.21 43.67 55.88
C LEU H 323 23.56 44.28 57.13
N ASN H 324 22.24 44.14 57.26
CA ASN H 324 21.45 44.68 58.38
C ASN H 324 21.40 46.20 58.33
#